data_6FGI
# 
_entry.id   6FGI 
# 
_audit_conform.dict_name       mmcif_pdbx.dic 
_audit_conform.dict_version    5.383 
_audit_conform.dict_location   http://mmcif.pdb.org/dictionaries/ascii/mmcif_pdbx.dic 
# 
loop_
_database_2.database_id 
_database_2.database_code 
_database_2.pdbx_database_accession 
_database_2.pdbx_DOI 
PDB   6FGI         pdb_00006fgi 10.2210/pdb6fgi/pdb 
WWPDB D_1200008268 ?            ?                   
# 
loop_
_pdbx_audit_revision_history.ordinal 
_pdbx_audit_revision_history.data_content_type 
_pdbx_audit_revision_history.major_revision 
_pdbx_audit_revision_history.minor_revision 
_pdbx_audit_revision_history.revision_date 
1 'Structure model' 1 0 2018-05-30 
2 'Structure model' 1 1 2018-08-29 
3 'Structure model' 1 2 2024-01-17 
# 
_pdbx_audit_revision_details.ordinal             1 
_pdbx_audit_revision_details.revision_ordinal    1 
_pdbx_audit_revision_details.data_content_type   'Structure model' 
_pdbx_audit_revision_details.provider            repository 
_pdbx_audit_revision_details.type                'Initial release' 
_pdbx_audit_revision_details.description         ? 
_pdbx_audit_revision_details.details             ? 
# 
loop_
_pdbx_audit_revision_group.ordinal 
_pdbx_audit_revision_group.revision_ordinal 
_pdbx_audit_revision_group.data_content_type 
_pdbx_audit_revision_group.group 
1 2 'Structure model' 'Data collection'        
2 2 'Structure model' 'Database references'    
3 3 'Structure model' 'Data collection'        
4 3 'Structure model' 'Database references'    
5 3 'Structure model' 'Refinement description' 
# 
loop_
_pdbx_audit_revision_category.ordinal 
_pdbx_audit_revision_category.revision_ordinal 
_pdbx_audit_revision_category.data_content_type 
_pdbx_audit_revision_category.category 
1 2 'Structure model' citation                      
2 2 'Structure model' citation_author               
3 3 'Structure model' chem_comp_atom                
4 3 'Structure model' chem_comp_bond                
5 3 'Structure model' database_2                    
6 3 'Structure model' pdbx_initial_refinement_model 
# 
loop_
_pdbx_audit_revision_item.ordinal 
_pdbx_audit_revision_item.revision_ordinal 
_pdbx_audit_revision_item.data_content_type 
_pdbx_audit_revision_item.item 
1 2 'Structure model' '_citation.journal_volume'            
2 2 'Structure model' '_citation.page_first'                
3 2 'Structure model' '_citation.page_last'                 
4 2 'Structure model' '_citation.title'                     
5 2 'Structure model' '_citation_author.identifier_ORCID'   
6 3 'Structure model' '_database_2.pdbx_DOI'                
7 3 'Structure model' '_database_2.pdbx_database_accession' 
# 
_pdbx_database_status.status_code                     REL 
_pdbx_database_status.status_code_sf                  REL 
_pdbx_database_status.status_code_mr                  ? 
_pdbx_database_status.entry_id                        6FGI 
_pdbx_database_status.recvd_initial_deposition_date   2018-01-10 
_pdbx_database_status.SG_entry                        N 
_pdbx_database_status.deposit_site                    PDBE 
_pdbx_database_status.process_site                    PDBE 
_pdbx_database_status.status_code_cs                  ? 
_pdbx_database_status.methods_development_category    ? 
_pdbx_database_status.pdb_format_compatible           Y 
_pdbx_database_status.status_code_nmr_data            ? 
# 
loop_
_pdbx_database_related.db_name 
_pdbx_database_related.details 
_pdbx_database_related.db_id 
_pdbx_database_related.content_type 
PDB '6FGH contains the same protein complexed with a similar small molecule'              6FGH unspecified 
PDB '5L8T contains the same small molecule complexed with the paralog bromodomain BAZ2B'  5L8T unspecified 
PDB '5L96 contains a similar small molecule complexed with the paralog bromodomain BAZ2B' 5L96 unspecified 
# 
loop_
_audit_author.name 
_audit_author.pdbx_ordinal 
_audit_author.identifier_ORCID 
'Dalle Vedove, A.' 1 ? 
'Marchand, J.-R.'  2 ? 
'Lolli, G.'        3 ? 
'Caflisch, A.'     4 ? 
# 
_citation.abstract                  ? 
_citation.abstract_id_CAS           ? 
_citation.book_id_ISBN              ? 
_citation.book_publisher            ? 
_citation.book_publisher_city       ? 
_citation.book_title                ? 
_citation.coordinate_linkage        ? 
_citation.country                   DE 
_citation.database_id_Medline       ? 
_citation.details                   ? 
_citation.id                        primary 
_citation.journal_abbrev            ChemMedChem 
_citation.journal_id_ASTM           ? 
_citation.journal_id_CSD            ? 
_citation.journal_id_ISSN           1860-7187 
_citation.journal_full              ? 
_citation.journal_issue             ? 
_citation.journal_volume            13 
_citation.language                  ? 
_citation.page_first                1479 
_citation.page_last                 1487 
_citation.title                     'Structural Analysis of Small-Molecule Binding to the BAZ2A and BAZ2B Bromodomains.' 
_citation.year                      2018 
_citation.database_id_CSD           ? 
_citation.pdbx_database_id_DOI      10.1002/cmdc.201800234 
_citation.pdbx_database_id_PubMed   29770599 
_citation.unpublished_flag          ? 
# 
loop_
_citation_author.citation_id 
_citation_author.name 
_citation_author.ordinal 
_citation_author.identifier_ORCID 
primary 'Dalle Vedove, A.'   1 ?                   
primary 'Spiliotopoulos, D.' 2 ?                   
primary 
;D'Agostino, V.G.
;
3 ?                   
primary 'Marchand, J.R.'     4 ?                   
primary 'Unzue, A.'          5 ?                   
primary 'Nevado, C.'         6 ?                   
primary 'Lolli, G.'          7 0000-0002-8536-5599 
primary 'Caflisch, A.'       8 ?                   
# 
loop_
_entity.id 
_entity.type 
_entity.src_method 
_entity.pdbx_description 
_entity.formula_weight 
_entity.pdbx_number_of_molecules 
_entity.pdbx_ec 
_entity.pdbx_mutation 
_entity.pdbx_fragment 
_entity.details 
1 polymer     man 'Bromodomain adjacent to zinc finger domain protein 2A'                    12380.919 1  ? ? 
'Bromodomain (residues 1796-1899)' 'First two residues SM derive from the expression tag' 
2 non-polymer syn '~{N}-[(3~{S})-1,1-bis(oxidanylidene)thian-3-yl]-2-methyl-pyridin-3-amine' 240.322   1  ? ? ? ? 
3 water       nat water                                                                      18.015    21 ? ? ? ? 
# 
_entity_name_com.entity_id   1 
_entity_name_com.name        'Transcription termination factor I-interacting protein 5,Tip5,hWALp3' 
# 
_entity_poly.entity_id                      1 
_entity_poly.type                           'polypeptide(L)' 
_entity_poly.nstd_linkage                   no 
_entity_poly.nstd_monomer                   no 
_entity_poly.pdbx_seq_one_letter_code       
;SMHSDLTFCEIILMEMESHDAAWPFLEPVNPRLVSGYRRIIKNPMDFSTMRERLLRGGYTSSEEFAADALLVFDNCQTFN
EDDSEVGKAGHIMRRFFESRWEEFY
;
_entity_poly.pdbx_seq_one_letter_code_can   
;SMHSDLTFCEIILMEMESHDAAWPFLEPVNPRLVSGYRRIIKNPMDFSTMRERLLRGGYTSSEEFAADALLVFDNCQTFN
EDDSEVGKAGHIMRRFFESRWEEFY
;
_entity_poly.pdbx_strand_id                 A 
_entity_poly.pdbx_target_identifier         ? 
# 
loop_
_pdbx_entity_nonpoly.entity_id 
_pdbx_entity_nonpoly.name 
_pdbx_entity_nonpoly.comp_id 
2 '~{N}-[(3~{S})-1,1-bis(oxidanylidene)thian-3-yl]-2-methyl-pyridin-3-amine' D9K 
3 water                                                                      HOH 
# 
loop_
_entity_poly_seq.entity_id 
_entity_poly_seq.num 
_entity_poly_seq.mon_id 
_entity_poly_seq.hetero 
1 1   SER n 
1 2   MET n 
1 3   HIS n 
1 4   SER n 
1 5   ASP n 
1 6   LEU n 
1 7   THR n 
1 8   PHE n 
1 9   CYS n 
1 10  GLU n 
1 11  ILE n 
1 12  ILE n 
1 13  LEU n 
1 14  MET n 
1 15  GLU n 
1 16  MET n 
1 17  GLU n 
1 18  SER n 
1 19  HIS n 
1 20  ASP n 
1 21  ALA n 
1 22  ALA n 
1 23  TRP n 
1 24  PRO n 
1 25  PHE n 
1 26  LEU n 
1 27  GLU n 
1 28  PRO n 
1 29  VAL n 
1 30  ASN n 
1 31  PRO n 
1 32  ARG n 
1 33  LEU n 
1 34  VAL n 
1 35  SER n 
1 36  GLY n 
1 37  TYR n 
1 38  ARG n 
1 39  ARG n 
1 40  ILE n 
1 41  ILE n 
1 42  LYS n 
1 43  ASN n 
1 44  PRO n 
1 45  MET n 
1 46  ASP n 
1 47  PHE n 
1 48  SER n 
1 49  THR n 
1 50  MET n 
1 51  ARG n 
1 52  GLU n 
1 53  ARG n 
1 54  LEU n 
1 55  LEU n 
1 56  ARG n 
1 57  GLY n 
1 58  GLY n 
1 59  TYR n 
1 60  THR n 
1 61  SER n 
1 62  SER n 
1 63  GLU n 
1 64  GLU n 
1 65  PHE n 
1 66  ALA n 
1 67  ALA n 
1 68  ASP n 
1 69  ALA n 
1 70  LEU n 
1 71  LEU n 
1 72  VAL n 
1 73  PHE n 
1 74  ASP n 
1 75  ASN n 
1 76  CYS n 
1 77  GLN n 
1 78  THR n 
1 79  PHE n 
1 80  ASN n 
1 81  GLU n 
1 82  ASP n 
1 83  ASP n 
1 84  SER n 
1 85  GLU n 
1 86  VAL n 
1 87  GLY n 
1 88  LYS n 
1 89  ALA n 
1 90  GLY n 
1 91  HIS n 
1 92  ILE n 
1 93  MET n 
1 94  ARG n 
1 95  ARG n 
1 96  PHE n 
1 97  PHE n 
1 98  GLU n 
1 99  SER n 
1 100 ARG n 
1 101 TRP n 
1 102 GLU n 
1 103 GLU n 
1 104 PHE n 
1 105 TYR n 
# 
_entity_src_gen.entity_id                          1 
_entity_src_gen.pdbx_src_id                        1 
_entity_src_gen.pdbx_alt_source_flag               sample 
_entity_src_gen.pdbx_seq_type                      'Biological sequence' 
_entity_src_gen.pdbx_beg_seq_num                   1 
_entity_src_gen.pdbx_end_seq_num                   105 
_entity_src_gen.gene_src_common_name               Human 
_entity_src_gen.gene_src_genus                     ? 
_entity_src_gen.pdbx_gene_src_gene                 'BAZ2A, KIAA0314, TIP5' 
_entity_src_gen.gene_src_species                   ? 
_entity_src_gen.gene_src_strain                    ? 
_entity_src_gen.gene_src_tissue                    ? 
_entity_src_gen.gene_src_tissue_fraction           ? 
_entity_src_gen.gene_src_details                   ? 
_entity_src_gen.pdbx_gene_src_fragment             ? 
_entity_src_gen.pdbx_gene_src_scientific_name      'Homo sapiens' 
_entity_src_gen.pdbx_gene_src_ncbi_taxonomy_id     9606 
_entity_src_gen.pdbx_gene_src_variant              ? 
_entity_src_gen.pdbx_gene_src_cell_line            ? 
_entity_src_gen.pdbx_gene_src_atcc                 ? 
_entity_src_gen.pdbx_gene_src_organ                ? 
_entity_src_gen.pdbx_gene_src_organelle            ? 
_entity_src_gen.pdbx_gene_src_cell                 ? 
_entity_src_gen.pdbx_gene_src_cellular_location    ? 
_entity_src_gen.host_org_common_name               ? 
_entity_src_gen.pdbx_host_org_scientific_name      'Escherichia coli' 
_entity_src_gen.pdbx_host_org_ncbi_taxonomy_id     562 
_entity_src_gen.host_org_genus                     ? 
_entity_src_gen.pdbx_host_org_gene                 ? 
_entity_src_gen.pdbx_host_org_organ                ? 
_entity_src_gen.host_org_species                   ? 
_entity_src_gen.pdbx_host_org_tissue               ? 
_entity_src_gen.pdbx_host_org_tissue_fraction      ? 
_entity_src_gen.pdbx_host_org_strain               ? 
_entity_src_gen.pdbx_host_org_variant              ? 
_entity_src_gen.pdbx_host_org_cell_line            ? 
_entity_src_gen.pdbx_host_org_atcc                 ? 
_entity_src_gen.pdbx_host_org_culture_collection   ? 
_entity_src_gen.pdbx_host_org_cell                 ? 
_entity_src_gen.pdbx_host_org_organelle            ? 
_entity_src_gen.pdbx_host_org_cellular_location    ? 
_entity_src_gen.pdbx_host_org_vector_type          ? 
_entity_src_gen.pdbx_host_org_vector               ? 
_entity_src_gen.host_org_details                   ? 
_entity_src_gen.expression_system_id               ? 
_entity_src_gen.plasmid_name                       ? 
_entity_src_gen.plasmid_details                    ? 
_entity_src_gen.pdbx_description                   ? 
# 
loop_
_chem_comp.id 
_chem_comp.type 
_chem_comp.mon_nstd_flag 
_chem_comp.name 
_chem_comp.pdbx_synonyms 
_chem_comp.formula 
_chem_comp.formula_weight 
ALA 'L-peptide linking' y ALANINE                                                                    ? 'C3 H7 N O2'      89.093  
ARG 'L-peptide linking' y ARGININE                                                                   ? 'C6 H15 N4 O2 1'  175.209 
ASN 'L-peptide linking' y ASPARAGINE                                                                 ? 'C4 H8 N2 O3'     132.118 
ASP 'L-peptide linking' y 'ASPARTIC ACID'                                                            ? 'C4 H7 N O4'      133.103 
CYS 'L-peptide linking' y CYSTEINE                                                                   ? 'C3 H7 N O2 S'    121.158 
D9K non-polymer         . '~{N}-[(3~{S})-1,1-bis(oxidanylidene)thian-3-yl]-2-methyl-pyridin-3-amine' ? 'C11 H16 N2 O2 S' 240.322 
GLN 'L-peptide linking' y GLUTAMINE                                                                  ? 'C5 H10 N2 O3'    146.144 
GLU 'L-peptide linking' y 'GLUTAMIC ACID'                                                            ? 'C5 H9 N O4'      147.129 
GLY 'peptide linking'   y GLYCINE                                                                    ? 'C2 H5 N O2'      75.067  
HIS 'L-peptide linking' y HISTIDINE                                                                  ? 'C6 H10 N3 O2 1'  156.162 
HOH non-polymer         . WATER                                                                      ? 'H2 O'            18.015  
ILE 'L-peptide linking' y ISOLEUCINE                                                                 ? 'C6 H13 N O2'     131.173 
LEU 'L-peptide linking' y LEUCINE                                                                    ? 'C6 H13 N O2'     131.173 
LYS 'L-peptide linking' y LYSINE                                                                     ? 'C6 H15 N2 O2 1'  147.195 
MET 'L-peptide linking' y METHIONINE                                                                 ? 'C5 H11 N O2 S'   149.211 
PHE 'L-peptide linking' y PHENYLALANINE                                                              ? 'C9 H11 N O2'     165.189 
PRO 'L-peptide linking' y PROLINE                                                                    ? 'C5 H9 N O2'      115.130 
SER 'L-peptide linking' y SERINE                                                                     ? 'C3 H7 N O3'      105.093 
THR 'L-peptide linking' y THREONINE                                                                  ? 'C4 H9 N O3'      119.119 
TRP 'L-peptide linking' y TRYPTOPHAN                                                                 ? 'C11 H12 N2 O2'   204.225 
TYR 'L-peptide linking' y TYROSINE                                                                   ? 'C9 H11 N O3'     181.189 
VAL 'L-peptide linking' y VALINE                                                                     ? 'C5 H11 N O2'     117.146 
# 
loop_
_pdbx_poly_seq_scheme.asym_id 
_pdbx_poly_seq_scheme.entity_id 
_pdbx_poly_seq_scheme.seq_id 
_pdbx_poly_seq_scheme.mon_id 
_pdbx_poly_seq_scheme.ndb_seq_num 
_pdbx_poly_seq_scheme.pdb_seq_num 
_pdbx_poly_seq_scheme.auth_seq_num 
_pdbx_poly_seq_scheme.pdb_mon_id 
_pdbx_poly_seq_scheme.auth_mon_id 
_pdbx_poly_seq_scheme.pdb_strand_id 
_pdbx_poly_seq_scheme.pdb_ins_code 
_pdbx_poly_seq_scheme.hetero 
A 1 1   SER 1   1794 ?    ?   ?   A . n 
A 1 2   MET 2   1795 ?    ?   ?   A . n 
A 1 3   HIS 3   1796 1796 HIS HIS A . n 
A 1 4   SER 4   1797 1797 SER SER A . n 
A 1 5   ASP 5   1798 1798 ASP ASP A . n 
A 1 6   LEU 6   1799 1799 LEU LEU A . n 
A 1 7   THR 7   1800 1800 THR THR A . n 
A 1 8   PHE 8   1801 1801 PHE PHE A . n 
A 1 9   CYS 9   1802 1802 CYS CYS A . n 
A 1 10  GLU 10  1803 1803 GLU GLU A . n 
A 1 11  ILE 11  1804 1804 ILE ILE A . n 
A 1 12  ILE 12  1805 1805 ILE ILE A . n 
A 1 13  LEU 13  1806 1806 LEU LEU A . n 
A 1 14  MET 14  1807 1807 MET MET A . n 
A 1 15  GLU 15  1808 1808 GLU GLU A . n 
A 1 16  MET 16  1809 1809 MET MET A . n 
A 1 17  GLU 17  1810 1810 GLU GLU A . n 
A 1 18  SER 18  1811 1811 SER SER A . n 
A 1 19  HIS 19  1812 1812 HIS HIS A . n 
A 1 20  ASP 20  1813 1813 ASP ASP A . n 
A 1 21  ALA 21  1814 1814 ALA ALA A . n 
A 1 22  ALA 22  1815 1815 ALA ALA A . n 
A 1 23  TRP 23  1816 1816 TRP TRP A . n 
A 1 24  PRO 24  1817 1817 PRO PRO A . n 
A 1 25  PHE 25  1818 1818 PHE PHE A . n 
A 1 26  LEU 26  1819 1819 LEU LEU A . n 
A 1 27  GLU 27  1820 1820 GLU GLU A . n 
A 1 28  PRO 28  1821 1821 PRO PRO A . n 
A 1 29  VAL 29  1822 1822 VAL VAL A . n 
A 1 30  ASN 30  1823 1823 ASN ASN A . n 
A 1 31  PRO 31  1824 1824 PRO PRO A . n 
A 1 32  ARG 32  1825 1825 ARG ARG A . n 
A 1 33  LEU 33  1826 1826 LEU LEU A . n 
A 1 34  VAL 34  1827 1827 VAL VAL A . n 
A 1 35  SER 35  1828 1828 SER SER A . n 
A 1 36  GLY 36  1829 1829 GLY GLY A . n 
A 1 37  TYR 37  1830 1830 TYR TYR A . n 
A 1 38  ARG 38  1831 1831 ARG ARG A . n 
A 1 39  ARG 39  1832 1832 ARG ARG A . n 
A 1 40  ILE 40  1833 1833 ILE ILE A . n 
A 1 41  ILE 41  1834 1834 ILE ILE A . n 
A 1 42  LYS 42  1835 1835 LYS LYS A . n 
A 1 43  ASN 43  1836 1836 ASN ASN A . n 
A 1 44  PRO 44  1837 1837 PRO PRO A . n 
A 1 45  MET 45  1838 1838 MET MET A . n 
A 1 46  ASP 46  1839 1839 ASP ASP A . n 
A 1 47  PHE 47  1840 1840 PHE PHE A . n 
A 1 48  SER 48  1841 1841 SER SER A . n 
A 1 49  THR 49  1842 1842 THR THR A . n 
A 1 50  MET 50  1843 1843 MET MET A . n 
A 1 51  ARG 51  1844 1844 ARG ARG A . n 
A 1 52  GLU 52  1845 1845 GLU GLU A . n 
A 1 53  ARG 53  1846 1846 ARG ARG A . n 
A 1 54  LEU 54  1847 1847 LEU LEU A . n 
A 1 55  LEU 55  1848 1848 LEU LEU A . n 
A 1 56  ARG 56  1849 1849 ARG ARG A . n 
A 1 57  GLY 57  1850 1850 GLY GLY A . n 
A 1 58  GLY 58  1851 1851 GLY GLY A . n 
A 1 59  TYR 59  1852 1852 TYR TYR A . n 
A 1 60  THR 60  1853 1853 THR THR A . n 
A 1 61  SER 61  1854 1854 SER SER A . n 
A 1 62  SER 62  1855 1855 SER SER A . n 
A 1 63  GLU 63  1856 1856 GLU GLU A . n 
A 1 64  GLU 64  1857 1857 GLU GLU A . n 
A 1 65  PHE 65  1858 1858 PHE PHE A . n 
A 1 66  ALA 66  1859 1859 ALA ALA A . n 
A 1 67  ALA 67  1860 1860 ALA ALA A . n 
A 1 68  ASP 68  1861 1861 ASP ASP A . n 
A 1 69  ALA 69  1862 1862 ALA ALA A . n 
A 1 70  LEU 70  1863 1863 LEU LEU A . n 
A 1 71  LEU 71  1864 1864 LEU LEU A . n 
A 1 72  VAL 72  1865 1865 VAL VAL A . n 
A 1 73  PHE 73  1866 1866 PHE PHE A . n 
A 1 74  ASP 74  1867 1867 ASP ASP A . n 
A 1 75  ASN 75  1868 1868 ASN ASN A . n 
A 1 76  CYS 76  1869 1869 CYS CYS A . n 
A 1 77  GLN 77  1870 1870 GLN GLN A . n 
A 1 78  THR 78  1871 1871 THR THR A . n 
A 1 79  PHE 79  1872 1872 PHE PHE A . n 
A 1 80  ASN 80  1873 1873 ASN ASN A . n 
A 1 81  GLU 81  1874 1874 GLU GLU A . n 
A 1 82  ASP 82  1875 1875 ASP ASP A . n 
A 1 83  ASP 83  1876 1876 ASP ASP A . n 
A 1 84  SER 84  1877 1877 SER SER A . n 
A 1 85  GLU 85  1878 1878 GLU GLU A . n 
A 1 86  VAL 86  1879 1879 VAL VAL A . n 
A 1 87  GLY 87  1880 1880 GLY GLY A . n 
A 1 88  LYS 88  1881 1881 LYS LYS A . n 
A 1 89  ALA 89  1882 1882 ALA ALA A . n 
A 1 90  GLY 90  1883 1883 GLY GLY A . n 
A 1 91  HIS 91  1884 1884 HIS HIS A . n 
A 1 92  ILE 92  1885 1885 ILE ILE A . n 
A 1 93  MET 93  1886 1886 MET MET A . n 
A 1 94  ARG 94  1887 1887 ARG ARG A . n 
A 1 95  ARG 95  1888 1888 ARG ARG A . n 
A 1 96  PHE 96  1889 1889 PHE PHE A . n 
A 1 97  PHE 97  1890 1890 PHE PHE A . n 
A 1 98  GLU 98  1891 1891 GLU GLU A . n 
A 1 99  SER 99  1892 1892 SER SER A . n 
A 1 100 ARG 100 1893 1893 ARG ARG A . n 
A 1 101 TRP 101 1894 1894 TRP TRP A . n 
A 1 102 GLU 102 1895 1895 GLU GLU A . n 
A 1 103 GLU 103 1896 1896 GLU GLU A . n 
A 1 104 PHE 104 1897 1897 PHE PHE A . n 
A 1 105 TYR 105 1898 1898 TYR TYR A . n 
# 
loop_
_pdbx_nonpoly_scheme.asym_id 
_pdbx_nonpoly_scheme.entity_id 
_pdbx_nonpoly_scheme.mon_id 
_pdbx_nonpoly_scheme.ndb_seq_num 
_pdbx_nonpoly_scheme.pdb_seq_num 
_pdbx_nonpoly_scheme.auth_seq_num 
_pdbx_nonpoly_scheme.pdb_mon_id 
_pdbx_nonpoly_scheme.auth_mon_id 
_pdbx_nonpoly_scheme.pdb_strand_id 
_pdbx_nonpoly_scheme.pdb_ins_code 
B 2 D9K 1  1901 1  D9K 6RR A . 
C 3 HOH 1  2001 7  HOH HOH A . 
C 3 HOH 2  2002 17 HOH HOH A . 
C 3 HOH 3  2003 4  HOH HOH A . 
C 3 HOH 4  2004 6  HOH HOH A . 
C 3 HOH 5  2005 12 HOH HOH A . 
C 3 HOH 6  2006 2  HOH HOH A . 
C 3 HOH 7  2007 13 HOH HOH A . 
C 3 HOH 8  2008 5  HOH HOH A . 
C 3 HOH 9  2009 11 HOH HOH A . 
C 3 HOH 10 2010 1  HOH HOH A . 
C 3 HOH 11 2011 9  HOH HOH A . 
C 3 HOH 12 2012 8  HOH HOH A . 
C 3 HOH 13 2013 19 HOH HOH A . 
C 3 HOH 14 2014 20 HOH HOH A . 
C 3 HOH 15 2015 3  HOH HOH A . 
C 3 HOH 16 2016 14 HOH HOH A . 
C 3 HOH 17 2017 18 HOH HOH A . 
C 3 HOH 18 2018 15 HOH HOH A . 
C 3 HOH 19 2019 10 HOH HOH A . 
C 3 HOH 20 2020 21 HOH HOH A . 
C 3 HOH 21 2021 16 HOH HOH A . 
# 
loop_
_software.citation_id 
_software.classification 
_software.compiler_name 
_software.compiler_version 
_software.contact_author 
_software.contact_author_email 
_software.date 
_software.description 
_software.dependencies 
_software.hardware 
_software.language 
_software.location 
_software.mods 
_software.name 
_software.os 
_software.os_version 
_software.type 
_software.version 
_software.pdbx_ordinal 
? 'data reduction'  ? ? 'Wolfgang Kabsch' Wolfgang.Kabsch@mpimf-heidelberg.mpg.de ?              ? ? ? ?   
http://www.mpimf-heidelberg.mpg.de/~kabsch/xds/     ? XDS         ? ? package .      1 
? 'data scaling'    ? ? 'Phil Evans'      ?                                       29/03/17       ? ? ? ?   
http://www.mrc-lmb.cam.ac.uk/harry/pre/aimless.html ? Aimless     ? ? program 0.5.32 2 
? phasing           ? ? 'Randy J. Read'   cimr-phaser@lists.cam.ac.uk             ?              ? ? ? ?   
http://www-structmed.cimr.cam.ac.uk/phaser/         ? PHASER      ? ? program .      3 
? refinement        ? ? 'Paul D. Adams'   PDAdams@lbl.gov                         ?              ? ? ? C++ 
http://www.phenix-online.org/                       ? PHENIX      ? ? package .      4 
? 'data extraction' ? ? PDB               deposit@deposit.rcsb.org                'Sep. 1, 2017' ? ? ? C++ 
http://sw-tools.pdb.org/apps/PDB_EXTRACT/           ? PDB_EXTRACT ? ? package 3.24   5 
# 
_cell.angle_alpha                  90.000 
_cell.angle_alpha_esd              ? 
_cell.angle_beta                   90.000 
_cell.angle_beta_esd               ? 
_cell.angle_gamma                  120.000 
_cell.angle_gamma_esd              ? 
_cell.entry_id                     6FGI 
_cell.details                      ? 
_cell.formula_units_Z              ? 
_cell.length_a                     95.259 
_cell.length_a_esd                 ? 
_cell.length_b                     95.259 
_cell.length_b_esd                 ? 
_cell.length_c                     32.460 
_cell.length_c_esd                 ? 
_cell.volume                       ? 
_cell.volume_esd                   ? 
_cell.Z_PDB                        6 
_cell.reciprocal_angle_alpha       ? 
_cell.reciprocal_angle_beta        ? 
_cell.reciprocal_angle_gamma       ? 
_cell.reciprocal_angle_alpha_esd   ? 
_cell.reciprocal_angle_beta_esd    ? 
_cell.reciprocal_angle_gamma_esd   ? 
_cell.reciprocal_length_a          ? 
_cell.reciprocal_length_b          ? 
_cell.reciprocal_length_c          ? 
_cell.reciprocal_length_a_esd      ? 
_cell.reciprocal_length_b_esd      ? 
_cell.reciprocal_length_c_esd      ? 
_cell.pdbx_unique_axis             ? 
# 
_symmetry.entry_id                         6FGI 
_symmetry.cell_setting                     ? 
_symmetry.Int_Tables_number                152 
_symmetry.space_group_name_Hall            ? 
_symmetry.space_group_name_H-M             'P 31 2 1' 
_symmetry.pdbx_full_space_group_name_H-M   ? 
# 
_exptl.absorpt_coefficient_mu     ? 
_exptl.absorpt_correction_T_max   ? 
_exptl.absorpt_correction_T_min   ? 
_exptl.absorpt_correction_type    ? 
_exptl.absorpt_process_details    ? 
_exptl.entry_id                   6FGI 
_exptl.crystals_number            1 
_exptl.details                    ? 
_exptl.method                     'X-RAY DIFFRACTION' 
_exptl.method_details             ? 
# 
_exptl_crystal.colour                      ? 
_exptl_crystal.density_diffrn              ? 
_exptl_crystal.density_Matthews            3.50 
_exptl_crystal.density_method              ? 
_exptl_crystal.density_percent_sol         64.81 
_exptl_crystal.description                 ? 
_exptl_crystal.F_000                       ? 
_exptl_crystal.id                          1 
_exptl_crystal.preparation                 ? 
_exptl_crystal.size_max                    ? 
_exptl_crystal.size_mid                    ? 
_exptl_crystal.size_min                    ? 
_exptl_crystal.size_rad                    ? 
_exptl_crystal.colour_lustre               ? 
_exptl_crystal.colour_modifier             ? 
_exptl_crystal.colour_primary              ? 
_exptl_crystal.density_meas                ? 
_exptl_crystal.density_meas_esd            ? 
_exptl_crystal.density_meas_gt             ? 
_exptl_crystal.density_meas_lt             ? 
_exptl_crystal.density_meas_temp           ? 
_exptl_crystal.density_meas_temp_esd       ? 
_exptl_crystal.density_meas_temp_gt        ? 
_exptl_crystal.density_meas_temp_lt        ? 
_exptl_crystal.pdbx_crystal_image_url      ? 
_exptl_crystal.pdbx_crystal_image_format   ? 
_exptl_crystal.pdbx_mosaicity              0.440 
_exptl_crystal.pdbx_mosaicity_esd          ? 
# 
_exptl_crystal_grow.apparatus       ? 
_exptl_crystal_grow.atmosphere      ? 
_exptl_crystal_grow.crystal_id      1 
_exptl_crystal_grow.details         ? 
_exptl_crystal_grow.method          'VAPOR DIFFUSION, SITTING DROP' 
_exptl_crystal_grow.method_ref      ? 
_exptl_crystal_grow.pH              7.5 
_exptl_crystal_grow.pressure        ? 
_exptl_crystal_grow.pressure_esd    ? 
_exptl_crystal_grow.seeding         ? 
_exptl_crystal_grow.seeding_ref     ? 
_exptl_crystal_grow.temp            277 
_exptl_crystal_grow.temp_details    ? 
_exptl_crystal_grow.temp_esd        ? 
_exptl_crystal_grow.time            ? 
_exptl_crystal_grow.pdbx_details    '20% PEG3350, 0.2 M MgCl2' 
_exptl_crystal_grow.pdbx_pH_range   ? 
# 
_diffrn.ambient_environment    ? 
_diffrn.ambient_temp           100 
_diffrn.ambient_temp_details   ? 
_diffrn.ambient_temp_esd       ? 
_diffrn.crystal_id             1 
_diffrn.crystal_support        ? 
_diffrn.crystal_treatment      ? 
_diffrn.details                ? 
_diffrn.id                     1 
_diffrn.ambient_pressure       ? 
_diffrn.ambient_pressure_esd   ? 
_diffrn.ambient_pressure_gt    ? 
_diffrn.ambient_pressure_lt    ? 
_diffrn.ambient_temp_gt        ? 
_diffrn.ambient_temp_lt        ? 
# 
_diffrn_detector.details                      ? 
_diffrn_detector.detector                     PIXEL 
_diffrn_detector.diffrn_id                    1 
_diffrn_detector.type                         'DECTRIS PILATUS 2M' 
_diffrn_detector.area_resol_mean              ? 
_diffrn_detector.dtime                        ? 
_diffrn_detector.pdbx_frames_total            ? 
_diffrn_detector.pdbx_collection_time_total   ? 
_diffrn_detector.pdbx_collection_date         2017-07-05 
# 
_diffrn_radiation.collimation                      ? 
_diffrn_radiation.diffrn_id                        1 
_diffrn_radiation.filter_edge                      ? 
_diffrn_radiation.inhomogeneity                    ? 
_diffrn_radiation.monochromator                    ? 
_diffrn_radiation.polarisn_norm                    ? 
_diffrn_radiation.polarisn_ratio                   ? 
_diffrn_radiation.probe                            ? 
_diffrn_radiation.type                             ? 
_diffrn_radiation.xray_symbol                      ? 
_diffrn_radiation.wavelength_id                    1 
_diffrn_radiation.pdbx_monochromatic_or_laue_m_l   M 
_diffrn_radiation.pdbx_wavelength_list             ? 
_diffrn_radiation.pdbx_wavelength                  ? 
_diffrn_radiation.pdbx_diffrn_protocol             'SINGLE WAVELENGTH' 
_diffrn_radiation.pdbx_analyzer                    ? 
_diffrn_radiation.pdbx_scattering_type             x-ray 
# 
_diffrn_radiation_wavelength.id           1 
_diffrn_radiation_wavelength.wavelength   1.00 
_diffrn_radiation_wavelength.wt           1.0 
# 
_diffrn_source.current                     ? 
_diffrn_source.details                     ? 
_diffrn_source.diffrn_id                   1 
_diffrn_source.power                       ? 
_diffrn_source.size                        ? 
_diffrn_source.source                      SYNCHROTRON 
_diffrn_source.target                      ? 
_diffrn_source.type                        'ELETTRA BEAMLINE 5.2R' 
_diffrn_source.voltage                     ? 
_diffrn_source.take-off_angle              ? 
_diffrn_source.pdbx_wavelength_list        1.00 
_diffrn_source.pdbx_wavelength             ? 
_diffrn_source.pdbx_synchrotron_beamline   5.2R 
_diffrn_source.pdbx_synchrotron_site       ELETTRA 
# 
_reflns.B_iso_Wilson_estimate            ? 
_reflns.entry_id                         6FGI 
_reflns.data_reduction_details           ? 
_reflns.data_reduction_method            ? 
_reflns.d_resolution_high                2.550 
_reflns.d_resolution_low                 47.630 
_reflns.details                          ? 
_reflns.limit_h_max                      ? 
_reflns.limit_h_min                      ? 
_reflns.limit_k_max                      ? 
_reflns.limit_k_min                      ? 
_reflns.limit_l_max                      ? 
_reflns.limit_l_min                      ? 
_reflns.number_all                       ? 
_reflns.number_obs                       5707 
_reflns.observed_criterion               ? 
_reflns.observed_criterion_F_max         ? 
_reflns.observed_criterion_F_min         ? 
_reflns.observed_criterion_I_max         ? 
_reflns.observed_criterion_I_min         ? 
_reflns.observed_criterion_sigma_F       ? 
_reflns.observed_criterion_sigma_I       ? 
_reflns.percent_possible_obs             100.000 
_reflns.R_free_details                   ? 
_reflns.Rmerge_F_all                     ? 
_reflns.Rmerge_F_obs                     ? 
_reflns.Friedel_coverage                 ? 
_reflns.number_gt                        ? 
_reflns.threshold_expression             ? 
_reflns.pdbx_redundancy                  9.700 
_reflns.pdbx_Rmerge_I_obs                0.181 
_reflns.pdbx_Rmerge_I_all                ? 
_reflns.pdbx_Rsym_value                  ? 
_reflns.pdbx_netI_over_av_sigmaI         ? 
_reflns.pdbx_netI_over_sigmaI            9.800 
_reflns.pdbx_res_netI_over_av_sigmaI_2   ? 
_reflns.pdbx_res_netI_over_sigmaI_2      ? 
_reflns.pdbx_chi_squared                 ? 
_reflns.pdbx_scaling_rejects             ? 
_reflns.pdbx_d_res_high_opt              ? 
_reflns.pdbx_d_res_low_opt               ? 
_reflns.pdbx_d_res_opt_method            ? 
_reflns.phase_calculation_details        ? 
_reflns.pdbx_Rrim_I_all                  0.191 
_reflns.pdbx_Rpim_I_all                  0.061 
_reflns.pdbx_d_opt                       ? 
_reflns.pdbx_number_measured_all         ? 
_reflns.pdbx_diffrn_id                   1 
_reflns.pdbx_ordinal                     1 
_reflns.pdbx_CC_half                     0.996 
_reflns.pdbx_R_split                     ? 
# 
loop_
_reflns_shell.d_res_high 
_reflns_shell.d_res_low 
_reflns_shell.meanI_over_sigI_all 
_reflns_shell.meanI_over_sigI_obs 
_reflns_shell.number_measured_all 
_reflns_shell.number_measured_obs 
_reflns_shell.number_possible 
_reflns_shell.number_unique_all 
_reflns_shell.number_unique_obs 
_reflns_shell.percent_possible_all 
_reflns_shell.percent_possible_obs 
_reflns_shell.Rmerge_F_all 
_reflns_shell.Rmerge_F_obs 
_reflns_shell.Rmerge_I_all 
_reflns_shell.Rmerge_I_obs 
_reflns_shell.meanI_over_sigI_gt 
_reflns_shell.meanI_over_uI_all 
_reflns_shell.meanI_over_uI_gt 
_reflns_shell.number_measured_gt 
_reflns_shell.number_unique_gt 
_reflns_shell.percent_possible_gt 
_reflns_shell.Rmerge_F_gt 
_reflns_shell.Rmerge_I_gt 
_reflns_shell.pdbx_redundancy 
_reflns_shell.pdbx_Rsym_value 
_reflns_shell.pdbx_chi_squared 
_reflns_shell.pdbx_netI_over_sigmaI_all 
_reflns_shell.pdbx_netI_over_sigmaI_obs 
_reflns_shell.pdbx_Rrim_I_all 
_reflns_shell.pdbx_Rpim_I_all 
_reflns_shell.pdbx_rejects 
_reflns_shell.pdbx_ordinal 
_reflns_shell.pdbx_diffrn_id 
_reflns_shell.pdbx_CC_half 
_reflns_shell.pdbx_R_split 
2.550 2.660  ? ? ? ? ? ? 684 100.000 ? ? ? ? 1.248 ? ? ? ? ? ? ? ? 9.800 ? ? ? ? 1.316 0.416 ? 1 1 0.736 ? 
8.830 47.630 ? ? ? ? ? ? 159 99.500  ? ? ? ? 0.065 ? ? ? ? ? ? ? ? 9.400 ? ? ? ? 0.069 0.023 ? 2 1 0.998 ? 
# 
_refine.aniso_B[1][1]                            ? 
_refine.aniso_B[1][2]                            ? 
_refine.aniso_B[1][3]                            ? 
_refine.aniso_B[2][2]                            ? 
_refine.aniso_B[2][3]                            ? 
_refine.aniso_B[3][3]                            ? 
_refine.B_iso_max                                114.150 
_refine.B_iso_mean                               54.3431 
_refine.B_iso_min                                21.850 
_refine.correlation_coeff_Fo_to_Fc               ? 
_refine.correlation_coeff_Fo_to_Fc_free          ? 
_refine.details                                  ? 
_refine.diff_density_max                         ? 
_refine.diff_density_max_esd                     ? 
_refine.diff_density_min                         ? 
_refine.diff_density_min_esd                     ? 
_refine.diff_density_rms                         ? 
_refine.diff_density_rms_esd                     ? 
_refine.entry_id                                 6FGI 
_refine.pdbx_refine_id                           'X-RAY DIFFRACTION' 
_refine.ls_abs_structure_details                 ? 
_refine.ls_abs_structure_Flack                   ? 
_refine.ls_abs_structure_Flack_esd               ? 
_refine.ls_abs_structure_Rogers                  ? 
_refine.ls_abs_structure_Rogers_esd              ? 
_refine.ls_d_res_high                            2.5510 
_refine.ls_d_res_low                             41.2480 
_refine.ls_extinction_coef                       ? 
_refine.ls_extinction_coef_esd                   ? 
_refine.ls_extinction_expression                 ? 
_refine.ls_extinction_method                     ? 
_refine.ls_goodness_of_fit_all                   ? 
_refine.ls_goodness_of_fit_all_esd               ? 
_refine.ls_goodness_of_fit_obs                   ? 
_refine.ls_goodness_of_fit_obs_esd               ? 
_refine.ls_hydrogen_treatment                    ? 
_refine.ls_matrix_type                           ? 
_refine.ls_number_constraints                    ? 
_refine.ls_number_parameters                     ? 
_refine.ls_number_reflns_all                     ? 
_refine.ls_number_reflns_obs                     5695 
_refine.ls_number_reflns_R_free                  298 
_refine.ls_number_reflns_R_work                  ? 
_refine.ls_number_restraints                     ? 
_refine.ls_percent_reflns_obs                    99.9600 
_refine.ls_percent_reflns_R_free                 5.2300 
_refine.ls_R_factor_all                          ? 
_refine.ls_R_factor_obs                          0.2125 
_refine.ls_R_factor_R_free                       0.2415 
_refine.ls_R_factor_R_free_error                 ? 
_refine.ls_R_factor_R_free_error_details         ? 
_refine.ls_R_factor_R_work                       0.2108 
_refine.ls_R_Fsqd_factor_obs                     ? 
_refine.ls_R_I_factor_obs                        ? 
_refine.ls_redundancy_reflns_all                 ? 
_refine.ls_redundancy_reflns_obs                 ? 
_refine.ls_restrained_S_all                      ? 
_refine.ls_restrained_S_obs                      ? 
_refine.ls_shift_over_esd_max                    ? 
_refine.ls_shift_over_esd_mean                   ? 
_refine.ls_structure_factor_coef                 ? 
_refine.ls_weighting_details                     ? 
_refine.ls_weighting_scheme                      ? 
_refine.ls_wR_factor_all                         ? 
_refine.ls_wR_factor_obs                         ? 
_refine.ls_wR_factor_R_free                      ? 
_refine.ls_wR_factor_R_work                      ? 
_refine.occupancy_max                            ? 
_refine.occupancy_min                            ? 
_refine.solvent_model_details                    ? 
_refine.solvent_model_param_bsol                 ? 
_refine.solvent_model_param_ksol                 ? 
_refine.ls_R_factor_gt                           ? 
_refine.ls_goodness_of_fit_gt                    ? 
_refine.ls_goodness_of_fit_ref                   ? 
_refine.ls_shift_over_su_max                     ? 
_refine.ls_shift_over_su_max_lt                  ? 
_refine.ls_shift_over_su_mean                    ? 
_refine.ls_shift_over_su_mean_lt                 ? 
_refine.pdbx_ls_sigma_I                          ? 
_refine.pdbx_ls_sigma_F                          1.340 
_refine.pdbx_ls_sigma_Fsqd                       ? 
_refine.pdbx_data_cutoff_high_absF               ? 
_refine.pdbx_data_cutoff_high_rms_absF           ? 
_refine.pdbx_data_cutoff_low_absF                ? 
_refine.pdbx_isotropic_thermal_model             ? 
_refine.pdbx_ls_cross_valid_method               'FREE R-VALUE' 
_refine.pdbx_method_to_determine_struct          'MOLECULAR REPLACEMENT' 
_refine.pdbx_starting_model                      5MGJ 
_refine.pdbx_stereochemistry_target_values       ? 
_refine.pdbx_R_Free_selection_details            ? 
_refine.pdbx_stereochem_target_val_spec_case     ? 
_refine.pdbx_overall_ESU_R                       ? 
_refine.pdbx_overall_ESU_R_Free                  ? 
_refine.pdbx_solvent_vdw_probe_radii             1.1100 
_refine.pdbx_solvent_ion_probe_radii             ? 
_refine.pdbx_solvent_shrinkage_radii             0.9000 
_refine.pdbx_real_space_R                        ? 
_refine.pdbx_density_correlation                 ? 
_refine.pdbx_pd_number_of_powder_patterns        ? 
_refine.pdbx_pd_number_of_points                 ? 
_refine.pdbx_pd_meas_number_of_points            ? 
_refine.pdbx_pd_proc_ls_prof_R_factor            ? 
_refine.pdbx_pd_proc_ls_prof_wR_factor           ? 
_refine.pdbx_pd_Marquardt_correlation_coeff      ? 
_refine.pdbx_pd_Fsqrd_R_factor                   ? 
_refine.pdbx_pd_ls_matrix_band_width             ? 
_refine.pdbx_overall_phase_error                 20.5300 
_refine.pdbx_overall_SU_R_free_Cruickshank_DPI   ? 
_refine.pdbx_overall_SU_R_free_Blow_DPI          ? 
_refine.pdbx_overall_SU_R_Blow_DPI               ? 
_refine.pdbx_TLS_residual_ADP_flag               ? 
_refine.pdbx_diffrn_id                           1 
_refine.overall_SU_B                             ? 
_refine.overall_SU_ML                            0.2600 
_refine.overall_SU_R_Cruickshank_DPI             ? 
_refine.overall_SU_R_free                        ? 
_refine.overall_FOM_free_R_set                   ? 
_refine.overall_FOM_work_R_set                   ? 
_refine.pdbx_average_fsc_overall                 ? 
_refine.pdbx_average_fsc_work                    ? 
_refine.pdbx_average_fsc_free                    ? 
# 
_refine_hist.cycle_id                         final 
_refine_hist.pdbx_refine_id                   'X-RAY DIFFRACTION' 
_refine_hist.d_res_high                       2.5510 
_refine_hist.d_res_low                        41.2480 
_refine_hist.pdbx_number_atoms_ligand         32 
_refine_hist.number_atoms_solvent             21 
_refine_hist.number_atoms_total               906 
_refine_hist.pdbx_number_residues_total       103 
_refine_hist.pdbx_B_iso_mean_ligand           44.12 
_refine_hist.pdbx_B_iso_mean_solvent          43.30 
_refine_hist.pdbx_number_atoms_protein        853 
_refine_hist.pdbx_number_atoms_nucleic_acid   0 
# 
loop_
_refine_ls_restr.pdbx_refine_id 
_refine_ls_restr.criterion 
_refine_ls_restr.dev_ideal 
_refine_ls_restr.dev_ideal_target 
_refine_ls_restr.number 
_refine_ls_restr.rejects 
_refine_ls_restr.type 
_refine_ls_restr.weight 
_refine_ls_restr.pdbx_restraint_function 
'X-RAY DIFFRACTION' ? 0.003  ? 909  ? f_bond_d           ? ? 
'X-RAY DIFFRACTION' ? 0.640  ? 1227 ? f_angle_d          ? ? 
'X-RAY DIFFRACTION' ? 0.037  ? 121  ? f_chiral_restr     ? ? 
'X-RAY DIFFRACTION' ? 0.003  ? 158  ? f_plane_restr      ? ? 
'X-RAY DIFFRACTION' ? 12.593 ? 536  ? f_dihedral_angle_d ? ? 
# 
loop_
_refine_ls_shell.pdbx_refine_id 
_refine_ls_shell.d_res_high 
_refine_ls_shell.d_res_low 
_refine_ls_shell.number_reflns_all 
_refine_ls_shell.number_reflns_obs 
_refine_ls_shell.number_reflns_R_free 
_refine_ls_shell.number_reflns_R_work 
_refine_ls_shell.percent_reflns_obs 
_refine_ls_shell.percent_reflns_R_free 
_refine_ls_shell.R_factor_all 
_refine_ls_shell.R_factor_obs 
_refine_ls_shell.R_factor_R_free 
_refine_ls_shell.R_factor_R_free_error 
_refine_ls_shell.R_factor_R_work 
_refine_ls_shell.redundancy_reflns_all 
_refine_ls_shell.redundancy_reflns_obs 
_refine_ls_shell.wR_factor_all 
_refine_ls_shell.wR_factor_obs 
_refine_ls_shell.wR_factor_R_free 
_refine_ls_shell.wR_factor_R_work 
_refine_ls_shell.pdbx_total_number_of_bins_used 
_refine_ls_shell.pdbx_phase_error 
_refine_ls_shell.pdbx_fsc_work 
_refine_ls_shell.pdbx_fsc_free 
'X-RAY DIFFRACTION' 2.5505 3.2132  2810 . 147 2663 100.0000 . . . 0.3219 0.0000 0.2658 . . . . . . 2 . . . 
'X-RAY DIFFRACTION' 3.2132 41.2537 2885 . 151 2734 100.0000 . . . 0.2136 0.0000 0.1912 . . . . . . 2 . . . 
# 
_struct.entry_id                     6FGI 
_struct.title                        'Crystal Structure of BAZ2A bromodomain in complex with 3-amino-2-methylpyridine derivative 2' 
_struct.pdbx_model_details           ? 
_struct.pdbx_formula_weight          ? 
_struct.pdbx_formula_weight_method   ? 
_struct.pdbx_model_type_details      ? 
_struct.pdbx_CASP_flag               N 
# 
_struct_keywords.entry_id        6FGI 
_struct_keywords.text            'four helical bundle, transcription' 
_struct_keywords.pdbx_keywords   TRANSCRIPTION 
# 
loop_
_struct_asym.id 
_struct_asym.pdbx_blank_PDB_chainid_flag 
_struct_asym.pdbx_modified 
_struct_asym.entity_id 
_struct_asym.details 
A N N 1 ? 
B N N 2 ? 
C N N 3 ? 
# 
_struct_ref.id                         1 
_struct_ref.db_name                    UNP 
_struct_ref.db_code                    BAZ2A_HUMAN 
_struct_ref.pdbx_db_accession          Q9UIF9 
_struct_ref.pdbx_db_isoform            ? 
_struct_ref.entity_id                  1 
_struct_ref.pdbx_seq_one_letter_code   
;HSDLTFCEIILMEMESHDAAWPFLEPVNPRLVSGYRRIIKNPMDFSTMRERLLRGGYTSSEEFAADALLVFDNCQTFNED
DSEVGKAGHIMRRFFESRWEEFY
;
_struct_ref.pdbx_align_begin           1796 
# 
_struct_ref_seq.align_id                      1 
_struct_ref_seq.ref_id                        1 
_struct_ref_seq.pdbx_PDB_id_code              6FGI 
_struct_ref_seq.pdbx_strand_id                A 
_struct_ref_seq.seq_align_beg                 3 
_struct_ref_seq.pdbx_seq_align_beg_ins_code   ? 
_struct_ref_seq.seq_align_end                 105 
_struct_ref_seq.pdbx_seq_align_end_ins_code   ? 
_struct_ref_seq.pdbx_db_accession             Q9UIF9 
_struct_ref_seq.db_align_beg                  1796 
_struct_ref_seq.pdbx_db_align_beg_ins_code    ? 
_struct_ref_seq.db_align_end                  1898 
_struct_ref_seq.pdbx_db_align_end_ins_code    ? 
_struct_ref_seq.pdbx_auth_seq_align_beg       1796 
_struct_ref_seq.pdbx_auth_seq_align_end       1898 
# 
loop_
_struct_ref_seq_dif.align_id 
_struct_ref_seq_dif.pdbx_pdb_id_code 
_struct_ref_seq_dif.mon_id 
_struct_ref_seq_dif.pdbx_pdb_strand_id 
_struct_ref_seq_dif.seq_num 
_struct_ref_seq_dif.pdbx_pdb_ins_code 
_struct_ref_seq_dif.pdbx_seq_db_name 
_struct_ref_seq_dif.pdbx_seq_db_accession_code 
_struct_ref_seq_dif.db_mon_id 
_struct_ref_seq_dif.pdbx_seq_db_seq_num 
_struct_ref_seq_dif.details 
_struct_ref_seq_dif.pdbx_auth_seq_num 
_struct_ref_seq_dif.pdbx_ordinal 
1 6FGI SER A 1 ? UNP Q9UIF9 ? ? 'expression tag' 1794 1 
1 6FGI MET A 2 ? UNP Q9UIF9 ? ? 'expression tag' 1795 2 
# 
_pdbx_struct_assembly.id                   1 
_pdbx_struct_assembly.details              author_and_software_defined_assembly 
_pdbx_struct_assembly.method_details       PISA 
_pdbx_struct_assembly.oligomeric_details   monomeric 
_pdbx_struct_assembly.oligomeric_count     1 
# 
loop_
_pdbx_struct_assembly_prop.biol_id 
_pdbx_struct_assembly_prop.type 
_pdbx_struct_assembly_prop.value 
_pdbx_struct_assembly_prop.details 
1 'ABSA (A^2)' 0    ? 
1 MORE         0    ? 
1 'SSA (A^2)'  6270 ? 
# 
_pdbx_struct_assembly_gen.assembly_id       1 
_pdbx_struct_assembly_gen.oper_expression   1 
_pdbx_struct_assembly_gen.asym_id_list      A,B,C 
# 
_pdbx_struct_assembly_auth_evidence.id                     1 
_pdbx_struct_assembly_auth_evidence.assembly_id            1 
_pdbx_struct_assembly_auth_evidence.experimental_support   'gel filtration' 
_pdbx_struct_assembly_auth_evidence.details                ? 
# 
_pdbx_struct_oper_list.id                   1 
_pdbx_struct_oper_list.type                 'identity operation' 
_pdbx_struct_oper_list.name                 1_555 
_pdbx_struct_oper_list.symmetry_operation   x,y,z 
_pdbx_struct_oper_list.matrix[1][1]         1.0000000000 
_pdbx_struct_oper_list.matrix[1][2]         0.0000000000 
_pdbx_struct_oper_list.matrix[1][3]         0.0000000000 
_pdbx_struct_oper_list.vector[1]            0.0000000000 
_pdbx_struct_oper_list.matrix[2][1]         0.0000000000 
_pdbx_struct_oper_list.matrix[2][2]         1.0000000000 
_pdbx_struct_oper_list.matrix[2][3]         0.0000000000 
_pdbx_struct_oper_list.vector[2]            0.0000000000 
_pdbx_struct_oper_list.matrix[3][1]         0.0000000000 
_pdbx_struct_oper_list.matrix[3][2]         0.0000000000 
_pdbx_struct_oper_list.matrix[3][3]         1.0000000000 
_pdbx_struct_oper_list.vector[3]            0.0000000000 
# 
loop_
_struct_conf.conf_type_id 
_struct_conf.id 
_struct_conf.pdbx_PDB_helix_id 
_struct_conf.beg_label_comp_id 
_struct_conf.beg_label_asym_id 
_struct_conf.beg_label_seq_id 
_struct_conf.pdbx_beg_PDB_ins_code 
_struct_conf.end_label_comp_id 
_struct_conf.end_label_asym_id 
_struct_conf.end_label_seq_id 
_struct_conf.pdbx_end_PDB_ins_code 
_struct_conf.beg_auth_comp_id 
_struct_conf.beg_auth_asym_id 
_struct_conf.beg_auth_seq_id 
_struct_conf.end_auth_comp_id 
_struct_conf.end_auth_asym_id 
_struct_conf.end_auth_seq_id 
_struct_conf.pdbx_PDB_helix_class 
_struct_conf.details 
_struct_conf.pdbx_PDB_helix_length 
HELX_P HELX_P1 AA1 HIS A 3  ? SER A 18  ? HIS A 1796 SER A 1811 1 ? 16 
HELX_P HELX_P2 AA2 HIS A 19 ? LEU A 26  ? HIS A 1812 LEU A 1819 5 ? 8  
HELX_P HELX_P3 AA3 GLY A 36 ? ILE A 41  ? GLY A 1829 ILE A 1834 1 ? 6  
HELX_P HELX_P4 AA4 ASP A 46 ? ARG A 56  ? ASP A 1839 ARG A 1849 1 ? 11 
HELX_P HELX_P5 AA5 SER A 61 ? ASN A 80  ? SER A 1854 ASN A 1873 1 ? 20 
HELX_P HELX_P6 AA6 SER A 84 ? GLU A 103 ? SER A 1877 GLU A 1896 1 ? 20 
# 
_struct_conf_type.id          HELX_P 
_struct_conf_type.criteria    ? 
_struct_conf_type.reference   ? 
# 
_struct_site.id                   AC1 
_struct_site.pdbx_evidence_code   Software 
_struct_site.pdbx_auth_asym_id    A 
_struct_site.pdbx_auth_comp_id    D9K 
_struct_site.pdbx_auth_seq_id     1901 
_struct_site.pdbx_auth_ins_code   ? 
_struct_site.pdbx_num_residues    9 
_struct_site.details              'binding site for residue D9K A 1901' 
# 
loop_
_struct_site_gen.id 
_struct_site_gen.site_id 
_struct_site_gen.pdbx_num_res 
_struct_site_gen.label_comp_id 
_struct_site_gen.label_asym_id 
_struct_site_gen.label_seq_id 
_struct_site_gen.pdbx_auth_ins_code 
_struct_site_gen.auth_comp_id 
_struct_site_gen.auth_asym_id 
_struct_site_gen.auth_seq_id 
_struct_site_gen.label_atom_id 
_struct_site_gen.label_alt_id 
_struct_site_gen.symmetry 
_struct_site_gen.details 
1 AC1 9 PRO A 24 ? PRO A 1817 . ? 1_555 ? 
2 AC1 9 VAL A 29 ? VAL A 1822 . ? 1_555 ? 
3 AC1 9 ASN A 30 ? ASN A 1823 . ? 1_555 ? 
4 AC1 9 VAL A 34 ? VAL A 1827 . ? 1_555 ? 
5 AC1 9 TYR A 37 ? TYR A 1830 . ? 1_555 ? 
6 AC1 9 PHE A 79 ? PHE A 1872 . ? 1_555 ? 
7 AC1 9 ASN A 80 ? ASN A 1873 . ? 1_555 ? 
8 AC1 9 HOH C .  ? HOH A 2008 . ? 1_555 ? 
9 AC1 9 HOH C .  ? HOH A 2015 . ? 1_555 ? 
# 
loop_
_pdbx_validate_torsion.id 
_pdbx_validate_torsion.PDB_model_num 
_pdbx_validate_torsion.auth_comp_id 
_pdbx_validate_torsion.auth_asym_id 
_pdbx_validate_torsion.auth_seq_id 
_pdbx_validate_torsion.PDB_ins_code 
_pdbx_validate_torsion.label_alt_id 
_pdbx_validate_torsion.phi 
_pdbx_validate_torsion.psi 
1 1 ARG A 1849 ? ? -69.49  5.95   
2 1 PHE A 1897 ? ? -125.66 -53.18 
# 
_phasing.method   MR 
# 
loop_
_pdbx_unobs_or_zero_occ_residues.id 
_pdbx_unobs_or_zero_occ_residues.PDB_model_num 
_pdbx_unobs_or_zero_occ_residues.polymer_flag 
_pdbx_unobs_or_zero_occ_residues.occupancy_flag 
_pdbx_unobs_or_zero_occ_residues.auth_asym_id 
_pdbx_unobs_or_zero_occ_residues.auth_comp_id 
_pdbx_unobs_or_zero_occ_residues.auth_seq_id 
_pdbx_unobs_or_zero_occ_residues.PDB_ins_code 
_pdbx_unobs_or_zero_occ_residues.label_asym_id 
_pdbx_unobs_or_zero_occ_residues.label_comp_id 
_pdbx_unobs_or_zero_occ_residues.label_seq_id 
1 1 Y 1 A SER 1794 ? A SER 1 
2 1 Y 1 A MET 1795 ? A MET 2 
# 
loop_
_chem_comp_atom.comp_id 
_chem_comp_atom.atom_id 
_chem_comp_atom.type_symbol 
_chem_comp_atom.pdbx_aromatic_flag 
_chem_comp_atom.pdbx_stereo_config 
_chem_comp_atom.pdbx_ordinal 
ALA N    N N N 1   
ALA CA   C N S 2   
ALA C    C N N 3   
ALA O    O N N 4   
ALA CB   C N N 5   
ALA OXT  O N N 6   
ALA H    H N N 7   
ALA H2   H N N 8   
ALA HA   H N N 9   
ALA HB1  H N N 10  
ALA HB2  H N N 11  
ALA HB3  H N N 12  
ALA HXT  H N N 13  
ARG N    N N N 14  
ARG CA   C N S 15  
ARG C    C N N 16  
ARG O    O N N 17  
ARG CB   C N N 18  
ARG CG   C N N 19  
ARG CD   C N N 20  
ARG NE   N N N 21  
ARG CZ   C N N 22  
ARG NH1  N N N 23  
ARG NH2  N N N 24  
ARG OXT  O N N 25  
ARG H    H N N 26  
ARG H2   H N N 27  
ARG HA   H N N 28  
ARG HB2  H N N 29  
ARG HB3  H N N 30  
ARG HG2  H N N 31  
ARG HG3  H N N 32  
ARG HD2  H N N 33  
ARG HD3  H N N 34  
ARG HE   H N N 35  
ARG HH11 H N N 36  
ARG HH12 H N N 37  
ARG HH21 H N N 38  
ARG HH22 H N N 39  
ARG HXT  H N N 40  
ASN N    N N N 41  
ASN CA   C N S 42  
ASN C    C N N 43  
ASN O    O N N 44  
ASN CB   C N N 45  
ASN CG   C N N 46  
ASN OD1  O N N 47  
ASN ND2  N N N 48  
ASN OXT  O N N 49  
ASN H    H N N 50  
ASN H2   H N N 51  
ASN HA   H N N 52  
ASN HB2  H N N 53  
ASN HB3  H N N 54  
ASN HD21 H N N 55  
ASN HD22 H N N 56  
ASN HXT  H N N 57  
ASP N    N N N 58  
ASP CA   C N S 59  
ASP C    C N N 60  
ASP O    O N N 61  
ASP CB   C N N 62  
ASP CG   C N N 63  
ASP OD1  O N N 64  
ASP OD2  O N N 65  
ASP OXT  O N N 66  
ASP H    H N N 67  
ASP H2   H N N 68  
ASP HA   H N N 69  
ASP HB2  H N N 70  
ASP HB3  H N N 71  
ASP HD2  H N N 72  
ASP HXT  H N N 73  
CYS N    N N N 74  
CYS CA   C N R 75  
CYS C    C N N 76  
CYS O    O N N 77  
CYS CB   C N N 78  
CYS SG   S N N 79  
CYS OXT  O N N 80  
CYS H    H N N 81  
CYS H2   H N N 82  
CYS HA   H N N 83  
CYS HB2  H N N 84  
CYS HB3  H N N 85  
CYS HG   H N N 86  
CYS HXT  H N N 87  
D9K O10  O N N 88  
D9K C15  C Y N 89  
D9K C14  C Y N 90  
D9K C12  C N N 91  
D9K C01  C N N 92  
D9K C02  C Y N 93  
D9K C03  C Y N 94  
D9K N04  N N N 95  
D9K C05  C N S 96  
D9K C06  C N N 97  
D9K C07  C N N 98  
D9K C08  C N N 99  
D9K S09  S N N 100 
D9K O11  O N N 101 
D9K C13  C Y N 102 
D9K N16  N Y N 103 
D9K H1   H N N 104 
D9K H2   H N N 105 
D9K H3   H N N 106 
D9K H4   H N N 107 
D9K H5   H N N 108 
D9K H6   H N N 109 
D9K H7   H N N 110 
D9K H8   H N N 111 
D9K H9   H N N 112 
D9K H10  H N N 113 
D9K H11  H N N 114 
D9K H12  H N N 115 
D9K H13  H N N 116 
D9K H14  H N N 117 
D9K H15  H N N 118 
D9K H16  H N N 119 
GLN N    N N N 120 
GLN CA   C N S 121 
GLN C    C N N 122 
GLN O    O N N 123 
GLN CB   C N N 124 
GLN CG   C N N 125 
GLN CD   C N N 126 
GLN OE1  O N N 127 
GLN NE2  N N N 128 
GLN OXT  O N N 129 
GLN H    H N N 130 
GLN H2   H N N 131 
GLN HA   H N N 132 
GLN HB2  H N N 133 
GLN HB3  H N N 134 
GLN HG2  H N N 135 
GLN HG3  H N N 136 
GLN HE21 H N N 137 
GLN HE22 H N N 138 
GLN HXT  H N N 139 
GLU N    N N N 140 
GLU CA   C N S 141 
GLU C    C N N 142 
GLU O    O N N 143 
GLU CB   C N N 144 
GLU CG   C N N 145 
GLU CD   C N N 146 
GLU OE1  O N N 147 
GLU OE2  O N N 148 
GLU OXT  O N N 149 
GLU H    H N N 150 
GLU H2   H N N 151 
GLU HA   H N N 152 
GLU HB2  H N N 153 
GLU HB3  H N N 154 
GLU HG2  H N N 155 
GLU HG3  H N N 156 
GLU HE2  H N N 157 
GLU HXT  H N N 158 
GLY N    N N N 159 
GLY CA   C N N 160 
GLY C    C N N 161 
GLY O    O N N 162 
GLY OXT  O N N 163 
GLY H    H N N 164 
GLY H2   H N N 165 
GLY HA2  H N N 166 
GLY HA3  H N N 167 
GLY HXT  H N N 168 
HIS N    N N N 169 
HIS CA   C N S 170 
HIS C    C N N 171 
HIS O    O N N 172 
HIS CB   C N N 173 
HIS CG   C Y N 174 
HIS ND1  N Y N 175 
HIS CD2  C Y N 176 
HIS CE1  C Y N 177 
HIS NE2  N Y N 178 
HIS OXT  O N N 179 
HIS H    H N N 180 
HIS H2   H N N 181 
HIS HA   H N N 182 
HIS HB2  H N N 183 
HIS HB3  H N N 184 
HIS HD1  H N N 185 
HIS HD2  H N N 186 
HIS HE1  H N N 187 
HIS HE2  H N N 188 
HIS HXT  H N N 189 
HOH O    O N N 190 
HOH H1   H N N 191 
HOH H2   H N N 192 
ILE N    N N N 193 
ILE CA   C N S 194 
ILE C    C N N 195 
ILE O    O N N 196 
ILE CB   C N S 197 
ILE CG1  C N N 198 
ILE CG2  C N N 199 
ILE CD1  C N N 200 
ILE OXT  O N N 201 
ILE H    H N N 202 
ILE H2   H N N 203 
ILE HA   H N N 204 
ILE HB   H N N 205 
ILE HG12 H N N 206 
ILE HG13 H N N 207 
ILE HG21 H N N 208 
ILE HG22 H N N 209 
ILE HG23 H N N 210 
ILE HD11 H N N 211 
ILE HD12 H N N 212 
ILE HD13 H N N 213 
ILE HXT  H N N 214 
LEU N    N N N 215 
LEU CA   C N S 216 
LEU C    C N N 217 
LEU O    O N N 218 
LEU CB   C N N 219 
LEU CG   C N N 220 
LEU CD1  C N N 221 
LEU CD2  C N N 222 
LEU OXT  O N N 223 
LEU H    H N N 224 
LEU H2   H N N 225 
LEU HA   H N N 226 
LEU HB2  H N N 227 
LEU HB3  H N N 228 
LEU HG   H N N 229 
LEU HD11 H N N 230 
LEU HD12 H N N 231 
LEU HD13 H N N 232 
LEU HD21 H N N 233 
LEU HD22 H N N 234 
LEU HD23 H N N 235 
LEU HXT  H N N 236 
LYS N    N N N 237 
LYS CA   C N S 238 
LYS C    C N N 239 
LYS O    O N N 240 
LYS CB   C N N 241 
LYS CG   C N N 242 
LYS CD   C N N 243 
LYS CE   C N N 244 
LYS NZ   N N N 245 
LYS OXT  O N N 246 
LYS H    H N N 247 
LYS H2   H N N 248 
LYS HA   H N N 249 
LYS HB2  H N N 250 
LYS HB3  H N N 251 
LYS HG2  H N N 252 
LYS HG3  H N N 253 
LYS HD2  H N N 254 
LYS HD3  H N N 255 
LYS HE2  H N N 256 
LYS HE3  H N N 257 
LYS HZ1  H N N 258 
LYS HZ2  H N N 259 
LYS HZ3  H N N 260 
LYS HXT  H N N 261 
MET N    N N N 262 
MET CA   C N S 263 
MET C    C N N 264 
MET O    O N N 265 
MET CB   C N N 266 
MET CG   C N N 267 
MET SD   S N N 268 
MET CE   C N N 269 
MET OXT  O N N 270 
MET H    H N N 271 
MET H2   H N N 272 
MET HA   H N N 273 
MET HB2  H N N 274 
MET HB3  H N N 275 
MET HG2  H N N 276 
MET HG3  H N N 277 
MET HE1  H N N 278 
MET HE2  H N N 279 
MET HE3  H N N 280 
MET HXT  H N N 281 
PHE N    N N N 282 
PHE CA   C N S 283 
PHE C    C N N 284 
PHE O    O N N 285 
PHE CB   C N N 286 
PHE CG   C Y N 287 
PHE CD1  C Y N 288 
PHE CD2  C Y N 289 
PHE CE1  C Y N 290 
PHE CE2  C Y N 291 
PHE CZ   C Y N 292 
PHE OXT  O N N 293 
PHE H    H N N 294 
PHE H2   H N N 295 
PHE HA   H N N 296 
PHE HB2  H N N 297 
PHE HB3  H N N 298 
PHE HD1  H N N 299 
PHE HD2  H N N 300 
PHE HE1  H N N 301 
PHE HE2  H N N 302 
PHE HZ   H N N 303 
PHE HXT  H N N 304 
PRO N    N N N 305 
PRO CA   C N S 306 
PRO C    C N N 307 
PRO O    O N N 308 
PRO CB   C N N 309 
PRO CG   C N N 310 
PRO CD   C N N 311 
PRO OXT  O N N 312 
PRO H    H N N 313 
PRO HA   H N N 314 
PRO HB2  H N N 315 
PRO HB3  H N N 316 
PRO HG2  H N N 317 
PRO HG3  H N N 318 
PRO HD2  H N N 319 
PRO HD3  H N N 320 
PRO HXT  H N N 321 
SER N    N N N 322 
SER CA   C N S 323 
SER C    C N N 324 
SER O    O N N 325 
SER CB   C N N 326 
SER OG   O N N 327 
SER OXT  O N N 328 
SER H    H N N 329 
SER H2   H N N 330 
SER HA   H N N 331 
SER HB2  H N N 332 
SER HB3  H N N 333 
SER HG   H N N 334 
SER HXT  H N N 335 
THR N    N N N 336 
THR CA   C N S 337 
THR C    C N N 338 
THR O    O N N 339 
THR CB   C N R 340 
THR OG1  O N N 341 
THR CG2  C N N 342 
THR OXT  O N N 343 
THR H    H N N 344 
THR H2   H N N 345 
THR HA   H N N 346 
THR HB   H N N 347 
THR HG1  H N N 348 
THR HG21 H N N 349 
THR HG22 H N N 350 
THR HG23 H N N 351 
THR HXT  H N N 352 
TRP N    N N N 353 
TRP CA   C N S 354 
TRP C    C N N 355 
TRP O    O N N 356 
TRP CB   C N N 357 
TRP CG   C Y N 358 
TRP CD1  C Y N 359 
TRP CD2  C Y N 360 
TRP NE1  N Y N 361 
TRP CE2  C Y N 362 
TRP CE3  C Y N 363 
TRP CZ2  C Y N 364 
TRP CZ3  C Y N 365 
TRP CH2  C Y N 366 
TRP OXT  O N N 367 
TRP H    H N N 368 
TRP H2   H N N 369 
TRP HA   H N N 370 
TRP HB2  H N N 371 
TRP HB3  H N N 372 
TRP HD1  H N N 373 
TRP HE1  H N N 374 
TRP HE3  H N N 375 
TRP HZ2  H N N 376 
TRP HZ3  H N N 377 
TRP HH2  H N N 378 
TRP HXT  H N N 379 
TYR N    N N N 380 
TYR CA   C N S 381 
TYR C    C N N 382 
TYR O    O N N 383 
TYR CB   C N N 384 
TYR CG   C Y N 385 
TYR CD1  C Y N 386 
TYR CD2  C Y N 387 
TYR CE1  C Y N 388 
TYR CE2  C Y N 389 
TYR CZ   C Y N 390 
TYR OH   O N N 391 
TYR OXT  O N N 392 
TYR H    H N N 393 
TYR H2   H N N 394 
TYR HA   H N N 395 
TYR HB2  H N N 396 
TYR HB3  H N N 397 
TYR HD1  H N N 398 
TYR HD2  H N N 399 
TYR HE1  H N N 400 
TYR HE2  H N N 401 
TYR HH   H N N 402 
TYR HXT  H N N 403 
VAL N    N N N 404 
VAL CA   C N S 405 
VAL C    C N N 406 
VAL O    O N N 407 
VAL CB   C N N 408 
VAL CG1  C N N 409 
VAL CG2  C N N 410 
VAL OXT  O N N 411 
VAL H    H N N 412 
VAL H2   H N N 413 
VAL HA   H N N 414 
VAL HB   H N N 415 
VAL HG11 H N N 416 
VAL HG12 H N N 417 
VAL HG13 H N N 418 
VAL HG21 H N N 419 
VAL HG22 H N N 420 
VAL HG23 H N N 421 
VAL HXT  H N N 422 
# 
loop_
_chem_comp_bond.comp_id 
_chem_comp_bond.atom_id_1 
_chem_comp_bond.atom_id_2 
_chem_comp_bond.value_order 
_chem_comp_bond.pdbx_aromatic_flag 
_chem_comp_bond.pdbx_stereo_config 
_chem_comp_bond.pdbx_ordinal 
ALA N   CA   sing N N 1   
ALA N   H    sing N N 2   
ALA N   H2   sing N N 3   
ALA CA  C    sing N N 4   
ALA CA  CB   sing N N 5   
ALA CA  HA   sing N N 6   
ALA C   O    doub N N 7   
ALA C   OXT  sing N N 8   
ALA CB  HB1  sing N N 9   
ALA CB  HB2  sing N N 10  
ALA CB  HB3  sing N N 11  
ALA OXT HXT  sing N N 12  
ARG N   CA   sing N N 13  
ARG N   H    sing N N 14  
ARG N   H2   sing N N 15  
ARG CA  C    sing N N 16  
ARG CA  CB   sing N N 17  
ARG CA  HA   sing N N 18  
ARG C   O    doub N N 19  
ARG C   OXT  sing N N 20  
ARG CB  CG   sing N N 21  
ARG CB  HB2  sing N N 22  
ARG CB  HB3  sing N N 23  
ARG CG  CD   sing N N 24  
ARG CG  HG2  sing N N 25  
ARG CG  HG3  sing N N 26  
ARG CD  NE   sing N N 27  
ARG CD  HD2  sing N N 28  
ARG CD  HD3  sing N N 29  
ARG NE  CZ   sing N N 30  
ARG NE  HE   sing N N 31  
ARG CZ  NH1  sing N N 32  
ARG CZ  NH2  doub N N 33  
ARG NH1 HH11 sing N N 34  
ARG NH1 HH12 sing N N 35  
ARG NH2 HH21 sing N N 36  
ARG NH2 HH22 sing N N 37  
ARG OXT HXT  sing N N 38  
ASN N   CA   sing N N 39  
ASN N   H    sing N N 40  
ASN N   H2   sing N N 41  
ASN CA  C    sing N N 42  
ASN CA  CB   sing N N 43  
ASN CA  HA   sing N N 44  
ASN C   O    doub N N 45  
ASN C   OXT  sing N N 46  
ASN CB  CG   sing N N 47  
ASN CB  HB2  sing N N 48  
ASN CB  HB3  sing N N 49  
ASN CG  OD1  doub N N 50  
ASN CG  ND2  sing N N 51  
ASN ND2 HD21 sing N N 52  
ASN ND2 HD22 sing N N 53  
ASN OXT HXT  sing N N 54  
ASP N   CA   sing N N 55  
ASP N   H    sing N N 56  
ASP N   H2   sing N N 57  
ASP CA  C    sing N N 58  
ASP CA  CB   sing N N 59  
ASP CA  HA   sing N N 60  
ASP C   O    doub N N 61  
ASP C   OXT  sing N N 62  
ASP CB  CG   sing N N 63  
ASP CB  HB2  sing N N 64  
ASP CB  HB3  sing N N 65  
ASP CG  OD1  doub N N 66  
ASP CG  OD2  sing N N 67  
ASP OD2 HD2  sing N N 68  
ASP OXT HXT  sing N N 69  
CYS N   CA   sing N N 70  
CYS N   H    sing N N 71  
CYS N   H2   sing N N 72  
CYS CA  C    sing N N 73  
CYS CA  CB   sing N N 74  
CYS CA  HA   sing N N 75  
CYS C   O    doub N N 76  
CYS C   OXT  sing N N 77  
CYS CB  SG   sing N N 78  
CYS CB  HB2  sing N N 79  
CYS CB  HB3  sing N N 80  
CYS SG  HG   sing N N 81  
CYS OXT HXT  sing N N 82  
D9K C07 C06  sing N N 83  
D9K C07 C08  sing N N 84  
D9K C14 C15  doub Y N 85  
D9K C14 C13  sing Y N 86  
D9K C06 C05  sing N N 87  
D9K C15 N16  sing Y N 88  
D9K C08 S09  sing N N 89  
D9K C13 C03  doub Y N 90  
D9K N16 C02  doub Y N 91  
D9K C03 C02  sing Y N 92  
D9K C03 N04  sing N N 93  
D9K C05 N04  sing N N 94  
D9K C05 C12  sing N N 95  
D9K C02 C01  sing N N 96  
D9K S09 O11  doub N N 97  
D9K S09 C12  sing N N 98  
D9K S09 O10  doub N N 99  
D9K C15 H1   sing N N 100 
D9K C14 H2   sing N N 101 
D9K C12 H3   sing N N 102 
D9K C12 H4   sing N N 103 
D9K C01 H5   sing N N 104 
D9K C01 H6   sing N N 105 
D9K C01 H7   sing N N 106 
D9K N04 H8   sing N N 107 
D9K C05 H9   sing N N 108 
D9K C06 H10  sing N N 109 
D9K C06 H11  sing N N 110 
D9K C07 H12  sing N N 111 
D9K C07 H13  sing N N 112 
D9K C08 H14  sing N N 113 
D9K C08 H15  sing N N 114 
D9K C13 H16  sing N N 115 
GLN N   CA   sing N N 116 
GLN N   H    sing N N 117 
GLN N   H2   sing N N 118 
GLN CA  C    sing N N 119 
GLN CA  CB   sing N N 120 
GLN CA  HA   sing N N 121 
GLN C   O    doub N N 122 
GLN C   OXT  sing N N 123 
GLN CB  CG   sing N N 124 
GLN CB  HB2  sing N N 125 
GLN CB  HB3  sing N N 126 
GLN CG  CD   sing N N 127 
GLN CG  HG2  sing N N 128 
GLN CG  HG3  sing N N 129 
GLN CD  OE1  doub N N 130 
GLN CD  NE2  sing N N 131 
GLN NE2 HE21 sing N N 132 
GLN NE2 HE22 sing N N 133 
GLN OXT HXT  sing N N 134 
GLU N   CA   sing N N 135 
GLU N   H    sing N N 136 
GLU N   H2   sing N N 137 
GLU CA  C    sing N N 138 
GLU CA  CB   sing N N 139 
GLU CA  HA   sing N N 140 
GLU C   O    doub N N 141 
GLU C   OXT  sing N N 142 
GLU CB  CG   sing N N 143 
GLU CB  HB2  sing N N 144 
GLU CB  HB3  sing N N 145 
GLU CG  CD   sing N N 146 
GLU CG  HG2  sing N N 147 
GLU CG  HG3  sing N N 148 
GLU CD  OE1  doub N N 149 
GLU CD  OE2  sing N N 150 
GLU OE2 HE2  sing N N 151 
GLU OXT HXT  sing N N 152 
GLY N   CA   sing N N 153 
GLY N   H    sing N N 154 
GLY N   H2   sing N N 155 
GLY CA  C    sing N N 156 
GLY CA  HA2  sing N N 157 
GLY CA  HA3  sing N N 158 
GLY C   O    doub N N 159 
GLY C   OXT  sing N N 160 
GLY OXT HXT  sing N N 161 
HIS N   CA   sing N N 162 
HIS N   H    sing N N 163 
HIS N   H2   sing N N 164 
HIS CA  C    sing N N 165 
HIS CA  CB   sing N N 166 
HIS CA  HA   sing N N 167 
HIS C   O    doub N N 168 
HIS C   OXT  sing N N 169 
HIS CB  CG   sing N N 170 
HIS CB  HB2  sing N N 171 
HIS CB  HB3  sing N N 172 
HIS CG  ND1  sing Y N 173 
HIS CG  CD2  doub Y N 174 
HIS ND1 CE1  doub Y N 175 
HIS ND1 HD1  sing N N 176 
HIS CD2 NE2  sing Y N 177 
HIS CD2 HD2  sing N N 178 
HIS CE1 NE2  sing Y N 179 
HIS CE1 HE1  sing N N 180 
HIS NE2 HE2  sing N N 181 
HIS OXT HXT  sing N N 182 
HOH O   H1   sing N N 183 
HOH O   H2   sing N N 184 
ILE N   CA   sing N N 185 
ILE N   H    sing N N 186 
ILE N   H2   sing N N 187 
ILE CA  C    sing N N 188 
ILE CA  CB   sing N N 189 
ILE CA  HA   sing N N 190 
ILE C   O    doub N N 191 
ILE C   OXT  sing N N 192 
ILE CB  CG1  sing N N 193 
ILE CB  CG2  sing N N 194 
ILE CB  HB   sing N N 195 
ILE CG1 CD1  sing N N 196 
ILE CG1 HG12 sing N N 197 
ILE CG1 HG13 sing N N 198 
ILE CG2 HG21 sing N N 199 
ILE CG2 HG22 sing N N 200 
ILE CG2 HG23 sing N N 201 
ILE CD1 HD11 sing N N 202 
ILE CD1 HD12 sing N N 203 
ILE CD1 HD13 sing N N 204 
ILE OXT HXT  sing N N 205 
LEU N   CA   sing N N 206 
LEU N   H    sing N N 207 
LEU N   H2   sing N N 208 
LEU CA  C    sing N N 209 
LEU CA  CB   sing N N 210 
LEU CA  HA   sing N N 211 
LEU C   O    doub N N 212 
LEU C   OXT  sing N N 213 
LEU CB  CG   sing N N 214 
LEU CB  HB2  sing N N 215 
LEU CB  HB3  sing N N 216 
LEU CG  CD1  sing N N 217 
LEU CG  CD2  sing N N 218 
LEU CG  HG   sing N N 219 
LEU CD1 HD11 sing N N 220 
LEU CD1 HD12 sing N N 221 
LEU CD1 HD13 sing N N 222 
LEU CD2 HD21 sing N N 223 
LEU CD2 HD22 sing N N 224 
LEU CD2 HD23 sing N N 225 
LEU OXT HXT  sing N N 226 
LYS N   CA   sing N N 227 
LYS N   H    sing N N 228 
LYS N   H2   sing N N 229 
LYS CA  C    sing N N 230 
LYS CA  CB   sing N N 231 
LYS CA  HA   sing N N 232 
LYS C   O    doub N N 233 
LYS C   OXT  sing N N 234 
LYS CB  CG   sing N N 235 
LYS CB  HB2  sing N N 236 
LYS CB  HB3  sing N N 237 
LYS CG  CD   sing N N 238 
LYS CG  HG2  sing N N 239 
LYS CG  HG3  sing N N 240 
LYS CD  CE   sing N N 241 
LYS CD  HD2  sing N N 242 
LYS CD  HD3  sing N N 243 
LYS CE  NZ   sing N N 244 
LYS CE  HE2  sing N N 245 
LYS CE  HE3  sing N N 246 
LYS NZ  HZ1  sing N N 247 
LYS NZ  HZ2  sing N N 248 
LYS NZ  HZ3  sing N N 249 
LYS OXT HXT  sing N N 250 
MET N   CA   sing N N 251 
MET N   H    sing N N 252 
MET N   H2   sing N N 253 
MET CA  C    sing N N 254 
MET CA  CB   sing N N 255 
MET CA  HA   sing N N 256 
MET C   O    doub N N 257 
MET C   OXT  sing N N 258 
MET CB  CG   sing N N 259 
MET CB  HB2  sing N N 260 
MET CB  HB3  sing N N 261 
MET CG  SD   sing N N 262 
MET CG  HG2  sing N N 263 
MET CG  HG3  sing N N 264 
MET SD  CE   sing N N 265 
MET CE  HE1  sing N N 266 
MET CE  HE2  sing N N 267 
MET CE  HE3  sing N N 268 
MET OXT HXT  sing N N 269 
PHE N   CA   sing N N 270 
PHE N   H    sing N N 271 
PHE N   H2   sing N N 272 
PHE CA  C    sing N N 273 
PHE CA  CB   sing N N 274 
PHE CA  HA   sing N N 275 
PHE C   O    doub N N 276 
PHE C   OXT  sing N N 277 
PHE CB  CG   sing N N 278 
PHE CB  HB2  sing N N 279 
PHE CB  HB3  sing N N 280 
PHE CG  CD1  doub Y N 281 
PHE CG  CD2  sing Y N 282 
PHE CD1 CE1  sing Y N 283 
PHE CD1 HD1  sing N N 284 
PHE CD2 CE2  doub Y N 285 
PHE CD2 HD2  sing N N 286 
PHE CE1 CZ   doub Y N 287 
PHE CE1 HE1  sing N N 288 
PHE CE2 CZ   sing Y N 289 
PHE CE2 HE2  sing N N 290 
PHE CZ  HZ   sing N N 291 
PHE OXT HXT  sing N N 292 
PRO N   CA   sing N N 293 
PRO N   CD   sing N N 294 
PRO N   H    sing N N 295 
PRO CA  C    sing N N 296 
PRO CA  CB   sing N N 297 
PRO CA  HA   sing N N 298 
PRO C   O    doub N N 299 
PRO C   OXT  sing N N 300 
PRO CB  CG   sing N N 301 
PRO CB  HB2  sing N N 302 
PRO CB  HB3  sing N N 303 
PRO CG  CD   sing N N 304 
PRO CG  HG2  sing N N 305 
PRO CG  HG3  sing N N 306 
PRO CD  HD2  sing N N 307 
PRO CD  HD3  sing N N 308 
PRO OXT HXT  sing N N 309 
SER N   CA   sing N N 310 
SER N   H    sing N N 311 
SER N   H2   sing N N 312 
SER CA  C    sing N N 313 
SER CA  CB   sing N N 314 
SER CA  HA   sing N N 315 
SER C   O    doub N N 316 
SER C   OXT  sing N N 317 
SER CB  OG   sing N N 318 
SER CB  HB2  sing N N 319 
SER CB  HB3  sing N N 320 
SER OG  HG   sing N N 321 
SER OXT HXT  sing N N 322 
THR N   CA   sing N N 323 
THR N   H    sing N N 324 
THR N   H2   sing N N 325 
THR CA  C    sing N N 326 
THR CA  CB   sing N N 327 
THR CA  HA   sing N N 328 
THR C   O    doub N N 329 
THR C   OXT  sing N N 330 
THR CB  OG1  sing N N 331 
THR CB  CG2  sing N N 332 
THR CB  HB   sing N N 333 
THR OG1 HG1  sing N N 334 
THR CG2 HG21 sing N N 335 
THR CG2 HG22 sing N N 336 
THR CG2 HG23 sing N N 337 
THR OXT HXT  sing N N 338 
TRP N   CA   sing N N 339 
TRP N   H    sing N N 340 
TRP N   H2   sing N N 341 
TRP CA  C    sing N N 342 
TRP CA  CB   sing N N 343 
TRP CA  HA   sing N N 344 
TRP C   O    doub N N 345 
TRP C   OXT  sing N N 346 
TRP CB  CG   sing N N 347 
TRP CB  HB2  sing N N 348 
TRP CB  HB3  sing N N 349 
TRP CG  CD1  doub Y N 350 
TRP CG  CD2  sing Y N 351 
TRP CD1 NE1  sing Y N 352 
TRP CD1 HD1  sing N N 353 
TRP CD2 CE2  doub Y N 354 
TRP CD2 CE3  sing Y N 355 
TRP NE1 CE2  sing Y N 356 
TRP NE1 HE1  sing N N 357 
TRP CE2 CZ2  sing Y N 358 
TRP CE3 CZ3  doub Y N 359 
TRP CE3 HE3  sing N N 360 
TRP CZ2 CH2  doub Y N 361 
TRP CZ2 HZ2  sing N N 362 
TRP CZ3 CH2  sing Y N 363 
TRP CZ3 HZ3  sing N N 364 
TRP CH2 HH2  sing N N 365 
TRP OXT HXT  sing N N 366 
TYR N   CA   sing N N 367 
TYR N   H    sing N N 368 
TYR N   H2   sing N N 369 
TYR CA  C    sing N N 370 
TYR CA  CB   sing N N 371 
TYR CA  HA   sing N N 372 
TYR C   O    doub N N 373 
TYR C   OXT  sing N N 374 
TYR CB  CG   sing N N 375 
TYR CB  HB2  sing N N 376 
TYR CB  HB3  sing N N 377 
TYR CG  CD1  doub Y N 378 
TYR CG  CD2  sing Y N 379 
TYR CD1 CE1  sing Y N 380 
TYR CD1 HD1  sing N N 381 
TYR CD2 CE2  doub Y N 382 
TYR CD2 HD2  sing N N 383 
TYR CE1 CZ   doub Y N 384 
TYR CE1 HE1  sing N N 385 
TYR CE2 CZ   sing Y N 386 
TYR CE2 HE2  sing N N 387 
TYR CZ  OH   sing N N 388 
TYR OH  HH   sing N N 389 
TYR OXT HXT  sing N N 390 
VAL N   CA   sing N N 391 
VAL N   H    sing N N 392 
VAL N   H2   sing N N 393 
VAL CA  C    sing N N 394 
VAL CA  CB   sing N N 395 
VAL CA  HA   sing N N 396 
VAL C   O    doub N N 397 
VAL C   OXT  sing N N 398 
VAL CB  CG1  sing N N 399 
VAL CB  CG2  sing N N 400 
VAL CB  HB   sing N N 401 
VAL CG1 HG11 sing N N 402 
VAL CG1 HG12 sing N N 403 
VAL CG1 HG13 sing N N 404 
VAL CG2 HG21 sing N N 405 
VAL CG2 HG22 sing N N 406 
VAL CG2 HG23 sing N N 407 
VAL OXT HXT  sing N N 408 
# 
_pdbx_audit_support.funding_organization   'Swiss National Science Foundation' 
_pdbx_audit_support.country                Switzerland 
_pdbx_audit_support.grant_number           31003A_169007 
_pdbx_audit_support.ordinal                1 
# 
_pdbx_initial_refinement_model.id               1 
_pdbx_initial_refinement_model.entity_id_list   ? 
_pdbx_initial_refinement_model.type             'experimental model' 
_pdbx_initial_refinement_model.source_name      PDB 
_pdbx_initial_refinement_model.accession_code   5MGJ 
_pdbx_initial_refinement_model.details          ? 
# 
_atom_sites.entry_id                    6FGI 
_atom_sites.fract_transf_matrix[1][1]   0.00883859 
_atom_sites.fract_transf_matrix[1][2]   -0.00628847 
_atom_sites.fract_transf_matrix[1][3]   0.00541093 
_atom_sites.fract_transf_matrix[2][1]   0.00969031 
_atom_sites.fract_transf_matrix[2][2]   -0.00354004 
_atom_sites.fract_transf_matrix[2][3]   -0.00636466 
_atom_sites.fract_transf_matrix[3][1]   0.01432633 
_atom_sites.fract_transf_matrix[3][2]   0.02631182 
_atom_sites.fract_transf_matrix[3][3]   0.00717743 
_atom_sites.fract_transf_vector[1]      -0.143996 
_atom_sites.fract_transf_vector[2]      0.367584 
_atom_sites.fract_transf_vector[3]      -0.491254 
# 
loop_
_atom_type.symbol 
C 
N 
O 
S 
# 
loop_
_atom_site.group_PDB 
_atom_site.id 
_atom_site.type_symbol 
_atom_site.label_atom_id 
_atom_site.label_alt_id 
_atom_site.label_comp_id 
_atom_site.label_asym_id 
_atom_site.label_entity_id 
_atom_site.label_seq_id 
_atom_site.pdbx_PDB_ins_code 
_atom_site.Cartn_x 
_atom_site.Cartn_y 
_atom_site.Cartn_z 
_atom_site.occupancy 
_atom_site.B_iso_or_equiv 
_atom_site.pdbx_formal_charge 
_atom_site.auth_seq_id 
_atom_site.auth_comp_id 
_atom_site.auth_asym_id 
_atom_site.auth_atom_id 
_atom_site.pdbx_PDB_model_num 
ATOM   1   N N   . HIS A 1 3   ? -12.216 9.243   14.840  1.00 98.95  ? 1796 HIS A N   1 
ATOM   2   C CA  . HIS A 1 3   ? -12.452 10.097  13.680  1.00 97.84  ? 1796 HIS A CA  1 
ATOM   3   C C   . HIS A 1 3   ? -11.184 10.851  13.296  1.00 102.25 ? 1796 HIS A C   1 
ATOM   4   O O   . HIS A 1 3   ? -10.782 10.846  12.130  1.00 103.15 ? 1796 HIS A O   1 
ATOM   5   C CB  . HIS A 1 3   ? -13.592 11.080  13.953  1.00 97.70  ? 1796 HIS A CB  1 
ATOM   6   C CG  . HIS A 1 3   ? -13.926 11.957  12.784  1.00 107.40 ? 1796 HIS A CG  1 
ATOM   7   N ND1 . HIS A 1 3   ? -14.456 11.464  11.611  1.00 110.98 ? 1796 HIS A ND1 1 
ATOM   8   C CD2 . HIS A 1 3   ? -13.809 13.296  12.612  1.00 99.65  ? 1796 HIS A CD2 1 
ATOM   9   C CE1 . HIS A 1 3   ? -14.649 12.461  10.765  1.00 99.83  ? 1796 HIS A CE1 1 
ATOM   10  N NE2 . HIS A 1 3   ? -14.265 13.583  11.347  1.00 102.06 ? 1796 HIS A NE2 1 
ATOM   11  N N   . SER A 1 4   ? -10.557 11.511  14.275  1.00 108.97 ? 1797 SER A N   1 
ATOM   12  C CA  . SER A 1 4   ? -9.244  12.099  14.031  1.00 105.13 ? 1797 SER A CA  1 
ATOM   13  C C   . SER A 1 4   ? -8.220  11.019  13.712  1.00 106.20 ? 1797 SER A C   1 
ATOM   14  O O   . SER A 1 4   ? -7.251  11.272  12.985  1.00 97.97  ? 1797 SER A O   1 
ATOM   15  C CB  . SER A 1 4   ? -8.795  12.929  15.236  1.00 91.92  ? 1797 SER A CB  1 
ATOM   16  O OG  . SER A 1 4   ? -7.883  12.210  16.049  1.00 91.54  ? 1797 SER A OG  1 
ATOM   17  N N   . ASP A 1 5   ? -8.424  9.817   14.251  1.00 104.74 ? 1798 ASP A N   1 
ATOM   18  C CA  . ASP A 1 5   ? -7.655  8.651   13.835  1.00 103.22 ? 1798 ASP A CA  1 
ATOM   19  C C   . ASP A 1 5   ? -7.742  8.458   12.324  1.00 101.77 ? 1798 ASP A C   1 
ATOM   20  O O   . ASP A 1 5   ? -6.728  8.474   11.617  1.00 96.74  ? 1798 ASP A O   1 
ATOM   21  C CB  . ASP A 1 5   ? -8.174  7.405   14.562  1.00 99.29  ? 1798 ASP A CB  1 
ATOM   22  C CG  . ASP A 1 5   ? -7.251  6.942   15.673  1.00 94.45  ? 1798 ASP A CG  1 
ATOM   23  O OD1 . ASP A 1 5   ? -6.476  7.771   16.194  1.00 91.97  ? 1798 ASP A OD1 1 
ATOM   24  O OD2 . ASP A 1 5   ? -7.305  5.743   16.021  1.00 87.46  ? 1798 ASP A OD2 1 
ATOM   25  N N   . LEU A 1 6   ? -8.963  8.299   11.813  1.00 97.99  ? 1799 LEU A N   1 
ATOM   26  C CA  . LEU A 1 6   ? -9.173  7.873   10.437  1.00 86.61  ? 1799 LEU A CA  1 
ATOM   27  C C   . LEU A 1 6   ? -9.168  9.019   9.434   1.00 82.20  ? 1799 LEU A C   1 
ATOM   28  O O   . LEU A 1 6   ? -9.226  8.758   8.228   1.00 80.20  ? 1799 LEU A O   1 
ATOM   29  C CB  . LEU A 1 6   ? -10.488 7.100   10.331  1.00 77.42  ? 1799 LEU A CB  1 
ATOM   30  C CG  . LEU A 1 6   ? -10.375 5.615   10.679  1.00 76.93  ? 1799 LEU A CG  1 
ATOM   31  C CD1 . LEU A 1 6   ? -10.720 5.385   12.141  1.00 88.92  ? 1799 LEU A CD1 1 
ATOM   32  C CD2 . LEU A 1 6   ? -11.263 4.776   9.772   1.00 75.75  ? 1799 LEU A CD2 1 
ATOM   33  N N   . THR A 1 7   ? -9.108  10.272  9.885   1.00 75.43  ? 1800 THR A N   1 
ATOM   34  C CA  . THR A 1 7   ? -8.933  11.363  8.935   1.00 78.08  ? 1800 THR A CA  1 
ATOM   35  C C   . THR A 1 7   ? -7.472  11.532  8.543   1.00 76.93  ? 1800 THR A C   1 
ATOM   36  O O   . THR A 1 7   ? -7.181  11.986  7.431   1.00 70.18  ? 1800 THR A O   1 
ATOM   37  C CB  . THR A 1 7   ? -9.486  12.671  9.504   1.00 74.87  ? 1800 THR A CB  1 
ATOM   38  O OG1 . THR A 1 7   ? -9.235  12.727  10.913  1.00 83.02  ? 1800 THR A OG1 1 
ATOM   39  C CG2 . THR A 1 7   ? -10.985 12.766  9.253   1.00 62.96  ? 1800 THR A CG2 1 
ATOM   40  N N   . PHE A 1 8   ? -6.543  11.170  9.430   1.00 77.14  ? 1801 PHE A N   1 
ATOM   41  C CA  . PHE A 1 8   ? -5.138  11.158  9.048   1.00 71.10  ? 1801 PHE A CA  1 
ATOM   42  C C   . PHE A 1 8   ? -4.826  9.994   8.118   1.00 67.96  ? 1801 PHE A C   1 
ATOM   43  O O   . PHE A 1 8   ? -3.902  10.091  7.303   1.00 69.70  ? 1801 PHE A O   1 
ATOM   44  C CB  . PHE A 1 8   ? -4.256  11.099  10.293  1.00 74.48  ? 1801 PHE A CB  1 
ATOM   45  C CG  . PHE A 1 8   ? -2.862  11.636  10.087  1.00 88.55  ? 1801 PHE A CG  1 
ATOM   46  C CD1 . PHE A 1 8   ? -2.545  12.931  10.467  1.00 89.31  ? 1801 PHE A CD1 1 
ATOM   47  C CD2 . PHE A 1 8   ? -1.865  10.843  9.541   1.00 87.21  ? 1801 PHE A CD2 1 
ATOM   48  C CE1 . PHE A 1 8   ? -1.265  13.430  10.292  1.00 77.02  ? 1801 PHE A CE1 1 
ATOM   49  C CE2 . PHE A 1 8   ? -0.581  11.337  9.364   1.00 85.07  ? 1801 PHE A CE2 1 
ATOM   50  C CZ  . PHE A 1 8   ? -0.283  12.632  9.741   1.00 70.87  ? 1801 PHE A CZ  1 
ATOM   51  N N   . CYS A 1 9   ? -5.577  8.895   8.224   1.00 61.21  ? 1802 CYS A N   1 
ATOM   52  C CA  . CYS A 1 9   ? -5.456  7.821   7.242   1.00 60.95  ? 1802 CYS A CA  1 
ATOM   53  C C   . CYS A 1 9   ? -5.820  8.322   5.851   1.00 60.54  ? 1802 CYS A C   1 
ATOM   54  O O   . CYS A 1 9   ? -5.165  7.970   4.863   1.00 63.76  ? 1802 CYS A O   1 
ATOM   55  C CB  . CYS A 1 9   ? -6.342  6.637   7.633   1.00 59.09  ? 1802 CYS A CB  1 
ATOM   56  S SG  . CYS A 1 9   ? -5.897  5.836   9.194   1.00 65.75  ? 1802 CYS A SG  1 
ATOM   57  N N   . GLU A 1 10  ? -6.867  9.141   5.756   1.00 59.08  ? 1803 GLU A N   1 
ATOM   58  C CA  . GLU A 1 10  ? -7.192  9.773   4.484   1.00 55.50  ? 1803 GLU A CA  1 
ATOM   59  C C   . GLU A 1 10  ? -6.053  10.671  4.020   1.00 56.87  ? 1803 GLU A C   1 
ATOM   60  O O   . GLU A 1 10  ? -5.690  10.664  2.837   1.00 53.13  ? 1803 GLU A O   1 
ATOM   61  C CB  . GLU A 1 10  ? -8.492  10.568  4.615   1.00 54.12  ? 1803 GLU A CB  1 
ATOM   62  C CG  . GLU A 1 10  ? -8.756  11.524  3.464   1.00 53.18  ? 1803 GLU A CG  1 
ATOM   63  C CD  . GLU A 1 10  ? -8.877  10.811  2.130   1.00 58.81  ? 1803 GLU A CD  1 
ATOM   64  O OE1 . GLU A 1 10  ? -9.500  9.727   2.092   1.00 63.58  ? 1803 GLU A OE1 1 
ATOM   65  O OE2 . GLU A 1 10  ? -8.352  11.334  1.123   1.00 43.01  ? 1803 GLU A OE2 1 
ATOM   66  N N   . ILE A 1 11  ? -5.470  11.441  4.943   1.00 60.24  ? 1804 ILE A N   1 
ATOM   67  C CA  . ILE A 1 11  ? -4.332  12.296  4.607   1.00 55.65  ? 1804 ILE A CA  1 
ATOM   68  C C   . ILE A 1 11  ? -3.179  11.456  4.070   1.00 58.35  ? 1804 ILE A C   1 
ATOM   69  O O   . ILE A 1 11  ? -2.603  11.759  3.018   1.00 55.68  ? 1804 ILE A O   1 
ATOM   70  C CB  . ILE A 1 11  ? -3.902  13.121  5.834   1.00 59.40  ? 1804 ILE A CB  1 
ATOM   71  C CG1 . ILE A 1 11  ? -5.025  14.061  6.271   1.00 60.60  ? 1804 ILE A CG1 1 
ATOM   72  C CG2 . ILE A 1 11  ? -2.636  13.905  5.531   1.00 60.90  ? 1804 ILE A CG2 1 
ATOM   73  C CD1 . ILE A 1 11  ? -4.735  14.800  7.559   1.00 58.70  ? 1804 ILE A CD1 1 
ATOM   74  N N   . ILE A 1 12  ? -2.832  10.383  4.786   1.00 54.61  ? 1805 ILE A N   1 
ATOM   75  C CA  . ILE A 1 12  ? -1.748  9.502   4.355   1.00 55.60  ? 1805 ILE A CA  1 
ATOM   76  C C   . ILE A 1 12  ? -2.080  8.865   3.011   1.00 54.25  ? 1805 ILE A C   1 
ATOM   77  O O   . ILE A 1 12  ? -1.278  8.901   2.070   1.00 54.21  ? 1805 ILE A O   1 
ATOM   78  C CB  . ILE A 1 12  ? -1.468  8.430   5.424   1.00 61.34  ? 1805 ILE A CB  1 
ATOM   79  C CG1 . ILE A 1 12  ? -0.840  9.058   6.667   1.00 69.34  ? 1805 ILE A CG1 1 
ATOM   80  C CG2 . ILE A 1 12  ? -0.571  7.335   4.865   1.00 60.23  ? 1805 ILE A CG2 1 
ATOM   81  C CD1 . ILE A 1 12  ? -0.538  8.060   7.758   1.00 73.85  ? 1805 ILE A CD1 1 
ATOM   82  N N   . LEU A 1 13  ? -3.268  8.263   2.907   1.00 50.76  ? 1806 LEU A N   1 
ATOM   83  C CA  . LEU A 1 13  ? -3.636  7.564   1.680   1.00 47.66  ? 1806 LEU A CA  1 
ATOM   84  C C   . LEU A 1 13  ? -3.678  8.517   0.494   1.00 53.10  ? 1806 LEU A C   1 
ATOM   85  O O   . LEU A 1 13  ? -3.255  8.160   -0.613  1.00 52.27  ? 1806 LEU A O   1 
ATOM   86  C CB  . LEU A 1 13  ? -4.981  6.862   1.857   1.00 45.22  ? 1806 LEU A CB  1 
ATOM   87  C CG  . LEU A 1 13  ? -5.429  6.003   0.675   1.00 50.33  ? 1806 LEU A CG  1 
ATOM   88  C CD1 . LEU A 1 13  ? -4.303  5.081   0.242   1.00 47.67  ? 1806 LEU A CD1 1 
ATOM   89  C CD2 . LEU A 1 13  ? -6.669  5.203   1.035   1.00 50.98  ? 1806 LEU A CD2 1 
ATOM   90  N N   . MET A 1 14  ? -4.179  9.737   0.705   1.00 50.19  ? 1807 MET A N   1 
ATOM   91  C CA  . MET A 1 14  ? -4.158  10.732  -0.362  1.00 47.73  ? 1807 MET A CA  1 
ATOM   92  C C   . MET A 1 14  ? -2.727  11.067  -0.762  1.00 44.47  ? 1807 MET A C   1 
ATOM   93  O O   . MET A 1 14  ? -2.413  11.167  -1.955  1.00 45.39  ? 1807 MET A O   1 
ATOM   94  C CB  . MET A 1 14  ? -4.910  11.991  0.075   1.00 52.47  ? 1807 MET A CB  1 
ATOM   95  C CG  . MET A 1 14  ? -4.438  13.281  -0.591  1.00 63.90  ? 1807 MET A CG  1 
ATOM   96  S SD  . MET A 1 14  ? -5.263  14.752  0.056   1.00 72.63  ? 1807 MET A SD  1 
ATOM   97  C CE  . MET A 1 14  ? -5.039  14.520  1.817   1.00 54.32  ? 1807 MET A CE  1 
ATOM   98  N N   . GLU A 1 15  ? -1.838  11.223  0.223   1.00 45.89  ? 1808 GLU A N   1 
ATOM   99  C CA  . GLU A 1 15  ? -0.447  11.535  -0.086  1.00 50.77  ? 1808 GLU A CA  1 
ATOM   100 C C   . GLU A 1 15  ? 0.265   10.349  -0.720  1.00 44.35  ? 1808 GLU A C   1 
ATOM   101 O O   . GLU A 1 15  ? 1.197   10.537  -1.510  1.00 47.28  ? 1808 GLU A O   1 
ATOM   102 C CB  . GLU A 1 15  ? 0.285   11.987  1.177   1.00 48.19  ? 1808 GLU A CB  1 
ATOM   103 C CG  . GLU A 1 15  ? -0.185  13.333  1.705   1.00 48.98  ? 1808 GLU A CG  1 
ATOM   104 C CD  . GLU A 1 15  ? 0.666   13.850  2.848   1.00 62.91  ? 1808 GLU A CD  1 
ATOM   105 O OE1 . GLU A 1 15  ? 1.548   13.104  3.326   1.00 69.51  ? 1808 GLU A OE1 1 
ATOM   106 O OE2 . GLU A 1 15  ? 0.449   15.004  3.274   1.00 57.98  ? 1808 GLU A OE2 1 
ATOM   107 N N   . MET A 1 16  ? -0.158  9.126   -0.398  1.00 42.66  ? 1809 MET A N   1 
ATOM   108 C CA  . MET A 1 16  ? 0.444   7.964   -1.039  1.00 42.86  ? 1809 MET A CA  1 
ATOM   109 C C   . MET A 1 16  ? -0.090  7.772   -2.451  1.00 40.36  ? 1809 MET A C   1 
ATOM   110 O O   . MET A 1 16  ? 0.658   7.368   -3.345  1.00 38.00  ? 1809 MET A O   1 
ATOM   111 C CB  . MET A 1 16  ? 0.209   6.710   -0.200  1.00 43.50  ? 1809 MET A CB  1 
ATOM   112 C CG  . MET A 1 16  ? 1.191   6.549   0.945   1.00 41.99  ? 1809 MET A CG  1 
ATOM   113 S SD  . MET A 1 16  ? 1.191   4.882   1.626   1.00 48.91  ? 1809 MET A SD  1 
ATOM   114 C CE  . MET A 1 16  ? -0.509  4.731   2.176   1.00 39.19  ? 1809 MET A CE  1 
ATOM   115 N N   . GLU A 1 17  ? -1.375  8.065   -2.675  1.00 46.36  ? 1810 GLU A N   1 
ATOM   116 C CA  . GLU A 1 17  ? -1.941  7.925   -4.014  1.00 45.92  ? 1810 GLU A CA  1 
ATOM   117 C C   . GLU A 1 17  ? -1.294  8.881   -5.007  1.00 40.03  ? 1810 GLU A C   1 
ATOM   118 O O   . GLU A 1 17  ? -1.152  8.544   -6.188  1.00 31.43  ? 1810 GLU A O   1 
ATOM   119 C CB  . GLU A 1 17  ? -3.448  8.168   -3.977  1.00 43.77  ? 1810 GLU A CB  1 
ATOM   120 C CG  . GLU A 1 17  ? -4.262  7.027   -3.402  1.00 48.26  ? 1810 GLU A CG  1 
ATOM   121 C CD  . GLU A 1 17  ? -5.666  7.463   -3.044  1.00 49.39  ? 1810 GLU A CD  1 
ATOM   122 O OE1 . GLU A 1 17  ? -5.845  8.662   -2.737  1.00 45.74  ? 1810 GLU A OE1 1 
ATOM   123 O OE2 . GLU A 1 17  ? -6.585  6.616   -3.067  1.00 45.00  ? 1810 GLU A OE2 1 
ATOM   124 N N   . SER A 1 18  ? -0.902  10.070  -4.556  1.00 41.99  ? 1811 SER A N   1 
ATOM   125 C CA  . SER A 1 18  ? -0.331  11.082  -5.433  1.00 40.91  ? 1811 SER A CA  1 
ATOM   126 C C   . SER A 1 18  ? 1.188   11.101  -5.405  1.00 43.92  ? 1811 SER A C   1 
ATOM   127 O O   . SER A 1 18  ? 1.796   11.945  -6.072  1.00 44.19  ? 1811 SER A O   1 
ATOM   128 C CB  . SER A 1 18  ? -0.871  12.467  -5.061  1.00 45.29  ? 1811 SER A CB  1 
ATOM   129 O OG  . SER A 1 18  ? -0.860  12.654  -3.657  1.00 51.86  ? 1811 SER A OG  1 
ATOM   130 N N   . HIS A 1 19  ? 1.814   10.195  -4.660  1.00 43.99  ? 1812 HIS A N   1 
ATOM   131 C CA  . HIS A 1 19  ? 3.266   10.145  -4.600  1.00 33.75  ? 1812 HIS A CA  1 
ATOM   132 C C   . HIS A 1 19  ? 3.848   9.731   -5.949  1.00 36.27  ? 1812 HIS A C   1 
ATOM   133 O O   . HIS A 1 19  ? 3.239   8.972   -6.710  1.00 37.31  ? 1812 HIS A O   1 
ATOM   134 C CB  . HIS A 1 19  ? 3.713   9.177   -3.507  1.00 37.15  ? 1812 HIS A CB  1 
ATOM   135 C CG  . HIS A 1 19  ? 5.155   9.305   -3.132  1.00 30.21  ? 1812 HIS A CG  1 
ATOM   136 N ND1 . HIS A 1 19  ? 6.181   8.944   -3.980  1.00 36.07  ? 1812 HIS A ND1 1 
ATOM   137 C CD2 . HIS A 1 19  ? 5.745   9.735   -1.992  1.00 35.55  ? 1812 HIS A CD2 1 
ATOM   138 C CE1 . HIS A 1 19  ? 7.340   9.162   -3.385  1.00 35.71  ? 1812 HIS A CE1 1 
ATOM   139 N NE2 . HIS A 1 19  ? 7.104   9.638   -2.176  1.00 41.80  ? 1812 HIS A NE2 1 
ATOM   140 N N   . ASP A 1 20  ? 5.046   10.247  -6.239  1.00 39.31  ? 1813 ASP A N   1 
ATOM   141 C CA  . ASP A 1 20  ? 5.703   9.968   -7.514  1.00 41.07  ? 1813 ASP A CA  1 
ATOM   142 C C   . ASP A 1 20  ? 5.905   8.474   -7.726  1.00 39.89  ? 1813 ASP A C   1 
ATOM   143 O O   . ASP A 1 20  ? 5.747   7.971   -8.844  1.00 51.69  ? 1813 ASP A O   1 
ATOM   144 C CB  . ASP A 1 20  ? 7.053   10.689  -7.580  1.00 53.06  ? 1813 ASP A CB  1 
ATOM   145 C CG  . ASP A 1 20  ? 6.944   12.111  -8.104  1.00 50.27  ? 1813 ASP A CG  1 
ATOM   146 O OD1 . ASP A 1 20  ? 5.914   12.448  -8.723  1.00 52.27  ? 1813 ASP A OD1 1 
ATOM   147 O OD2 . ASP A 1 20  ? 7.901   12.891  -7.909  1.00 51.74  ? 1813 ASP A OD2 1 
ATOM   148 N N   . ALA A 1 21  ? 6.258   7.747   -6.667  1.00 43.67  ? 1814 ALA A N   1 
ATOM   149 C CA  . ALA A 1 21  ? 6.601   6.333   -6.766  1.00 42.57  ? 1814 ALA A CA  1 
ATOM   150 C C   . ALA A 1 21  ? 5.419   5.413   -6.465  1.00 43.34  ? 1814 ALA A C   1 
ATOM   151 O O   . ALA A 1 21  ? 5.623   4.230   -6.168  1.00 36.53  ? 1814 ALA A O   1 
ATOM   152 C CB  . ALA A 1 21  ? 7.770   6.014   -5.832  1.00 29.36  ? 1814 ALA A CB  1 
ATOM   153 N N   . ALA A 1 22  ? 4.191   5.927   -6.536  1.00 37.92  ? 1815 ALA A N   1 
ATOM   154 C CA  . ALA A 1 22  ? 3.018   5.125   -6.218  1.00 38.34  ? 1815 ALA A CA  1 
ATOM   155 C C   . ALA A 1 22  ? 2.522   4.296   -7.390  1.00 38.80  ? 1815 ALA A C   1 
ATOM   156 O O   . ALA A 1 22  ? 1.663   3.429   -7.190  1.00 45.68  ? 1815 ALA A O   1 
ATOM   157 C CB  . ALA A 1 22  ? 1.877   6.019   -5.737  1.00 34.73  ? 1815 ALA A CB  1 
ATOM   158 N N   . TRP A 1 23  ? 3.046   4.520   -8.590  1.00 33.37  ? 1816 TRP A N   1 
ATOM   159 C CA  . TRP A 1 23  ? 2.491   3.904   -9.790  1.00 43.35  ? 1816 TRP A CA  1 
ATOM   160 C C   . TRP A 1 23  ? 2.348   2.379   -9.719  1.00 49.81  ? 1816 TRP A C   1 
ATOM   161 O O   . TRP A 1 23  ? 1.385   1.855   -10.292 1.00 47.40  ? 1816 TRP A O   1 
ATOM   162 C CB  . TRP A 1 23  ? 3.319   4.308   -11.013 1.00 28.57  ? 1816 TRP A CB  1 
ATOM   163 C CG  . TRP A 1 23  ? 4.749   3.928   -10.920 1.00 39.56  ? 1816 TRP A CG  1 
ATOM   164 C CD1 . TRP A 1 23  ? 5.765   4.673   -10.402 1.00 35.66  ? 1816 TRP A CD1 1 
ATOM   165 C CD2 . TRP A 1 23  ? 5.330   2.694   -11.350 1.00 45.83  ? 1816 TRP A CD2 1 
ATOM   166 N NE1 . TRP A 1 23  ? 6.947   3.977   -10.481 1.00 39.08  ? 1816 TRP A NE1 1 
ATOM   167 C CE2 . TRP A 1 23  ? 6.705   2.756   -11.054 1.00 40.64  ? 1816 TRP A CE2 1 
ATOM   168 C CE3 . TRP A 1 23  ? 4.816   1.534   -11.939 1.00 45.30  ? 1816 TRP A CE3 1 
ATOM   169 C CZ2 . TRP A 1 23  ? 7.576   1.706   -11.338 1.00 46.14  ? 1816 TRP A CZ2 1 
ATOM   170 C CZ3 . TRP A 1 23  ? 5.682   0.495   -12.223 1.00 41.75  ? 1816 TRP A CZ3 1 
ATOM   171 C CH2 . TRP A 1 23  ? 7.048   0.590   -11.927 1.00 50.76  ? 1816 TRP A CH2 1 
ATOM   172 N N   . PRO A 1 24  ? 3.230   1.615   -9.047  1.00 50.20  ? 1817 PRO A N   1 
ATOM   173 C CA  . PRO A 1 24  ? 3.004   0.159   -9.009  1.00 37.63  ? 1817 PRO A CA  1 
ATOM   174 C C   . PRO A 1 24  ? 1.808   -0.213  -8.157  1.00 40.78  ? 1817 PRO A C   1 
ATOM   175 O O   . PRO A 1 24  ? 1.187   -1.251  -8.419  1.00 39.58  ? 1817 PRO A O   1 
ATOM   176 C CB  . PRO A 1 24  ? 4.333   -0.400  -8.478  1.00 37.19  ? 1817 PRO A CB  1 
ATOM   177 C CG  . PRO A 1 24  ? 5.315   0.716   -8.604  1.00 42.00  ? 1817 PRO A CG  1 
ATOM   178 C CD  . PRO A 1 24  ? 4.501   1.945   -8.374  1.00 38.39  ? 1817 PRO A CD  1 
ATOM   179 N N   . PHE A 1 25  ? 1.442   0.600   -7.169  1.00 44.40  ? 1818 PHE A N   1 
ATOM   180 C CA  . PHE A 1 25  ? 0.445   0.207   -6.179  1.00 41.62  ? 1818 PHE A CA  1 
ATOM   181 C C   . PHE A 1 25  ? -0.908  0.895   -6.308  1.00 39.70  ? 1818 PHE A C   1 
ATOM   182 O O   . PHE A 1 25  ? -1.714  0.828   -5.373  1.00 42.35  ? 1818 PHE A O   1 
ATOM   183 C CB  . PHE A 1 25  ? 1.053   0.469   -4.799  1.00 43.52  ? 1818 PHE A CB  1 
ATOM   184 C CG  . PHE A 1 25  ? 2.499   0.104   -4.723  1.00 35.73  ? 1818 PHE A CG  1 
ATOM   185 C CD1 . PHE A 1 25  ? 2.886   -1.224  -4.744  1.00 35.81  ? 1818 PHE A CD1 1 
ATOM   186 C CD2 . PHE A 1 25  ? 3.476   1.083   -4.688  1.00 36.68  ? 1818 PHE A CD2 1 
ATOM   187 C CE1 . PHE A 1 25  ? 4.218   -1.576  -4.702  1.00 34.13  ? 1818 PHE A CE1 1 
ATOM   188 C CE2 . PHE A 1 25  ? 4.814   0.740   -4.643  1.00 41.09  ? 1818 PHE A CE2 1 
ATOM   189 C CZ  . PHE A 1 25  ? 5.185   -0.593  -4.650  1.00 42.23  ? 1818 PHE A CZ  1 
ATOM   190 N N   . LEU A 1 26  ? -1.188  1.534   -7.446  1.00 48.38  ? 1819 LEU A N   1 
ATOM   191 C CA  . LEU A 1 26  ? -2.447  2.255   -7.609  1.00 41.45  ? 1819 LEU A CA  1 
ATOM   192 C C   . LEU A 1 26  ? -3.613  1.299   -7.831  1.00 51.39  ? 1819 LEU A C   1 
ATOM   193 O O   . LEU A 1 26  ? -4.675  1.456   -7.220  1.00 46.07  ? 1819 LEU A O   1 
ATOM   194 C CB  . LEU A 1 26  ? -2.340  3.244   -8.770  1.00 42.91  ? 1819 LEU A CB  1 
ATOM   195 C CG  . LEU A 1 26  ? -1.414  4.443   -8.549  1.00 44.84  ? 1819 LEU A CG  1 
ATOM   196 C CD1 . LEU A 1 26  ? -1.445  5.369   -9.753  1.00 30.61  ? 1819 LEU A CD1 1 
ATOM   197 C CD2 . LEU A 1 26  ? -1.798  5.189   -7.279  1.00 32.07  ? 1819 LEU A CD2 1 
ATOM   198 N N   . GLU A 1 27  ? -3.434  0.311   -8.701  1.00 48.28  ? 1820 GLU A N   1 
ATOM   199 C CA  . GLU A 1 27  ? -4.449  -0.681  -9.019  1.00 56.05  ? 1820 GLU A CA  1 
ATOM   200 C C   . GLU A 1 27  ? -3.985  -2.071  -8.600  1.00 55.59  ? 1820 GLU A C   1 
ATOM   201 O O   . GLU A 1 27  ? -2.785  -2.307  -8.420  1.00 52.47  ? 1820 GLU A O   1 
ATOM   202 C CB  . GLU A 1 27  ? -4.767  -0.669  -10.523 1.00 57.88  ? 1820 GLU A CB  1 
ATOM   203 C CG  . GLU A 1 27  ? -5.411  0.623   -11.013 1.00 67.04  ? 1820 GLU A CG  1 
ATOM   204 C CD  . GLU A 1 27  ? -6.690  0.965   -10.263 1.00 71.38  ? 1820 GLU A CD  1 
ATOM   205 O OE1 . GLU A 1 27  ? -7.465  0.036   -9.942  1.00 73.20  ? 1820 GLU A OE1 1 
ATOM   206 O OE2 . GLU A 1 27  ? -6.917  2.163   -9.992  1.00 64.00  ? 1820 GLU A OE2 1 
ATOM   207 N N   . PRO A 1 28  ? -4.914  -3.014  -8.421  1.00 51.60  ? 1821 PRO A N   1 
ATOM   208 C CA  . PRO A 1 28  ? -4.507  -4.386  -8.091  1.00 40.86  ? 1821 PRO A CA  1 
ATOM   209 C C   . PRO A 1 28  ? -3.622  -4.982  -9.173  1.00 36.04  ? 1821 PRO A C   1 
ATOM   210 O O   . PRO A 1 28  ? -3.773  -4.697  -10.363 1.00 49.53  ? 1821 PRO A O   1 
ATOM   211 C CB  . PRO A 1 28  ? -5.842  -5.136  -7.987  1.00 40.31  ? 1821 PRO A CB  1 
ATOM   212 C CG  . PRO A 1 28  ? -6.830  -4.092  -7.626  1.00 43.24  ? 1821 PRO A CG  1 
ATOM   213 C CD  . PRO A 1 28  ? -6.377  -2.850  -8.355  1.00 59.18  ? 1821 PRO A CD  1 
ATOM   214 N N   . VAL A 1 29  ? -2.677  -5.815  -8.738  1.00 37.98  ? 1822 VAL A N   1 
ATOM   215 C CA  . VAL A 1 29  ? -1.806  -6.504  -9.678  1.00 40.82  ? 1822 VAL A CA  1 
ATOM   216 C C   . VAL A 1 29  ? -2.644  -7.392  -10.586 1.00 44.92  ? 1822 VAL A C   1 
ATOM   217 O O   . VAL A 1 29  ? -3.551  -8.099  -10.128 1.00 42.13  ? 1822 VAL A O   1 
ATOM   218 C CB  . VAL A 1 29  ? -0.744  -7.314  -8.919  1.00 43.88  ? 1822 VAL A CB  1 
ATOM   219 C CG1 . VAL A 1 29  ? 0.069   -8.161  -9.879  1.00 33.97  ? 1822 VAL A CG1 1 
ATOM   220 C CG2 . VAL A 1 29  ? 0.159   -6.381  -8.123  1.00 40.67  ? 1822 VAL A CG2 1 
ATOM   221 N N   . ASN A 1 30  ? -2.350  -7.346  -11.882 1.00 47.64  ? 1823 ASN A N   1 
ATOM   222 C CA  . ASN A 1 30  ? -3.024  -8.161  -12.884 1.00 40.73  ? 1823 ASN A CA  1 
ATOM   223 C C   . ASN A 1 30  ? -2.262  -9.465  -13.083 1.00 41.02  ? 1823 ASN A C   1 
ATOM   224 O O   . ASN A 1 30  ? -1.217  -9.479  -13.748 1.00 42.14  ? 1823 ASN A O   1 
ATOM   225 C CB  . ASN A 1 30  ? -3.132  -7.389  -14.203 1.00 47.42  ? 1823 ASN A CB  1 
ATOM   226 C CG  . ASN A 1 30  ? -4.095  -8.033  -15.188 1.00 53.55  ? 1823 ASN A CG  1 
ATOM   227 O OD1 . ASN A 1 30  ? -4.376  -9.230  -15.115 1.00 53.40  ? 1823 ASN A OD1 1 
ATOM   228 N ND2 . ASN A 1 30  ? -4.598  -7.235  -16.125 1.00 54.80  ? 1823 ASN A ND2 1 
ATOM   229 N N   . PRO A 1 31  ? -2.751  -10.580 -12.539 1.00 48.22  ? 1824 PRO A N   1 
ATOM   230 C CA  . PRO A 1 31  ? -2.024  -11.852 -12.697 1.00 46.22  ? 1824 PRO A CA  1 
ATOM   231 C C   . PRO A 1 31  ? -1.888  -12.300 -14.141 1.00 47.61  ? 1824 PRO A C   1 
ATOM   232 O O   . PRO A 1 31  ? -0.965  -13.062 -14.451 1.00 44.32  ? 1824 PRO A O   1 
ATOM   233 C CB  . PRO A 1 31  ? -2.864  -12.842 -11.878 1.00 43.10  ? 1824 PRO A CB  1 
ATOM   234 C CG  . PRO A 1 31  ? -4.225  -12.236 -11.835 1.00 47.82  ? 1824 PRO A CG  1 
ATOM   235 C CD  . PRO A 1 31  ? -4.015  -10.751 -11.804 1.00 47.97  ? 1824 PRO A CD  1 
ATOM   236 N N   . ARG A 1 32  ? -2.776  -11.856 -15.034 1.00 49.12  ? 1825 ARG A N   1 
ATOM   237 C CA  . ARG A 1 32  ? -2.618  -12.172 -16.449 1.00 47.77  ? 1825 ARG A CA  1 
ATOM   238 C C   . ARG A 1 32  ? -1.366  -11.539 -17.037 1.00 47.82  ? 1825 ARG A C   1 
ATOM   239 O O   . ARG A 1 32  ? -0.851  -12.029 -18.047 1.00 48.54  ? 1825 ARG A O   1 
ATOM   240 C CB  . ARG A 1 32  ? -3.844  -11.710 -17.236 1.00 50.38  ? 1825 ARG A CB  1 
ATOM   241 C CG  . ARG A 1 32  ? -5.134  -12.443 -16.896 1.00 46.95  ? 1825 ARG A CG  1 
ATOM   242 C CD  . ARG A 1 32  ? -6.334  -11.676 -17.428 1.00 45.47  ? 1825 ARG A CD  1 
ATOM   243 N NE  . ARG A 1 32  ? -7.570  -12.442 -17.331 1.00 45.92  ? 1825 ARG A NE  1 
ATOM   244 C CZ  . ARG A 1 32  ? -8.760  -11.988 -17.713 1.00 44.01  ? 1825 ARG A CZ  1 
ATOM   245 N NH1 . ARG A 1 32  ? -8.873  -10.772 -18.224 1.00 46.77  ? 1825 ARG A NH1 1 
ATOM   246 N NH2 . ARG A 1 32  ? -9.838  -12.755 -17.594 1.00 45.47  ? 1825 ARG A NH2 1 
ATOM   247 N N   . LEU A 1 33  ? -0.865  -10.468 -16.427 1.00 51.90  ? 1826 LEU A N   1 
ATOM   248 C CA  . LEU A 1 33  ? 0.318   -9.773  -16.917 1.00 47.85  ? 1826 LEU A CA  1 
ATOM   249 C C   . LEU A 1 33  ? 1.568   -10.079 -16.110 1.00 55.64  ? 1826 LEU A C   1 
ATOM   250 O O   . LEU A 1 33  ? 2.672   -10.070 -16.667 1.00 51.03  ? 1826 LEU A O   1 
ATOM   251 C CB  . LEU A 1 33  ? 0.071   -8.262  -16.918 1.00 49.58  ? 1826 LEU A CB  1 
ATOM   252 C CG  . LEU A 1 33  ? -1.129  -7.828  -17.765 1.00 52.00  ? 1826 LEU A CG  1 
ATOM   253 C CD1 . LEU A 1 33  ? -1.614  -6.442  -17.372 1.00 47.90  ? 1826 LEU A CD1 1 
ATOM   254 C CD2 . LEU A 1 33  ? -0.769  -7.879  -19.241 1.00 40.42  ? 1826 LEU A CD2 1 
ATOM   255 N N   . VAL A 1 34  ? 1.423   -10.357 -14.819 1.00 55.00  ? 1827 VAL A N   1 
ATOM   256 C CA  . VAL A 1 34  ? 2.552   -10.622 -13.938 1.00 52.69  ? 1827 VAL A CA  1 
ATOM   257 C C   . VAL A 1 34  ? 2.606   -12.130 -13.721 1.00 51.09  ? 1827 VAL A C   1 
ATOM   258 O O   . VAL A 1 34  ? 1.852   -12.686 -12.916 1.00 53.08  ? 1827 VAL A O   1 
ATOM   259 C CB  . VAL A 1 34  ? 2.432   -9.856  -12.620 1.00 54.32  ? 1827 VAL A CB  1 
ATOM   260 C CG1 . VAL A 1 34  ? 3.661   -10.085 -11.765 1.00 48.17  ? 1827 VAL A CG1 1 
ATOM   261 C CG2 . VAL A 1 34  ? 2.241   -8.372  -12.897 1.00 49.12  ? 1827 VAL A CG2 1 
ATOM   262 N N   . SER A 1 35  ? 3.501   -12.794 -14.447 1.00 51.13  ? 1828 SER A N   1 
ATOM   263 C CA  . SER A 1 35  ? 3.639   -14.238 -14.328 1.00 56.64  ? 1828 SER A CA  1 
ATOM   264 C C   . SER A 1 35  ? 4.100   -14.619 -12.927 1.00 57.39  ? 1828 SER A C   1 
ATOM   265 O O   . SER A 1 35  ? 5.104   -14.104 -12.424 1.00 60.81  ? 1828 SER A O   1 
ATOM   266 C CB  . SER A 1 35  ? 4.628   -14.757 -15.370 1.00 57.75  ? 1828 SER A CB  1 
ATOM   267 O OG  . SER A 1 35  ? 4.763   -16.164 -15.278 1.00 73.03  ? 1828 SER A OG  1 
ATOM   268 N N   . GLY A 1 36  ? 3.355   -15.521 -12.293 1.00 58.27  ? 1829 GLY A N   1 
ATOM   269 C CA  . GLY A 1 36  ? 3.720   -16.045 -10.997 1.00 58.72  ? 1829 GLY A CA  1 
ATOM   270 C C   . GLY A 1 36  ? 3.156   -15.297 -9.809  1.00 56.93  ? 1829 GLY A C   1 
ATOM   271 O O   . GLY A 1 36  ? 3.322   -15.765 -8.674  1.00 56.48  ? 1829 GLY A O   1 
ATOM   272 N N   . TYR A 1 37  ? 2.488   -14.159 -10.023 1.00 54.47  ? 1830 TYR A N   1 
ATOM   273 C CA  . TYR A 1 37  ? 2.008   -13.377 -8.887  1.00 53.33  ? 1830 TYR A CA  1 
ATOM   274 C C   . TYR A 1 37  ? 0.907   -14.110 -8.135  1.00 46.34  ? 1830 TYR A C   1 
ATOM   275 O O   . TYR A 1 37  ? 0.889   -14.112 -6.898  1.00 42.38  ? 1830 TYR A O   1 
ATOM   276 C CB  . TYR A 1 37  ? 1.515   -12.004 -9.345  1.00 45.64  ? 1830 TYR A CB  1 
ATOM   277 C CG  . TYR A 1 37  ? 1.426   -11.015 -8.202  1.00 39.15  ? 1830 TYR A CG  1 
ATOM   278 C CD1 . TYR A 1 37  ? 2.535   -10.279 -7.809  1.00 35.06  ? 1830 TYR A CD1 1 
ATOM   279 C CD2 . TYR A 1 37  ? 0.242   -10.843 -7.499  1.00 34.89  ? 1830 TYR A CD2 1 
ATOM   280 C CE1 . TYR A 1 37  ? 2.463   -9.386  -6.759  1.00 36.54  ? 1830 TYR A CE1 1 
ATOM   281 C CE2 . TYR A 1 37  ? 0.158   -9.950  -6.447  1.00 38.18  ? 1830 TYR A CE2 1 
ATOM   282 C CZ  . TYR A 1 37  ? 1.272   -9.226  -6.080  1.00 45.16  ? 1830 TYR A CZ  1 
ATOM   283 O OH  . TYR A 1 37  ? 1.195   -8.337  -5.030  1.00 34.80  ? 1830 TYR A OH  1 
ATOM   284 N N   . ARG A 1 38  ? -0.019  -14.731 -8.869  1.00 57.50  ? 1831 ARG A N   1 
ATOM   285 C CA  . ARG A 1 38  ? -1.106  -15.477 -8.244  1.00 56.11  ? 1831 ARG A CA  1 
ATOM   286 C C   . ARG A 1 38  ? -0.577  -16.508 -7.254  1.00 48.33  ? 1831 ARG A C   1 
ATOM   287 O O   . ARG A 1 38  ? -1.125  -16.668 -6.158  1.00 46.65  ? 1831 ARG A O   1 
ATOM   288 C CB  . ARG A 1 38  ? -1.945  -16.154 -9.330  1.00 57.51  ? 1831 ARG A CB  1 
ATOM   289 C CG  . ARG A 1 38  ? -3.427  -16.271 -9.020  1.00 64.87  ? 1831 ARG A CG  1 
ATOM   290 C CD  . ARG A 1 38  ? -4.118  -17.210 -10.005 1.00 59.27  ? 1831 ARG A CD  1 
ATOM   291 N NE  . ARG A 1 38  ? -4.239  -16.635 -11.342 1.00 67.49  ? 1831 ARG A NE  1 
ATOM   292 C CZ  . ARG A 1 38  ? -5.250  -15.864 -11.737 1.00 64.02  ? 1831 ARG A CZ  1 
ATOM   293 N NH1 . ARG A 1 38  ? -6.230  -15.572 -10.893 1.00 61.22  ? 1831 ARG A NH1 1 
ATOM   294 N NH2 . ARG A 1 38  ? -5.283  -15.384 -12.974 1.00 54.97  ? 1831 ARG A NH2 1 
ATOM   295 N N   . ARG A 1 39  ? 0.510   -17.195 -7.615  1.00 51.65  ? 1832 ARG A N   1 
ATOM   296 C CA  . ARG A 1 39  ? 1.026   -18.301 -6.814  1.00 46.85  ? 1832 ARG A CA  1 
ATOM   297 C C   . ARG A 1 39  ? 1.840   -17.830 -5.611  1.00 46.97  ? 1832 ARG A C   1 
ATOM   298 O O   . ARG A 1 39  ? 1.793   -18.465 -4.552  1.00 43.74  ? 1832 ARG A O   1 
ATOM   299 C CB  . ARG A 1 39  ? 1.867   -19.219 -7.708  1.00 49.51  ? 1832 ARG A CB  1 
ATOM   300 C CG  . ARG A 1 39  ? 2.759   -20.203 -6.975  1.00 48.43  ? 1832 ARG A CG  1 
ATOM   301 C CD  . ARG A 1 39  ? 3.431   -21.180 -7.936  1.00 43.31  ? 1832 ARG A CD  1 
ATOM   302 N NE  . ARG A 1 39  ? 4.261   -20.512 -8.938  1.00 52.04  ? 1832 ARG A NE  1 
ATOM   303 C CZ  . ARG A 1 39  ? 5.480   -20.030 -8.709  1.00 56.41  ? 1832 ARG A CZ  1 
ATOM   304 N NH1 . ARG A 1 39  ? 6.023   -20.129 -7.503  1.00 53.55  ? 1832 ARG A NH1 1 
ATOM   305 N NH2 . ARG A 1 39  ? 6.160   -19.444 -9.687  1.00 62.07  ? 1832 ARG A NH2 1 
ATOM   306 N N   . ILE A 1 40  ? 2.571   -16.725 -5.742  1.00 41.71  ? 1833 ILE A N   1 
ATOM   307 C CA  . ILE A 1 40  ? 3.499   -16.301 -4.695  1.00 39.94  ? 1833 ILE A CA  1 
ATOM   308 C C   . ILE A 1 40  ? 2.815   -15.434 -3.640  1.00 44.01  ? 1833 ILE A C   1 
ATOM   309 O O   . ILE A 1 40  ? 3.075   -15.585 -2.443  1.00 50.55  ? 1833 ILE A O   1 
ATOM   310 C CB  . ILE A 1 40  ? 4.701   -15.579 -5.335  1.00 39.48  ? 1833 ILE A CB  1 
ATOM   311 C CG1 . ILE A 1 40  ? 5.615   -16.595 -6.024  1.00 35.86  ? 1833 ILE A CG1 1 
ATOM   312 C CG2 . ILE A 1 40  ? 5.473   -14.777 -4.294  1.00 45.16  ? 1833 ILE A CG2 1 
ATOM   313 C CD1 . ILE A 1 40  ? 6.595   -15.985 -6.988  1.00 32.72  ? 1833 ILE A CD1 1 
ATOM   314 N N   . ILE A 1 41  ? 1.937   -14.522 -4.046  1.00 41.20  ? 1834 ILE A N   1 
ATOM   315 C CA  . ILE A 1 41  ? 1.299   -13.582 -3.129  1.00 41.74  ? 1834 ILE A CA  1 
ATOM   316 C C   . ILE A 1 41  ? -0.103  -14.088 -2.824  1.00 44.43  ? 1834 ILE A C   1 
ATOM   317 O O   . ILE A 1 41  ? -0.944  -14.192 -3.725  1.00 58.30  ? 1834 ILE A O   1 
ATOM   318 C CB  . ILE A 1 41  ? 1.264   -12.160 -3.712  1.00 43.98  ? 1834 ILE A CB  1 
ATOM   319 C CG1 . ILE A 1 41  ? 2.685   -11.615 -3.871  1.00 38.23  ? 1834 ILE A CG1 1 
ATOM   320 C CG2 . ILE A 1 41  ? 0.446   -11.236 -2.819  1.00 38.78  ? 1834 ILE A CG2 1 
ATOM   321 C CD1 . ILE A 1 41  ? 3.487   -11.641 -2.592  1.00 38.65  ? 1834 ILE A CD1 1 
ATOM   322 N N   . LYS A 1 42  ? -0.361  -14.391 -1.554  1.00 39.02  ? 1835 LYS A N   1 
ATOM   323 C CA  . LYS A 1 42  ? -1.624  -15.000 -1.161  1.00 49.79  ? 1835 LYS A CA  1 
ATOM   324 C C   . LYS A 1 42  ? -2.675  -13.990 -0.727  1.00 45.98  ? 1835 LYS A C   1 
ATOM   325 O O   . LYS A 1 42  ? -3.864  -14.326 -0.708  1.00 54.58  ? 1835 LYS A O   1 
ATOM   326 C CB  . LYS A 1 42  ? -1.394  -16.006 -0.031  1.00 48.98  ? 1835 LYS A CB  1 
ATOM   327 C CG  . LYS A 1 42  ? -1.097  -17.416 -0.518  1.00 50.16  ? 1835 LYS A CG  1 
ATOM   328 C CD  . LYS A 1 42  ? -1.209  -18.444 0.607   1.00 68.03  ? 1835 LYS A CD  1 
ATOM   329 C CE  . LYS A 1 42  ? -2.519  -18.307 1.374   1.00 63.99  ? 1835 LYS A CE  1 
ATOM   330 N NZ  . LYS A 1 42  ? -2.898  -19.565 2.077   1.00 70.89  ? 1835 LYS A NZ  1 
ATOM   331 N N   . ASN A 1 43  ? -2.276  -12.774 -0.366  1.00 44.37  ? 1836 ASN A N   1 
ATOM   332 C CA  . ASN A 1 43  ? -3.212  -11.728 0.048   1.00 46.56  ? 1836 ASN A CA  1 
ATOM   333 C C   . ASN A 1 43  ? -2.818  -10.421 -0.621  1.00 46.73  ? 1836 ASN A C   1 
ATOM   334 O O   . ASN A 1 43  ? -2.253  -9.523  0.014   1.00 46.07  ? 1836 ASN A O   1 
ATOM   335 C CB  . ASN A 1 43  ? -3.228  -11.585 1.570   1.00 43.79  ? 1836 ASN A CB  1 
ATOM   336 C CG  . ASN A 1 43  ? -3.482  -12.900 2.271   1.00 55.17  ? 1836 ASN A CG  1 
ATOM   337 O OD1 . ASN A 1 43  ? -2.825  -13.226 3.259   1.00 55.82  ? 1836 ASN A OD1 1 
ATOM   338 N ND2 . ASN A 1 43  ? -4.436  -13.669 1.758   1.00 60.29  ? 1836 ASN A ND2 1 
ATOM   339 N N   . PRO A 1 44  ? -3.098  -10.281 -1.920  1.00 49.31  ? 1837 PRO A N   1 
ATOM   340 C CA  . PRO A 1 44  ? -2.747  -9.039  -2.619  1.00 46.19  ? 1837 PRO A CA  1 
ATOM   341 C C   . PRO A 1 44  ? -3.453  -7.839  -2.008  1.00 34.17  ? 1837 PRO A C   1 
ATOM   342 O O   . PRO A 1 44  ? -4.534  -7.953  -1.428  1.00 43.33  ? 1837 PRO A O   1 
ATOM   343 C CB  . PRO A 1 44  ? -3.213  -9.290  -4.061  1.00 31.31  ? 1837 PRO A CB  1 
ATOM   344 C CG  . PRO A 1 44  ? -4.178  -10.418 -3.971  1.00 47.71  ? 1837 PRO A CG  1 
ATOM   345 C CD  . PRO A 1 44  ? -3.707  -11.268 -2.829  1.00 50.13  ? 1837 PRO A CD  1 
ATOM   346 N N   . MET A 1 45  ? -2.817  -6.679  -2.138  1.00 40.96  ? 1838 MET A N   1 
ATOM   347 C CA  . MET A 1 45  ? -3.359  -5.445  -1.590  1.00 42.14  ? 1838 MET A CA  1 
ATOM   348 C C   . MET A 1 45  ? -2.773  -4.280  -2.372  1.00 44.26  ? 1838 MET A C   1 
ATOM   349 O O   . MET A 1 45  ? -1.654  -4.362  -2.883  1.00 43.58  ? 1838 MET A O   1 
ATOM   350 C CB  . MET A 1 45  ? -3.053  -5.316  -0.094  1.00 36.17  ? 1838 MET A CB  1 
ATOM   351 C CG  . MET A 1 45  ? -3.660  -4.095  0.586   1.00 48.79  ? 1838 MET A CG  1 
ATOM   352 S SD  . MET A 1 45  ? -5.422  -3.890  0.257   1.00 52.22  ? 1838 MET A SD  1 
ATOM   353 C CE  . MET A 1 45  ? -6.097  -5.329  1.082   1.00 50.77  ? 1838 MET A CE  1 
ATOM   354 N N   . ASP A 1 46  ? -3.549  -3.205  -2.475  1.00 41.39  ? 1839 ASP A N   1 
ATOM   355 C CA  . ASP A 1 46  ? -3.141  -2.043  -3.250  1.00 44.37  ? 1839 ASP A CA  1 
ATOM   356 C C   . ASP A 1 46  ? -3.880  -0.822  -2.718  1.00 53.14  ? 1839 ASP A C   1 
ATOM   357 O O   . ASP A 1 46  ? -4.767  -0.929  -1.868  1.00 53.61  ? 1839 ASP A O   1 
ATOM   358 C CB  . ASP A 1 46  ? -3.410  -2.252  -4.741  1.00 48.44  ? 1839 ASP A CB  1 
ATOM   359 C CG  . ASP A 1 46  ? -4.881  -2.405  -5.045  1.00 49.65  ? 1839 ASP A CG  1 
ATOM   360 O OD1 . ASP A 1 46  ? -5.457  -3.460  -4.700  1.00 55.78  ? 1839 ASP A OD1 1 
ATOM   361 O OD2 . ASP A 1 46  ? -5.463  -1.466  -5.619  1.00 60.11  ? 1839 ASP A OD2 1 
ATOM   362 N N   . PHE A 1 47  ? -3.505  0.349   -3.242  1.00 40.33  ? 1840 PHE A N   1 
ATOM   363 C CA  . PHE A 1 47  ? -4.015  1.601   -2.690  1.00 46.55  ? 1840 PHE A CA  1 
ATOM   364 C C   . PHE A 1 47  ? -5.491  1.802   -3.016  1.00 47.47  ? 1840 PHE A C   1 
ATOM   365 O O   . PHE A 1 47  ? -6.240  2.350   -2.199  1.00 46.63  ? 1840 PHE A O   1 
ATOM   366 C CB  . PHE A 1 47  ? -3.182  2.779   -3.201  1.00 41.23  ? 1840 PHE A CB  1 
ATOM   367 C CG  . PHE A 1 47  ? -1.778  2.815   -2.658  1.00 33.23  ? 1840 PHE A CG  1 
ATOM   368 C CD1 . PHE A 1 47  ? -1.449  2.128   -1.500  1.00 34.93  ? 1840 PHE A CD1 1 
ATOM   369 C CD2 . PHE A 1 47  ? -0.788  3.537   -3.305  1.00 37.92  ? 1840 PHE A CD2 1 
ATOM   370 C CE1 . PHE A 1 47  ? -0.156  2.155   -1.001  1.00 42.21  ? 1840 PHE A CE1 1 
ATOM   371 C CE2 . PHE A 1 47  ? 0.509   3.573   -2.807  1.00 41.20  ? 1840 PHE A CE2 1 
ATOM   372 C CZ  . PHE A 1 47  ? 0.824   2.880   -1.654  1.00 34.10  ? 1840 PHE A CZ  1 
ATOM   373 N N   . SER A 1 48  ? -5.932  1.371   -4.201  1.00 51.07  ? 1841 SER A N   1 
ATOM   374 C CA  . SER A 1 48  ? -7.333  1.563   -4.564  1.00 54.77  ? 1841 SER A CA  1 
ATOM   375 C C   . SER A 1 48  ? -8.247  0.683   -3.721  1.00 54.46  ? 1841 SER A C   1 
ATOM   376 O O   . SER A 1 48  ? -9.348  1.106   -3.343  1.00 51.73  ? 1841 SER A O   1 
ATOM   377 C CB  . SER A 1 48  ? -7.542  1.285   -6.051  1.00 39.13  ? 1841 SER A CB  1 
ATOM   378 O OG  . SER A 1 48  ? -7.521  -0.103  -6.313  1.00 53.07  ? 1841 SER A OG  1 
ATOM   379 N N   . THR A 1 49  ? -7.816  -0.544  -3.417  1.00 46.19  ? 1842 THR A N   1 
ATOM   380 C CA  . THR A 1 49  ? -8.588  -1.385  -2.508  1.00 49.27  ? 1842 THR A CA  1 
ATOM   381 C C   . THR A 1 49  ? -8.659  -0.763  -1.117  1.00 52.72  ? 1842 THR A C   1 
ATOM   382 O O   . THR A 1 49  ? -9.712  -0.793  -0.467  1.00 55.50  ? 1842 THR A O   1 
ATOM   383 C CB  . THR A 1 49  ? -7.985  -2.789  -2.442  1.00 43.01  ? 1842 THR A CB  1 
ATOM   384 O OG1 . THR A 1 49  ? -8.010  -3.384  -3.743  1.00 38.61  ? 1842 THR A OG1 1 
ATOM   385 C CG2 . THR A 1 49  ? -8.773  -3.662  -1.482  1.00 31.76  ? 1842 THR A CG2 1 
ATOM   386 N N   . MET A 1 50  ? -7.553  -0.183  -0.645  1.00 41.25  ? 1843 MET A N   1 
ATOM   387 C CA  . MET A 1 50  ? -7.600  0.543   0.620   1.00 49.48  ? 1843 MET A CA  1 
ATOM   388 C C   . MET A 1 50  ? -8.505  1.762   0.512   1.00 52.84  ? 1843 MET A C   1 
ATOM   389 O O   . MET A 1 50  ? -9.210  2.108   1.467   1.00 48.76  ? 1843 MET A O   1 
ATOM   390 C CB  . MET A 1 50  ? -6.193  0.960   1.052   1.00 48.15  ? 1843 MET A CB  1 
ATOM   391 C CG  . MET A 1 50  ? -5.259  -0.196  1.366   1.00 53.05  ? 1843 MET A CG  1 
ATOM   392 S SD  . MET A 1 50  ? -3.534  0.326   1.464   1.00 46.40  ? 1843 MET A SD  1 
ATOM   393 C CE  . MET A 1 50  ? -3.575  1.334   2.945   1.00 43.66  ? 1843 MET A CE  1 
ATOM   394 N N   . ARG A 1 51  ? -8.497  2.426   -0.648  1.00 55.70  ? 1844 ARG A N   1 
ATOM   395 C CA  . ARG A 1 51  ? -9.381  3.567   -0.867  1.00 53.50  ? 1844 ARG A CA  1 
ATOM   396 C C   . ARG A 1 51  ? -10.841 3.138   -0.832  1.00 59.44  ? 1844 ARG A C   1 
ATOM   397 O O   . ARG A 1 51  ? -11.668 3.764   -0.157  1.00 58.08  ? 1844 ARG A O   1 
ATOM   398 C CB  . ARG A 1 51  ? -9.046  4.239   -2.201  1.00 51.88  ? 1844 ARG A CB  1 
ATOM   399 C CG  . ARG A 1 51  ? -10.065 5.273   -2.669  1.00 37.50  ? 1844 ARG A CG  1 
ATOM   400 C CD  . ARG A 1 51  ? -10.175 6.430   -1.690  1.00 47.48  ? 1844 ARG A CD  1 
ATOM   401 N NE  . ARG A 1 51  ? -8.962  7.244   -1.657  1.00 42.26  ? 1844 ARG A NE  1 
ATOM   402 C CZ  . ARG A 1 51  ? -8.692  8.141   -0.712  1.00 48.94  ? 1844 ARG A CZ  1 
ATOM   403 N NH1 . ARG A 1 51  ? -9.550  8.342   0.277   1.00 49.46  ? 1844 ARG A NH1 1 
ATOM   404 N NH2 . ARG A 1 51  ? -7.562  8.837   -0.753  1.00 47.50  ? 1844 ARG A NH2 1 
ATOM   405 N N   . GLU A 1 52  ? -11.175 2.068   -1.561  1.00 56.25  ? 1845 GLU A N   1 
ATOM   406 C CA  . GLU A 1 52  ? -12.530 1.528   -1.538  1.00 47.68  ? 1845 GLU A CA  1 
ATOM   407 C C   . GLU A 1 52  ? -12.996 1.283   -0.111  1.00 57.09  ? 1845 GLU A C   1 
ATOM   408 O O   . GLU A 1 52  ? -14.075 1.734   0.293   1.00 63.82  ? 1845 GLU A O   1 
ATOM   409 C CB  . GLU A 1 52  ? -12.593 0.224   -2.335  1.00 65.08  ? 1845 GLU A CB  1 
ATOM   410 C CG  . GLU A 1 52  ? -12.543 0.374   -3.844  1.00 62.90  ? 1845 GLU A CG  1 
ATOM   411 C CD  . GLU A 1 52  ? -12.508 -0.971  -4.544  1.00 68.81  ? 1845 GLU A CD  1 
ATOM   412 O OE1 . GLU A 1 52  ? -12.705 -1.997  -3.855  1.00 69.26  ? 1845 GLU A OE1 1 
ATOM   413 O OE2 . GLU A 1 52  ? -12.282 -1.006  -5.772  1.00 66.20  ? 1845 GLU A OE2 1 
ATOM   414 N N   . ARG A 1 53  ? -12.183 0.575   0.674   1.00 58.34  ? 1846 ARG A N   1 
ATOM   415 C CA  . ARG A 1 53  ? -12.610 0.188   2.013   1.00 53.13  ? 1846 ARG A CA  1 
ATOM   416 C C   . ARG A 1 53  ? -12.695 1.390   2.943   1.00 54.40  ? 1846 ARG A C   1 
ATOM   417 O O   . ARG A 1 53  ? -13.632 1.495   3.741   1.00 70.16  ? 1846 ARG A O   1 
ATOM   418 C CB  . ARG A 1 53  ? -11.666 -0.870  2.584   1.00 60.05  ? 1846 ARG A CB  1 
ATOM   419 C CG  . ARG A 1 53  ? -11.976 -1.218  4.028   1.00 69.39  ? 1846 ARG A CG  1 
ATOM   420 C CD  . ARG A 1 53  ? -11.212 -2.434  4.513   1.00 69.15  ? 1846 ARG A CD  1 
ATOM   421 N NE  . ARG A 1 53  ? -11.388 -2.621  5.951   1.00 77.20  ? 1846 ARG A NE  1 
ATOM   422 C CZ  . ARG A 1 53  ? -10.575 -3.336  6.721   1.00 81.02  ? 1846 ARG A CZ  1 
ATOM   423 N NH1 . ARG A 1 53  ? -9.520  -3.939  6.193   1.00 68.89  ? 1846 ARG A NH1 1 
ATOM   424 N NH2 . ARG A 1 53  ? -10.819 -3.444  8.022   1.00 76.84  ? 1846 ARG A NH2 1 
ATOM   425 N N   . LEU A 1 54  ? -11.727 2.306   2.856   1.00 63.35  ? 1847 LEU A N   1 
ATOM   426 C CA  . LEU A 1 54  ? -11.733 3.469   3.739   1.00 63.98  ? 1847 LEU A CA  1 
ATOM   427 C C   . LEU A 1 54  ? -12.946 4.354   3.482   1.00 63.75  ? 1847 LEU A C   1 
ATOM   428 O O   . LEU A 1 54  ? -13.597 4.813   4.429   1.00 60.22  ? 1847 LEU A O   1 
ATOM   429 C CB  . LEU A 1 54  ? -10.441 4.268   3.569   1.00 55.62  ? 1847 LEU A CB  1 
ATOM   430 C CG  . LEU A 1 54  ? -10.332 5.548   4.400   1.00 52.09  ? 1847 LEU A CG  1 
ATOM   431 C CD1 . LEU A 1 54  ? -10.464 5.235   5.882   1.00 58.14  ? 1847 LEU A CD1 1 
ATOM   432 C CD2 . LEU A 1 54  ? -9.024  6.270   4.112   1.00 64.61  ? 1847 LEU A CD2 1 
ATOM   433 N N   . LEU A 1 55  ? -13.258 4.612   2.209   1.00 60.52  ? 1848 LEU A N   1 
ATOM   434 C CA  . LEU A 1 55  ? -14.437 5.397   1.856   1.00 65.79  ? 1848 LEU A CA  1 
ATOM   435 C C   . LEU A 1 55  ? -15.688 4.816   2.498   1.00 72.73  ? 1848 LEU A C   1 
ATOM   436 O O   . LEU A 1 55  ? -16.414 5.494   3.232   1.00 75.71  ? 1848 LEU A O   1 
ATOM   437 C CB  . LEU A 1 55  ? -14.602 5.429   0.336   1.00 54.52  ? 1848 LEU A CB  1 
ATOM   438 C CG  . LEU A 1 55  ? -13.759 6.404   -0.475  1.00 60.04  ? 1848 LEU A CG  1 
ATOM   439 C CD1 . LEU A 1 55  ? -14.315 6.472   -1.883  1.00 63.56  ? 1848 LEU A CD1 1 
ATOM   440 C CD2 . LEU A 1 55  ? -13.763 7.775   0.176   1.00 49.85  ? 1848 LEU A CD2 1 
ATOM   441 N N   . ARG A 1 56  ? -15.922 3.538   2.209   1.00 75.27  ? 1849 ARG A N   1 
ATOM   442 C CA  . ARG A 1 56  ? -17.038 2.768   2.699   1.00 63.98  ? 1849 ARG A CA  1 
ATOM   443 C C   . ARG A 1 56  ? -16.955 2.476   4.180   1.00 69.55  ? 1849 ARG A C   1 
ATOM   444 O O   . ARG A 1 56  ? -17.696 1.721   4.691   1.00 73.84  ? 1849 ARG A O   1 
ATOM   445 C CB  . ARG A 1 56  ? -17.160 1.497   1.908   1.00 51.31  ? 1849 ARG A CB  1 
ATOM   446 C CG  . ARG A 1 56  ? -18.557 0.988   1.724   1.00 68.84  ? 1849 ARG A CG  1 
ATOM   447 C CD  . ARG A 1 56  ? -18.626 -0.520  1.761   1.00 71.22  ? 1849 ARG A CD  1 
ATOM   448 N NE  . ARG A 1 56  ? -19.883 -1.067  2.288   1.00 82.03  ? 1849 ARG A NE  1 
ATOM   449 C CZ  . ARG A 1 56  ? -20.606 -0.597  3.309   1.00 88.46  ? 1849 ARG A CZ  1 
ATOM   450 N NH1 . ARG A 1 56  ? -20.247 0.456   3.998   1.00 83.06  ? 1849 ARG A NH1 1 
ATOM   451 N NH2 . ARG A 1 56  ? -21.716 -1.205  3.648   1.00 78.54  ? 1849 ARG A NH2 1 
ATOM   452 N N   . GLY A 1 57  ? -15.982 3.038   4.854   1.00 76.64  ? 1850 GLY A N   1 
ATOM   453 C CA  . GLY A 1 57  ? -15.863 2.975   6.302   1.00 73.01  ? 1850 GLY A CA  1 
ATOM   454 C C   . GLY A 1 57  ? -15.375 1.664   6.878   1.00 74.67  ? 1850 GLY A C   1 
ATOM   455 O O   . GLY A 1 57  ? -15.340 1.529   8.106   1.00 71.54  ? 1850 GLY A O   1 
ATOM   456 N N   . GLY A 1 58  ? -14.968 0.711   6.042   1.00 77.49  ? 1851 GLY A N   1 
ATOM   457 C CA  . GLY A 1 58  ? -14.635 -0.624  6.503   1.00 78.20  ? 1851 GLY A CA  1 
ATOM   458 C C   . GLY A 1 58  ? -13.435 -0.757  7.423   1.00 76.85  ? 1851 GLY A C   1 
ATOM   459 O O   . GLY A 1 58  ? -13.044 -1.879  7.748   1.00 81.82  ? 1851 GLY A O   1 
ATOM   460 N N   . TYR A 1 59  ? -12.840 0.353   7.858   1.00 69.49  ? 1852 TYR A N   1 
ATOM   461 C CA  . TYR A 1 59  ? -11.683 0.319   8.748   1.00 75.82  ? 1852 TYR A CA  1 
ATOM   462 C C   . TYR A 1 59  ? -12.146 0.655   10.161  1.00 79.20  ? 1852 TYR A C   1 
ATOM   463 O O   . TYR A 1 59  ? -12.578 1.780   10.429  1.00 83.98  ? 1852 TYR A O   1 
ATOM   464 C CB  . TYR A 1 59  ? -10.598 1.284   8.275   1.00 75.17  ? 1852 TYR A CB  1 
ATOM   465 C CG  . TYR A 1 59  ? -9.774  0.750   7.126   1.00 68.32  ? 1852 TYR A CG  1 
ATOM   466 C CD1 . TYR A 1 59  ? -9.006  -0.398  7.272   1.00 68.79  ? 1852 TYR A CD1 1 
ATOM   467 C CD2 . TYR A 1 59  ? -9.766  1.392   5.893   1.00 64.51  ? 1852 TYR A CD2 1 
ATOM   468 C CE1 . TYR A 1 59  ? -8.250  -0.891  6.219   1.00 68.57  ? 1852 TYR A CE1 1 
ATOM   469 C CE2 . TYR A 1 59  ? -9.015  0.907   4.836   1.00 50.67  ? 1852 TYR A CE2 1 
ATOM   470 C CZ  . TYR A 1 59  ? -8.260  -0.232  5.004   1.00 57.80  ? 1852 TYR A CZ  1 
ATOM   471 O OH  . TYR A 1 59  ? -7.515  -0.713  3.952   1.00 54.74  ? 1852 TYR A OH  1 
ATOM   472 N N   . THR A 1 60  ? -12.060 -0.328  11.060  1.00 82.17  ? 1853 THR A N   1 
ATOM   473 C CA  . THR A 1 60  ? -12.519 -0.120  12.430  1.00 79.63  ? 1853 THR A CA  1 
ATOM   474 C C   . THR A 1 60  ? -11.601 0.838   13.180  1.00 83.45  ? 1853 THR A C   1 
ATOM   475 O O   . THR A 1 60  ? -12.073 1.714   13.915  1.00 90.42  ? 1853 THR A O   1 
ATOM   476 C CB  . THR A 1 60  ? -12.608 -1.459  13.161  1.00 78.83  ? 1853 THR A CB  1 
ATOM   477 O OG1 . THR A 1 60  ? -13.341 -2.395  12.359  1.00 88.62  ? 1853 THR A OG1 1 
ATOM   478 C CG2 . THR A 1 60  ? -13.305 -1.287  14.502  1.00 81.72  ? 1853 THR A CG2 1 
ATOM   479 N N   . SER A 1 61  ? -10.292 0.687   13.008  1.00 89.38  ? 1854 SER A N   1 
ATOM   480 C CA  . SER A 1 61  ? -9.308  1.540   13.655  1.00 83.34  ? 1854 SER A CA  1 
ATOM   481 C C   . SER A 1 61  ? -8.245  1.914   12.634  1.00 80.16  ? 1854 SER A C   1 
ATOM   482 O O   . SER A 1 61  ? -8.285  1.486   11.476  1.00 73.50  ? 1854 SER A O   1 
ATOM   483 C CB  . SER A 1 61  ? -8.681  0.845   14.869  1.00 80.06  ? 1854 SER A CB  1 
ATOM   484 O OG  . SER A 1 61  ? -7.532  0.108   14.489  1.00 85.53  ? 1854 SER A OG  1 
ATOM   485 N N   . SER A 1 62  ? -7.278  2.719   13.072  1.00 82.67  ? 1855 SER A N   1 
ATOM   486 C CA  . SER A 1 62  ? -6.199  3.114   12.177  1.00 77.02  ? 1855 SER A CA  1 
ATOM   487 C C   . SER A 1 62  ? -5.167  2.008   11.996  1.00 80.23  ? 1855 SER A C   1 
ATOM   488 O O   . SER A 1 62  ? -4.487  1.969   10.965  1.00 76.42  ? 1855 SER A O   1 
ATOM   489 C CB  . SER A 1 62  ? -5.529  4.384   12.697  1.00 79.23  ? 1855 SER A CB  1 
ATOM   490 O OG  . SER A 1 62  ? -4.822  4.128   13.898  1.00 84.35  ? 1855 SER A OG  1 
ATOM   491 N N   . GLU A 1 63  ? -5.041  1.101   12.973  1.00 79.90  ? 1856 GLU A N   1 
ATOM   492 C CA  . GLU A 1 63  ? -4.071  0.017   12.845  1.00 74.60  ? 1856 GLU A CA  1 
ATOM   493 C C   . GLU A 1 63  ? -4.515  -1.023  11.829  1.00 68.21  ? 1856 GLU A C   1 
ATOM   494 O O   . GLU A 1 63  ? -3.676  -1.698  11.228  1.00 71.42  ? 1856 GLU A O   1 
ATOM   495 C CB  . GLU A 1 63  ? -3.814  -0.639  14.201  1.00 78.35  ? 1856 GLU A CB  1 
ATOM   496 C CG  . GLU A 1 63  ? -3.441  0.333   15.306  1.00 85.10  ? 1856 GLU A CG  1 
ATOM   497 C CD  . GLU A 1 63  ? -4.553  0.538   16.318  1.00 92.25  ? 1856 GLU A CD  1 
ATOM   498 O OE1 . GLU A 1 63  ? -4.537  1.586   16.998  1.00 94.33  ? 1856 GLU A OE1 1 
ATOM   499 O OE2 . GLU A 1 63  ? -5.428  -0.347  16.450  1.00 85.22  ? 1856 GLU A OE2 1 
ATOM   500 N N   . GLU A 1 64  ? -5.821  -1.188  11.636  1.00 71.72  ? 1857 GLU A N   1 
ATOM   501 C CA  . GLU A 1 64  ? -6.286  -1.994  10.513  1.00 73.87  ? 1857 GLU A CA  1 
ATOM   502 C C   . GLU A 1 64  ? -5.912  -1.346  9.187   1.00 66.62  ? 1857 GLU A C   1 
ATOM   503 O O   . GLU A 1 64  ? -5.626  -2.048  8.211   1.00 64.24  ? 1857 GLU A O   1 
ATOM   504 C CB  . GLU A 1 64  ? -7.804  -2.207  10.590  1.00 77.18  ? 1857 GLU A CB  1 
ATOM   505 C CG  . GLU A 1 64  ? -8.331  -2.390  12.003  1.00 81.45  ? 1857 GLU A CG  1 
ATOM   506 C CD  . GLU A 1 64  ? -9.536  -3.308  12.048  1.00 84.98  ? 1857 GLU A CD  1 
ATOM   507 O OE1 . GLU A 1 64  ? -10.057 -3.645  10.963  1.00 88.32  ? 1857 GLU A OE1 1 
ATOM   508 O OE2 . GLU A 1 64  ? -9.959  -3.697  13.156  1.00 95.79  ? 1857 GLU A OE2 1 
ATOM   509 N N   . PHE A 1 65  ? -5.896  -0.013  9.142   1.00 60.93  ? 1858 PHE A N   1 
ATOM   510 C CA  . PHE A 1 65  ? -5.453  0.689   7.942   1.00 64.19  ? 1858 PHE A CA  1 
ATOM   511 C C   . PHE A 1 65  ? -3.963  0.474   7.707   1.00 66.23  ? 1858 PHE A C   1 
ATOM   512 O O   . PHE A 1 65  ? -3.536  0.189   6.582   1.00 64.65  ? 1858 PHE A O   1 
ATOM   513 C CB  . PHE A 1 65  ? -5.780  2.179   8.067   1.00 56.64  ? 1858 PHE A CB  1 
ATOM   514 C CG  . PHE A 1 65  ? -5.222  3.026   6.961   1.00 57.53  ? 1858 PHE A CG  1 
ATOM   515 C CD1 . PHE A 1 65  ? -4.050  3.745   7.145   1.00 59.42  ? 1858 PHE A CD1 1 
ATOM   516 C CD2 . PHE A 1 65  ? -5.876  3.120   5.744   1.00 58.72  ? 1858 PHE A CD2 1 
ATOM   517 C CE1 . PHE A 1 65  ? -3.536  4.532   6.132   1.00 51.95  ? 1858 PHE A CE1 1 
ATOM   518 C CE2 . PHE A 1 65  ? -5.366  3.904   4.726   1.00 59.72  ? 1858 PHE A CE2 1 
ATOM   519 C CZ  . PHE A 1 65  ? -4.194  4.613   4.922   1.00 53.20  ? 1858 PHE A CZ  1 
ATOM   520 N N   . ALA A 1 66  ? -3.156  0.591   8.765   1.00 66.83  ? 1859 ALA A N   1 
ATOM   521 C CA  . ALA A 1 66  ? -1.715  0.408   8.623   1.00 62.33  ? 1859 ALA A CA  1 
ATOM   522 C C   . ALA A 1 66  ? -1.364  -1.010  8.200   1.00 58.26  ? 1859 ALA A C   1 
ATOM   523 O O   . ALA A 1 66  ? -0.402  -1.212  7.450   1.00 53.08  ? 1859 ALA A O   1 
ATOM   524 C CB  . ALA A 1 66  ? -1.007  0.752   9.930   1.00 64.10  ? 1859 ALA A CB  1 
ATOM   525 N N   . ALA A 1 67  ? -2.123  -2.002  8.671   1.00 55.52  ? 1860 ALA A N   1 
ATOM   526 C CA  . ALA A 1 67  ? -1.849  -3.386  8.300   1.00 50.05  ? 1860 ALA A CA  1 
ATOM   527 C C   . ALA A 1 67  ? -1.964  -3.580  6.795   1.00 52.40  ? 1860 ALA A C   1 
ATOM   528 O O   . ALA A 1 67  ? -1.083  -4.177  6.165   1.00 56.50  ? 1860 ALA A O   1 
ATOM   529 C CB  . ALA A 1 67  ? -2.799  -4.326  9.042   1.00 51.70  ? 1860 ALA A CB  1 
ATOM   530 N N   . ASP A 1 68  ? -3.044  -3.072  6.196   1.00 57.49  ? 1861 ASP A N   1 
ATOM   531 C CA  . ASP A 1 68  ? -3.198  -3.178  4.749   1.00 54.81  ? 1861 ASP A CA  1 
ATOM   532 C C   . ASP A 1 68  ? -2.104  -2.410  4.015   1.00 46.14  ? 1861 ASP A C   1 
ATOM   533 O O   . ASP A 1 68  ? -1.688  -2.814  2.923   1.00 44.44  ? 1861 ASP A O   1 
ATOM   534 C CB  . ASP A 1 68  ? -4.581  -2.674  4.329   1.00 48.19  ? 1861 ASP A CB  1 
ATOM   535 C CG  . ASP A 1 68  ? -5.604  -3.792  4.231   1.00 59.89  ? 1861 ASP A CG  1 
ATOM   536 O OD1 . ASP A 1 68  ? -5.224  -4.968  4.397   1.00 60.03  ? 1861 ASP A OD1 1 
ATOM   537 O OD2 . ASP A 1 68  ? -6.791  -3.495  3.982   1.00 70.82  ? 1861 ASP A OD2 1 
ATOM   538 N N   . ALA A 1 69  ? -1.623  -1.311  4.596   1.00 37.27  ? 1862 ALA A N   1 
ATOM   539 C CA  . ALA A 1 69  ? -0.539  -0.562  3.970   1.00 44.48  ? 1862 ALA A CA  1 
ATOM   540 C C   . ALA A 1 69  ? 0.758   -1.362  3.989   1.00 50.96  ? 1862 ALA A C   1 
ATOM   541 O O   . ALA A 1 69  ? 1.445   -1.476  2.967   1.00 47.03  ? 1862 ALA A O   1 
ATOM   542 C CB  . ALA A 1 69  ? -0.354  0.784   4.673   1.00 48.65  ? 1862 ALA A CB  1 
ATOM   543 N N   . LEU A 1 70  ? 1.105   -1.933  5.145   1.00 51.44  ? 1863 LEU A N   1 
ATOM   544 C CA  . LEU A 1 70  ? 2.303   -2.760  5.224   1.00 45.95  ? 1863 LEU A CA  1 
ATOM   545 C C   . LEU A 1 70  ? 2.173   -4.015  4.371   1.00 43.47  ? 1863 LEU A C   1 
ATOM   546 O O   . LEU A 1 70  ? 3.182   -4.539  3.887   1.00 42.53  ? 1863 LEU A O   1 
ATOM   547 C CB  . LEU A 1 70  ? 2.591   -3.126  6.677   1.00 47.80  ? 1863 LEU A CB  1 
ATOM   548 C CG  . LEU A 1 70  ? 2.777   -1.927  7.605   1.00 47.33  ? 1863 LEU A CG  1 
ATOM   549 C CD1 . LEU A 1 70  ? 3.128   -2.386  9.012   1.00 52.18  ? 1863 LEU A CD1 1 
ATOM   550 C CD2 . LEU A 1 70  ? 3.839   -0.988  7.051   1.00 37.55  ? 1863 LEU A CD2 1 
ATOM   551 N N   . LEU A 1 71  ? 0.948   -4.505  4.174   1.00 39.05  ? 1864 LEU A N   1 
ATOM   552 C CA  . LEU A 1 71  ? 0.747   -5.663  3.310   1.00 39.14  ? 1864 LEU A CA  1 
ATOM   553 C C   . LEU A 1 71  ? 1.099   -5.345  1.861   1.00 51.08  ? 1864 LEU A C   1 
ATOM   554 O O   . LEU A 1 71  ? 1.612   -6.214  1.145   1.00 45.52  ? 1864 LEU A O   1 
ATOM   555 C CB  . LEU A 1 71  ? -0.697  -6.150  3.425   1.00 42.53  ? 1864 LEU A CB  1 
ATOM   556 C CG  . LEU A 1 71  ? -1.135  -7.339  2.574   1.00 48.32  ? 1864 LEU A CG  1 
ATOM   557 C CD1 . LEU A 1 71  ? -0.162  -8.501  2.709   1.00 39.19  ? 1864 LEU A CD1 1 
ATOM   558 C CD2 . LEU A 1 71  ? -2.541  -7.762  2.970   1.00 45.60  ? 1864 LEU A CD2 1 
ATOM   559 N N   . VAL A 1 72  ? 0.840   -4.113  1.416   1.00 44.11  ? 1865 VAL A N   1 
ATOM   560 C CA  . VAL A 1 72  ? 1.246   -3.708  0.071   1.00 46.41  ? 1865 VAL A CA  1 
ATOM   561 C C   . VAL A 1 72  ? 2.745   -3.906  -0.111  1.00 41.40  ? 1865 VAL A C   1 
ATOM   562 O O   . VAL A 1 72  ? 3.200   -4.474  -1.112  1.00 42.10  ? 1865 VAL A O   1 
ATOM   563 C CB  . VAL A 1 72  ? 0.840   -2.246  -0.201  1.00 32.97  ? 1865 VAL A CB  1 
ATOM   564 C CG1 . VAL A 1 72  ? 1.335   -1.809  -1.562  1.00 31.92  ? 1865 VAL A CG1 1 
ATOM   565 C CG2 . VAL A 1 72  ? -0.667  -2.077  -0.102  1.00 43.75  ? 1865 VAL A CG2 1 
ATOM   566 N N   . PHE A 1 73  ? 3.535   -3.455  0.867   1.00 33.45  ? 1866 PHE A N   1 
ATOM   567 C CA  . PHE A 1 73  ? 4.985   -3.455  0.716   1.00 40.94  ? 1866 PHE A CA  1 
ATOM   568 C C   . PHE A 1 73  ? 5.601   -4.813  1.031   1.00 40.85  ? 1866 PHE A C   1 
ATOM   569 O O   . PHE A 1 73  ? 6.612   -5.181  0.423   1.00 42.17  ? 1866 PHE A O   1 
ATOM   570 C CB  . PHE A 1 73  ? 5.587   -2.359  1.594   1.00 38.77  ? 1866 PHE A CB  1 
ATOM   571 C CG  . PHE A 1 73  ? 4.905   -1.032  1.435   1.00 37.09  ? 1866 PHE A CG  1 
ATOM   572 C CD1 . PHE A 1 73  ? 4.766   -0.463  0.179   1.00 37.31  ? 1866 PHE A CD1 1 
ATOM   573 C CD2 . PHE A 1 73  ? 4.370   -0.372  2.527   1.00 32.19  ? 1866 PHE A CD2 1 
ATOM   574 C CE1 . PHE A 1 73  ? 4.127   0.749   0.020   1.00 30.81  ? 1866 PHE A CE1 1 
ATOM   575 C CE2 . PHE A 1 73  ? 3.726   0.842   2.372   1.00 33.41  ? 1866 PHE A CE2 1 
ATOM   576 C CZ  . PHE A 1 73  ? 3.608   1.404   1.118   1.00 34.35  ? 1866 PHE A CZ  1 
ATOM   577 N N   . ASP A 1 74  ? 5.014   -5.569  1.962   1.00 45.07  ? 1867 ASP A N   1 
ATOM   578 C CA  . ASP A 1 74  ? 5.451   -6.945  2.170   1.00 34.51  ? 1867 ASP A CA  1 
ATOM   579 C C   . ASP A 1 74  ? 5.284   -7.762  0.894   1.00 34.46  ? 1867 ASP A C   1 
ATOM   580 O O   . ASP A 1 74  ? 6.200   -8.481  0.479   1.00 44.88  ? 1867 ASP A O   1 
ATOM   581 C CB  . ASP A 1 74  ? 4.676   -7.578  3.326   1.00 39.86  ? 1867 ASP A CB  1 
ATOM   582 C CG  . ASP A 1 74  ? 5.042   -6.978  4.674   1.00 39.55  ? 1867 ASP A CG  1 
ATOM   583 O OD1 . ASP A 1 74  ? 6.155   -6.426  4.803   1.00 44.39  ? 1867 ASP A OD1 1 
ATOM   584 O OD2 . ASP A 1 74  ? 4.212   -7.056  5.604   1.00 44.90  ? 1867 ASP A OD2 1 
ATOM   585 N N   . ASN A 1 75  ? 4.120   -7.652  0.249   1.00 37.53  ? 1868 ASN A N   1 
ATOM   586 C CA  . ASN A 1 75  ? 3.914   -8.336  -1.023  1.00 37.35  ? 1868 ASN A CA  1 
ATOM   587 C C   . ASN A 1 75  ? 4.905   -7.849  -2.069  1.00 36.95  ? 1868 ASN A C   1 
ATOM   588 O O   . ASN A 1 75  ? 5.394   -8.638  -2.888  1.00 39.63  ? 1868 ASN A O   1 
ATOM   589 C CB  . ASN A 1 75  ? 2.481   -8.126  -1.516  1.00 40.00  ? 1868 ASN A CB  1 
ATOM   590 C CG  . ASN A 1 75  ? 1.448   -8.767  -0.609  1.00 44.61  ? 1868 ASN A CG  1 
ATOM   591 O OD1 . ASN A 1 75  ? 1.757   -9.662  0.176   1.00 55.49  ? 1868 ASN A OD1 1 
ATOM   592 N ND2 . ASN A 1 75  ? 0.206   -8.305  -0.714  1.00 44.44  ? 1868 ASN A ND2 1 
ATOM   593 N N   . CYS A 1 76  ? 5.208   -6.549  -2.060  1.00 30.63  ? 1869 CYS A N   1 
ATOM   594 C CA  . CYS A 1 76  ? 6.180   -5.998  -3.000  1.00 33.72  ? 1869 CYS A CA  1 
ATOM   595 C C   . CYS A 1 76  ? 7.556   -6.621  -2.794  1.00 35.96  ? 1869 CYS A C   1 
ATOM   596 O O   . CYS A 1 76  ? 8.169   -7.136  -3.739  1.00 32.34  ? 1869 CYS A O   1 
ATOM   597 C CB  . CYS A 1 76  ? 6.245   -4.477  -2.847  1.00 32.70  ? 1869 CYS A CB  1 
ATOM   598 S SG  . CYS A 1 76  ? 7.271   -3.631  -4.065  1.00 40.73  ? 1869 CYS A SG  1 
ATOM   599 N N   . GLN A 1 77  ? 8.056   -6.591  -1.553  1.00 39.63  ? 1870 GLN A N   1 
ATOM   600 C CA  . GLN A 1 77  ? 9.372   -7.156  -1.264  1.00 44.12  ? 1870 GLN A CA  1 
ATOM   601 C C   . GLN A 1 77  ? 9.392   -8.666  -1.451  1.00 35.12  ? 1870 GLN A C   1 
ATOM   602 O O   . GLN A 1 77  ? 10.434  -9.230  -1.799  1.00 40.83  ? 1870 GLN A O   1 
ATOM   603 C CB  . GLN A 1 77  ? 9.806   -6.789  0.156   1.00 35.66  ? 1870 GLN A CB  1 
ATOM   604 C CG  . GLN A 1 77  ? 10.230  -5.338  0.314   1.00 30.42  ? 1870 GLN A CG  1 
ATOM   605 C CD  . GLN A 1 77  ? 10.284  -4.899  1.759   1.00 41.24  ? 1870 GLN A CD  1 
ATOM   606 O OE1 . GLN A 1 77  ? 11.361  -4.805  2.352   1.00 53.19  ? 1870 GLN A OE1 1 
ATOM   607 N NE2 . GLN A 1 77  ? 9.123   -4.628  2.339   1.00 40.38  ? 1870 GLN A NE2 1 
ATOM   608 N N   . THR A 1 78  ? 8.260   -9.335  -1.231  1.00 37.18  ? 1871 THR A N   1 
ATOM   609 C CA  . THR A 1 78  ? 8.198   -10.775 -1.465  1.00 38.25  ? 1871 THR A CA  1 
ATOM   610 C C   . THR A 1 78  ? 8.380   -11.100 -2.941  1.00 40.37  ? 1871 THR A C   1 
ATOM   611 O O   . THR A 1 78  ? 9.143   -12.007 -3.299  1.00 44.20  ? 1871 THR A O   1 
ATOM   612 C CB  . THR A 1 78  ? 6.871   -11.338 -0.960  1.00 35.48  ? 1871 THR A CB  1 
ATOM   613 O OG1 . THR A 1 78  ? 6.755   -11.111 0.451   1.00 31.50  ? 1871 THR A OG1 1 
ATOM   614 C CG2 . THR A 1 78  ? 6.787   -12.832 -1.243  1.00 32.23  ? 1871 THR A CG2 1 
ATOM   615 N N   . PHE A 1 79  ? 7.698   -10.364 -3.820  1.00 35.14  ? 1872 PHE A N   1 
ATOM   616 C CA  . PHE A 1 79  ? 7.697   -10.718 -5.233  1.00 38.83  ? 1872 PHE A CA  1 
ATOM   617 C C   . PHE A 1 79  ? 8.819   -10.058 -6.025  1.00 37.63  ? 1872 PHE A C   1 
ATOM   618 O O   . PHE A 1 79  ? 9.339   -10.660 -6.970  1.00 40.82  ? 1872 PHE A O   1 
ATOM   619 C CB  . PHE A 1 79  ? 6.351   -10.360 -5.875  1.00 41.99  ? 1872 PHE A CB  1 
ATOM   620 C CG  . PHE A 1 79  ? 6.213   -10.862 -7.282  1.00 38.49  ? 1872 PHE A CG  1 
ATOM   621 C CD1 . PHE A 1 79  ? 5.746   -12.143 -7.528  1.00 36.04  ? 1872 PHE A CD1 1 
ATOM   622 C CD2 . PHE A 1 79  ? 6.581   -10.069 -8.358  1.00 42.50  ? 1872 PHE A CD2 1 
ATOM   623 C CE1 . PHE A 1 79  ? 5.633   -12.615 -8.816  1.00 38.18  ? 1872 PHE A CE1 1 
ATOM   624 C CE2 . PHE A 1 79  ? 6.473   -10.541 -9.653  1.00 34.32  ? 1872 PHE A CE2 1 
ATOM   625 C CZ  . PHE A 1 79  ? 5.999   -11.814 -9.881  1.00 39.64  ? 1872 PHE A CZ  1 
ATOM   626 N N   . ASN A 1 80  ? 9.193   -8.827  -5.690  1.00 36.88  ? 1873 ASN A N   1 
ATOM   627 C CA  . ASN A 1 80  ? 10.151  -8.076  -6.485  1.00 39.38  ? 1873 ASN A CA  1 
ATOM   628 C C   . ASN A 1 80  ? 11.499  -8.009  -5.783  1.00 44.65  ? 1873 ASN A C   1 
ATOM   629 O O   . ASN A 1 80  ? 11.570  -7.792  -4.569  1.00 41.15  ? 1873 ASN A O   1 
ATOM   630 C CB  . ASN A 1 80  ? 9.644   -6.660  -6.765  1.00 40.08  ? 1873 ASN A CB  1 
ATOM   631 C CG  . ASN A 1 80  ? 8.320   -6.656  -7.495  1.00 41.84  ? 1873 ASN A CG  1 
ATOM   632 O OD1 . ASN A 1 80  ? 8.266   -6.885  -8.704  1.00 44.95  ? 1873 ASN A OD1 1 
ATOM   633 N ND2 . ASN A 1 80  ? 7.242   -6.399  -6.764  1.00 31.62  ? 1873 ASN A ND2 1 
ATOM   634 N N   . GLU A 1 81  ? 12.564  -8.206  -6.558  1.00 42.27  ? 1874 GLU A N   1 
ATOM   635 C CA  . GLU A 1 81  ? 13.911  -7.989  -6.053  1.00 44.20  ? 1874 GLU A CA  1 
ATOM   636 C C   . GLU A 1 81  ? 14.094  -6.531  -5.644  1.00 42.91  ? 1874 GLU A C   1 
ATOM   637 O O   . GLU A 1 81  ? 13.485  -5.622  -6.215  1.00 45.36  ? 1874 GLU A O   1 
ATOM   638 C CB  . GLU A 1 81  ? 14.942  -8.371  -7.114  1.00 44.35  ? 1874 GLU A CB  1 
ATOM   639 C CG  . GLU A 1 81  ? 14.642  -9.684  -7.811  1.00 52.88  ? 1874 GLU A CG  1 
ATOM   640 C CD  . GLU A 1 81  ? 15.882  -10.320 -8.397  1.00 60.30  ? 1874 GLU A CD  1 
ATOM   641 O OE1 . GLU A 1 81  ? 15.803  -10.855 -9.524  1.00 66.45  ? 1874 GLU A OE1 1 
ATOM   642 O OE2 . GLU A 1 81  ? 16.939  -10.281 -7.730  1.00 66.27  ? 1874 GLU A OE2 1 
ATOM   643 N N   . ASP A 1 82  ? 14.953  -6.316  -4.646  1.00 43.79  ? 1875 ASP A N   1 
ATOM   644 C CA  . ASP A 1 82  ? 15.127  -4.981  -4.082  1.00 33.21  ? 1875 ASP A CA  1 
ATOM   645 C C   . ASP A 1 82  ? 15.627  -3.988  -5.121  1.00 38.72  ? 1875 ASP A C   1 
ATOM   646 O O   . ASP A 1 82  ? 15.304  -2.797  -5.042  1.00 41.47  ? 1875 ASP A O   1 
ATOM   647 C CB  . ASP A 1 82  ? 16.092  -5.030  -2.897  1.00 29.46  ? 1875 ASP A CB  1 
ATOM   648 C CG  . ASP A 1 82  ? 15.529  -5.791  -1.717  1.00 34.05  ? 1875 ASP A CG  1 
ATOM   649 O OD1 . ASP A 1 82  ? 14.379  -5.513  -1.316  1.00 34.70  ? 1875 ASP A OD1 1 
ATOM   650 O OD2 . ASP A 1 82  ? 16.243  -6.667  -1.190  1.00 32.87  ? 1875 ASP A OD2 1 
ATOM   651 N N   . ASP A 1 83  ? 16.401  -4.449  -6.099  1.00 39.43  ? 1876 ASP A N   1 
ATOM   652 C CA  . ASP A 1 83  ? 16.946  -3.578  -7.129  1.00 45.20  ? 1876 ASP A CA  1 
ATOM   653 C C   . ASP A 1 83  ? 16.112  -3.578  -8.402  1.00 42.13  ? 1876 ASP A C   1 
ATOM   654 O O   . ASP A 1 83  ? 16.524  -2.976  -9.399  1.00 44.32  ? 1876 ASP A O   1 
ATOM   655 C CB  . ASP A 1 83  ? 18.397  -3.962  -7.437  1.00 41.65  ? 1876 ASP A CB  1 
ATOM   656 C CG  . ASP A 1 83  ? 18.519  -5.299  -8.121  1.00 40.01  ? 1876 ASP A CG  1 
ATOM   657 O OD1 . ASP A 1 83  ? 17.593  -6.125  -7.992  1.00 50.44  ? 1876 ASP A OD1 1 
ATOM   658 O OD2 . ASP A 1 83  ? 19.548  -5.526  -8.786  1.00 60.08  ? 1876 ASP A OD2 1 
ATOM   659 N N   . SER A 1 84  ? 14.955  -4.233  -8.396  1.00 39.54  ? 1877 SER A N   1 
ATOM   660 C CA  . SER A 1 84  ? 14.026  -4.099  -9.506  1.00 42.24  ? 1877 SER A CA  1 
ATOM   661 C C   . SER A 1 84  ? 13.337  -2.740  -9.447  1.00 42.71  ? 1877 SER A C   1 
ATOM   662 O O   . SER A 1 84  ? 13.402  -2.020  -8.450  1.00 45.55  ? 1877 SER A O   1 
ATOM   663 C CB  . SER A 1 84  ? 12.979  -5.211  -9.486  1.00 30.69  ? 1877 SER A CB  1 
ATOM   664 O OG  . SER A 1 84  ? 11.971  -4.924  -8.534  1.00 37.72  ? 1877 SER A OG  1 
ATOM   665 N N   . GLU A 1 85  ? 12.649  -2.402  -10.535 1.00 43.15  ? 1878 GLU A N   1 
ATOM   666 C CA  . GLU A 1 85  ? 12.004  -1.097  -10.643 1.00 41.53  ? 1878 GLU A CA  1 
ATOM   667 C C   . GLU A 1 85  ? 10.816  -0.985  -9.698  1.00 39.28  ? 1878 GLU A C   1 
ATOM   668 O O   . GLU A 1 85  ? 10.672  0.008   -8.971  1.00 39.75  ? 1878 GLU A O   1 
ATOM   669 C CB  . GLU A 1 85  ? 11.570  -0.873  -12.087 1.00 48.68  ? 1878 GLU A CB  1 
ATOM   670 C CG  . GLU A 1 85  ? 12.723  -0.601  -13.059 1.00 55.28  ? 1878 GLU A CG  1 
ATOM   671 C CD  . GLU A 1 85  ? 13.476  0.683   -12.752 1.00 72.95  ? 1878 GLU A CD  1 
ATOM   672 O OE1 . GLU A 1 85  ? 12.927  1.775   -13.014 1.00 70.11  ? 1878 GLU A OE1 1 
ATOM   673 O OE2 . GLU A 1 85  ? 14.612  0.593   -12.246 1.00 65.51  ? 1878 GLU A OE2 1 
ATOM   674 N N   . VAL A 1 86  ? 9.941   -1.992  -9.700  1.00 41.84  ? 1879 VAL A N   1 
ATOM   675 C CA  . VAL A 1 86  ? 8.845   -2.025  -8.733  1.00 42.21  ? 1879 VAL A CA  1 
ATOM   676 C C   . VAL A 1 86  ? 9.394   -2.102  -7.313  1.00 40.25  ? 1879 VAL A C   1 
ATOM   677 O O   . VAL A 1 86  ? 8.883   -1.449  -6.392  1.00 35.77  ? 1879 VAL A O   1 
ATOM   678 C CB  . VAL A 1 86  ? 7.892   -3.196  -9.041  1.00 36.60  ? 1879 VAL A CB  1 
ATOM   679 C CG1 . VAL A 1 86  ? 6.913   -3.423  -7.902  1.00 26.12  ? 1879 VAL A CG1 1 
ATOM   680 C CG2 . VAL A 1 86  ? 7.158   -2.939  -10.350 1.00 29.61  ? 1879 VAL A CG2 1 
ATOM   681 N N   . GLY A 1 87  ? 10.454  -2.889  -7.120  1.00 44.47  ? 1880 GLY A N   1 
ATOM   682 C CA  . GLY A 1 87  ? 11.057  -2.995  -5.801  1.00 35.36  ? 1880 GLY A CA  1 
ATOM   683 C C   . GLY A 1 87  ? 11.592  -1.669  -5.298  1.00 40.59  ? 1880 GLY A C   1 
ATOM   684 O O   . GLY A 1 87  ? 11.332  -1.269  -4.160  1.00 41.61  ? 1880 GLY A O   1 
ATOM   685 N N   . LYS A 1 88  ? 12.344  -0.962  -6.149  1.00 35.62  ? 1881 LYS A N   1 
ATOM   686 C CA  . LYS A 1 88  ? 12.885  0.337   -5.759  1.00 37.23  ? 1881 LYS A CA  1 
ATOM   687 C C   . LYS A 1 88  ? 11.770  1.317   -5.420  1.00 36.40  ? 1881 LYS A C   1 
ATOM   688 O O   . LYS A 1 88  ? 11.902  2.122   -4.490  1.00 43.14  ? 1881 LYS A O   1 
ATOM   689 C CB  . LYS A 1 88  ? 13.772  0.902   -6.873  1.00 41.70  ? 1881 LYS A CB  1 
ATOM   690 C CG  . LYS A 1 88  ? 15.092  0.165   -7.057  1.00 44.01  ? 1881 LYS A CG  1 
ATOM   691 C CD  . LYS A 1 88  ? 16.068  0.969   -7.896  1.00 47.58  ? 1881 LYS A CD  1 
ATOM   692 C CE  . LYS A 1 88  ? 15.631  1.030   -9.342  1.00 47.27  ? 1881 LYS A CE  1 
ATOM   693 N NZ  . LYS A 1 88  ? 16.488  1.956   -10.136 1.00 58.83  ? 1881 LYS A NZ  1 
ATOM   694 N N   . ALA A 1 89  ? 10.661  1.263   -6.162  1.00 38.29  ? 1882 ALA A N   1 
ATOM   695 C CA  . ALA A 1 89  ? 9.531   2.134   -5.861  1.00 31.62  ? 1882 ALA A CA  1 
ATOM   696 C C   . ALA A 1 89  ? 8.850   1.714   -4.568  1.00 35.24  ? 1882 ALA A C   1 
ATOM   697 O O   . ALA A 1 89  ? 8.404   2.567   -3.790  1.00 40.62  ? 1882 ALA A O   1 
ATOM   698 C CB  . ALA A 1 89  ? 8.538   2.131   -7.023  1.00 25.71  ? 1882 ALA A CB  1 
ATOM   699 N N   . GLY A 1 90  ? 8.766   0.407   -4.321  1.00 31.89  ? 1883 GLY A N   1 
ATOM   700 C CA  . GLY A 1 90  ? 8.162   -0.066  -3.086  1.00 34.70  ? 1883 GLY A CA  1 
ATOM   701 C C   . GLY A 1 90  ? 8.919   0.381   -1.851  1.00 40.97  ? 1883 GLY A C   1 
ATOM   702 O O   . GLY A 1 90  ? 8.318   0.645   -0.806  1.00 44.64  ? 1883 GLY A O   1 
ATOM   703 N N   . HIS A 1 91  ? 10.249  0.470   -1.948  1.00 37.18  ? 1884 HIS A N   1 
ATOM   704 C CA  . HIS A 1 91  ? 11.036  0.938   -0.811  1.00 37.31  ? 1884 HIS A CA  1 
ATOM   705 C C   . HIS A 1 91  ? 10.811  2.420   -0.561  1.00 39.84  ? 1884 HIS A C   1 
ATOM   706 O O   . HIS A 1 91  ? 10.709  2.852   0.594   1.00 37.37  ? 1884 HIS A O   1 
ATOM   707 C CB  . HIS A 1 91  ? 12.519  0.651   -1.042  1.00 37.85  ? 1884 HIS A CB  1 
ATOM   708 C CG  . HIS A 1 91  ? 12.881  -0.792  -0.897  1.00 34.43  ? 1884 HIS A CG  1 
ATOM   709 N ND1 . HIS A 1 91  ? 12.524  -1.539  0.205   1.00 33.61  ? 1884 HIS A ND1 1 
ATOM   710 C CD2 . HIS A 1 91  ? 13.561  -1.628  -1.715  1.00 34.01  ? 1884 HIS A CD2 1 
ATOM   711 C CE1 . HIS A 1 91  ? 12.971  -2.775  0.059   1.00 37.49  ? 1884 HIS A CE1 1 
ATOM   712 N NE2 . HIS A 1 91  ? 13.600  -2.856  -1.099  1.00 38.17  ? 1884 HIS A NE2 1 
ATOM   713 N N   . ILE A 1 92  ? 10.742  3.216   -1.632  1.00 40.10  ? 1885 ILE A N   1 
ATOM   714 C CA  . ILE A 1 92  ? 10.416  4.633   -1.491  1.00 35.02  ? 1885 ILE A CA  1 
ATOM   715 C C   . ILE A 1 92  ? 9.044   4.794   -0.850  1.00 38.94  ? 1885 ILE A C   1 
ATOM   716 O O   . ILE A 1 92  ? 8.843   5.650   0.020   1.00 37.28  ? 1885 ILE A O   1 
ATOM   717 C CB  . ILE A 1 92  ? 10.494  5.336   -2.859  1.00 36.72  ? 1885 ILE A CB  1 
ATOM   718 C CG1 . ILE A 1 92  ? 11.925  5.294   -3.400  1.00 35.16  ? 1885 ILE A CG1 1 
ATOM   719 C CG2 . ILE A 1 92  ? 10.000  6.770   -2.759  1.00 31.74  ? 1885 ILE A CG2 1 
ATOM   720 C CD1 . ILE A 1 92  ? 12.081  5.890   -4.782  1.00 23.06  ? 1885 ILE A CD1 1 
ATOM   721 N N   . MET A 1 93  ? 8.088   3.950   -1.246  1.00 31.84  ? 1886 MET A N   1 
ATOM   722 C CA  . MET A 1 93  ? 6.736   4.050   -0.710  1.00 34.42  ? 1886 MET A CA  1 
ATOM   723 C C   . MET A 1 93  ? 6.653   3.522   0.714   1.00 42.53  ? 1886 MET A C   1 
ATOM   724 O O   . MET A 1 93  ? 5.944   4.094   1.550   1.00 45.71  ? 1886 MET A O   1 
ATOM   725 C CB  . MET A 1 93  ? 5.756   3.300   -1.613  1.00 34.58  ? 1886 MET A CB  1 
ATOM   726 C CG  . MET A 1 93  ? 5.526   3.942   -2.973  1.00 37.59  ? 1886 MET A CG  1 
ATOM   727 S SD  . MET A 1 93  ? 5.234   5.718   -2.877  1.00 40.10  ? 1886 MET A SD  1 
ATOM   728 C CE  . MET A 1 93  ? 3.858   5.796   -1.725  1.00 21.85  ? 1886 MET A CE  1 
ATOM   729 N N   . ARG A 1 94  ? 7.357   2.426   1.008   1.00 37.60  ? 1887 ARG A N   1 
ATOM   730 C CA  . ARG A 1 94  ? 7.349   1.890   2.365   1.00 40.30  ? 1887 ARG A CA  1 
ATOM   731 C C   . ARG A 1 94  ? 8.007   2.863   3.339   1.00 37.78  ? 1887 ARG A C   1 
ATOM   732 O O   . ARG A 1 94  ? 7.533   3.037   4.468   1.00 42.14  ? 1887 ARG A O   1 
ATOM   733 C CB  . ARG A 1 94  ? 8.051   0.529   2.391   1.00 45.88  ? 1887 ARG A CB  1 
ATOM   734 C CG  . ARG A 1 94  ? 8.013   -0.193  3.730   1.00 35.24  ? 1887 ARG A CG  1 
ATOM   735 C CD  . ARG A 1 94  ? 8.913   -1.424  3.710   1.00 32.38  ? 1887 ARG A CD  1 
ATOM   736 N NE  . ARG A 1 94  ? 10.185  -1.150  3.045   1.00 39.34  ? 1887 ARG A NE  1 
ATOM   737 C CZ  . ARG A 1 94  ? 11.198  -0.495  3.605   1.00 41.23  ? 1887 ARG A CZ  1 
ATOM   738 N NH1 . ARG A 1 94  ? 11.094  -0.041  4.849   1.00 36.15  ? 1887 ARG A NH1 1 
ATOM   739 N NH2 . ARG A 1 94  ? 12.316  -0.287  2.920   1.00 35.15  ? 1887 ARG A NH2 1 
ATOM   740 N N   . ARG A 1 95  ? 9.089   3.517   2.915   1.00 39.45  ? 1888 ARG A N   1 
ATOM   741 C CA  . ARG A 1 95  ? 9.757   4.477   3.791   1.00 48.48  ? 1888 ARG A CA  1 
ATOM   742 C C   . ARG A 1 95  ? 8.933   5.747   3.952   1.00 46.42  ? 1888 ARG A C   1 
ATOM   743 O O   . ARG A 1 95  ? 8.914   6.346   5.034   1.00 50.13  ? 1888 ARG A O   1 
ATOM   744 C CB  . ARG A 1 95  ? 11.146  4.807   3.253   1.00 38.39  ? 1888 ARG A CB  1 
ATOM   745 C CG  . ARG A 1 95  ? 12.211  3.824   3.683   1.00 39.57  ? 1888 ARG A CG  1 
ATOM   746 C CD  . ARG A 1 95  ? 13.585  4.334   3.323   1.00 40.78  ? 1888 ARG A CD  1 
ATOM   747 N NE  . ARG A 1 95  ? 13.692  4.657   1.904   1.00 28.29  ? 1888 ARG A NE  1 
ATOM   748 C CZ  . ARG A 1 95  ? 14.192  3.831   0.993   1.00 33.10  ? 1888 ARG A CZ  1 
ATOM   749 N NH1 . ARG A 1 95  ? 14.624  2.632   1.353   1.00 34.89  ? 1888 ARG A NH1 1 
ATOM   750 N NH2 . ARG A 1 95  ? 14.263  4.201   -0.278  1.00 35.96  ? 1888 ARG A NH2 1 
ATOM   751 N N   . PHE A 1 96  ? 8.246   6.175   2.889   1.00 51.15  ? 1889 PHE A N   1 
ATOM   752 C CA  . PHE A 1 96  ? 7.366   7.333   3.004   1.00 45.69  ? 1889 PHE A CA  1 
ATOM   753 C C   . PHE A 1 96  ? 6.215   7.053   3.960   1.00 43.84  ? 1889 PHE A C   1 
ATOM   754 O O   . PHE A 1 96  ? 5.864   7.906   4.783   1.00 56.17  ? 1889 PHE A O   1 
ATOM   755 C CB  . PHE A 1 96  ? 6.834   7.739   1.628   1.00 44.66  ? 1889 PHE A CB  1 
ATOM   756 C CG  . PHE A 1 96  ? 5.767   8.801   1.679   1.00 50.82  ? 1889 PHE A CG  1 
ATOM   757 C CD1 . PHE A 1 96  ? 6.106   10.139  1.798   1.00 47.30  ? 1889 PHE A CD1 1 
ATOM   758 C CD2 . PHE A 1 96  ? 4.422   8.459   1.608   1.00 43.95  ? 1889 PHE A CD2 1 
ATOM   759 C CE1 . PHE A 1 96  ? 5.126   11.119  1.849   1.00 45.01  ? 1889 PHE A CE1 1 
ATOM   760 C CE2 . PHE A 1 96  ? 3.440   9.431   1.658   1.00 42.20  ? 1889 PHE A CE2 1 
ATOM   761 C CZ  . PHE A 1 96  ? 3.792   10.763  1.779   1.00 56.50  ? 1889 PHE A CZ  1 
ATOM   762 N N   . PHE A 1 97  ? 5.617   5.863   3.870   1.00 45.70  ? 1890 PHE A N   1 
ATOM   763 C CA  . PHE A 1 97  ? 4.471   5.552   4.719   1.00 44.87  ? 1890 PHE A CA  1 
ATOM   764 C C   . PHE A 1 97  ? 4.862   5.535   6.190   1.00 52.94  ? 1890 PHE A C   1 
ATOM   765 O O   . PHE A 1 97  ? 4.234   6.206   7.017   1.00 62.68  ? 1890 PHE A O   1 
ATOM   766 C CB  . PHE A 1 97  ? 3.854   4.210   4.328   1.00 43.95  ? 1890 PHE A CB  1 
ATOM   767 C CG  . PHE A 1 97  ? 2.874   3.699   5.341   1.00 42.81  ? 1890 PHE A CG  1 
ATOM   768 C CD1 . PHE A 1 97  ? 1.632   4.293   5.473   1.00 38.79  ? 1890 PHE A CD1 1 
ATOM   769 C CD2 . PHE A 1 97  ? 3.209   2.661   6.191   1.00 45.71  ? 1890 PHE A CD2 1 
ATOM   770 C CE1 . PHE A 1 97  ? 0.733   3.847   6.416   1.00 48.95  ? 1890 PHE A CE1 1 
ATOM   771 C CE2 . PHE A 1 97  ? 2.312   2.210   7.138   1.00 50.56  ? 1890 PHE A CE2 1 
ATOM   772 C CZ  . PHE A 1 97  ? 1.073   2.805   7.249   1.00 53.42  ? 1890 PHE A CZ  1 
ATOM   773 N N   . GLU A 1 98  ? 5.889   4.753   6.537   1.00 57.85  ? 1891 GLU A N   1 
ATOM   774 C CA  . GLU A 1 98  ? 6.327   4.672   7.927   1.00 53.53  ? 1891 GLU A CA  1 
ATOM   775 C C   . GLU A 1 98  ? 6.693   6.044   8.471   1.00 53.03  ? 1891 GLU A C   1 
ATOM   776 O O   . GLU A 1 98  ? 6.417   6.353   9.636   1.00 64.63  ? 1891 GLU A O   1 
ATOM   777 C CB  . GLU A 1 98  ? 7.518   3.720   8.047   1.00 52.79  ? 1891 GLU A CB  1 
ATOM   778 C CG  . GLU A 1 98  ? 7.152   2.246   8.141   1.00 52.13  ? 1891 GLU A CG  1 
ATOM   779 C CD  . GLU A 1 98  ? 8.344   1.336   7.889   1.00 74.19  ? 1891 GLU A CD  1 
ATOM   780 O OE1 . GLU A 1 98  ? 9.468   1.857   7.712   1.00 67.93  ? 1891 GLU A OE1 1 
ATOM   781 O OE2 . GLU A 1 98  ? 8.156   0.100   7.868   1.00 76.16  ? 1891 GLU A OE2 1 
ATOM   782 N N   . SER A 1 99  ? 7.306   6.887   7.638   1.00 57.85  ? 1892 SER A N   1 
ATOM   783 C CA  . SER A 1 99  ? 7.706   8.218   8.082   1.00 57.72  ? 1892 SER A CA  1 
ATOM   784 C C   . SER A 1 99  ? 6.489   9.083   8.395   1.00 66.58  ? 1892 SER A C   1 
ATOM   785 O O   . SER A 1 99  ? 6.413   9.698   9.465   1.00 66.94  ? 1892 SER A O   1 
ATOM   786 C CB  . SER A 1 99  ? 8.582   8.877   7.016   1.00 53.19  ? 1892 SER A CB  1 
ATOM   787 O OG  . SER A 1 99  ? 8.961   10.185  7.404   1.00 63.99  ? 1892 SER A OG  1 
ATOM   788 N N   . ARG A 1 100 ? 5.526   9.141   7.471   1.00 63.51  ? 1893 ARG A N   1 
ATOM   789 C CA  . ARG A 1 100 ? 4.320   9.928   7.705   1.00 63.86  ? 1893 ARG A CA  1 
ATOM   790 C C   . ARG A 1 100 ? 3.468   9.334   8.819   1.00 71.04  ? 1893 ARG A C   1 
ATOM   791 O O   . ARG A 1 100 ? 2.720   10.063  9.480   1.00 80.82  ? 1893 ARG A O   1 
ATOM   792 C CB  . ARG A 1 100 ? 3.497   10.032  6.420   1.00 61.39  ? 1893 ARG A CB  1 
ATOM   793 C CG  . ARG A 1 100 ? 3.957   11.117  5.460   1.00 65.34  ? 1893 ARG A CG  1 
ATOM   794 C CD  . ARG A 1 100 ? 3.906   12.490  6.107   1.00 67.95  ? 1893 ARG A CD  1 
ATOM   795 N NE  . ARG A 1 100 ? 2.743   13.254  5.668   1.00 61.20  ? 1893 ARG A NE  1 
ATOM   796 C CZ  . ARG A 1 100 ? 1.882   13.840  6.494   1.00 67.31  ? 1893 ARG A CZ  1 
ATOM   797 N NH1 . ARG A 1 100 ? 2.056   13.755  7.805   1.00 70.57  ? 1893 ARG A NH1 1 
ATOM   798 N NH2 . ARG A 1 100 ? 0.848   14.512  6.009   1.00 67.79  ? 1893 ARG A NH2 1 
ATOM   799 N N   . TRP A 1 101 ? 3.565   8.022   9.039   1.00 65.90  ? 1894 TRP A N   1 
ATOM   800 C CA  . TRP A 1 101 ? 2.744   7.378   10.060  1.00 64.02  ? 1894 TRP A CA  1 
ATOM   801 C C   . TRP A 1 101 ? 3.215   7.741   11.462  1.00 75.25  ? 1894 TRP A C   1 
ATOM   802 O O   . TRP A 1 101 ? 2.398   7.878   12.380  1.00 83.12  ? 1894 TRP A O   1 
ATOM   803 C CB  . TRP A 1 101 ? 2.765   5.865   9.856   1.00 61.54  ? 1894 TRP A CB  1 
ATOM   804 C CG  . TRP A 1 101 ? 1.887   5.096   10.791  1.00 68.86  ? 1894 TRP A CG  1 
ATOM   805 C CD1 . TRP A 1 101 ? 2.253   4.518   11.970  1.00 75.17  ? 1894 TRP A CD1 1 
ATOM   806 C CD2 . TRP A 1 101 ? 0.498   4.801   10.615  1.00 74.25  ? 1894 TRP A CD2 1 
ATOM   807 N NE1 . TRP A 1 101 ? 1.179   3.883   12.540  1.00 69.72  ? 1894 TRP A NE1 1 
ATOM   808 C CE2 . TRP A 1 101 ? 0.088   4.044   11.728  1.00 72.43  ? 1894 TRP A CE2 1 
ATOM   809 C CE3 . TRP A 1 101 ? -0.440  5.106   9.624   1.00 74.18  ? 1894 TRP A CE3 1 
ATOM   810 C CZ2 . TRP A 1 101 ? -1.217  3.584   11.877  1.00 77.56  ? 1894 TRP A CZ2 1 
ATOM   811 C CZ3 . TRP A 1 101 ? -1.736  4.653   9.777   1.00 72.82  ? 1894 TRP A CZ3 1 
ATOM   812 C CH2 . TRP A 1 101 ? -2.114  3.906   10.896  1.00 76.67  ? 1894 TRP A CH2 1 
ATOM   813 N N   . GLU A 1 102 ? 4.527   7.893   11.652  1.00 74.23  ? 1895 GLU A N   1 
ATOM   814 C CA  . GLU A 1 102 ? 5.054   8.325   12.941  1.00 78.38  ? 1895 GLU A CA  1 
ATOM   815 C C   . GLU A 1 102 ? 5.042   9.836   13.098  1.00 81.80  ? 1895 GLU A C   1 
ATOM   816 O O   . GLU A 1 102 ? 5.220   10.329  14.216  1.00 87.49  ? 1895 GLU A O   1 
ATOM   817 C CB  . GLU A 1 102 ? 6.472   7.790   13.147  1.00 82.02  ? 1895 GLU A CB  1 
ATOM   818 C CG  . GLU A 1 102 ? 7.544   8.521   12.358  1.00 75.78  ? 1895 GLU A CG  1 
ATOM   819 C CD  . GLU A 1 102 ? 8.944   8.044   12.705  1.00 86.86  ? 1895 GLU A CD  1 
ATOM   820 O OE1 . GLU A 1 102 ? 9.389   8.281   13.849  1.00 91.51  ? 1895 GLU A OE1 1 
ATOM   821 O OE2 . GLU A 1 102 ? 9.597   7.424   11.835  1.00 72.11  ? 1895 GLU A OE2 1 
ATOM   822 N N   . GLU A 1 103 ? 4.835   10.578  12.012  1.00 79.10  ? 1896 GLU A N   1 
ATOM   823 C CA  . GLU A 1 103 ? 4.460   11.982  12.109  1.00 76.25  ? 1896 GLU A CA  1 
ATOM   824 C C   . GLU A 1 103 ? 3.118   12.168  12.812  1.00 85.36  ? 1896 GLU A C   1 
ATOM   825 O O   . GLU A 1 103 ? 2.700   13.308  13.040  1.00 81.85  ? 1896 GLU A O   1 
ATOM   826 C CB  . GLU A 1 103 ? 4.422   12.596  10.703  1.00 77.01  ? 1896 GLU A CB  1 
ATOM   827 C CG  . GLU A 1 103 ? 4.364   14.114  10.650  1.00 76.69  ? 1896 GLU A CG  1 
ATOM   828 C CD  . GLU A 1 103 ? 5.500   14.711  9.841   1.00 87.04  ? 1896 GLU A CD  1 
ATOM   829 O OE1 . GLU A 1 103 ? 5.440   15.917  9.519   1.00 86.58  ? 1896 GLU A OE1 1 
ATOM   830 O OE2 . GLU A 1 103 ? 6.455   13.970  9.528   1.00 92.29  ? 1896 GLU A OE2 1 
ATOM   831 N N   . PHE A 1 104 ? 2.447   11.069  13.160  1.00 85.16  ? 1897 PHE A N   1 
ATOM   832 C CA  . PHE A 1 104 ? 1.136   11.086  13.797  1.00 84.70  ? 1897 PHE A CA  1 
ATOM   833 C C   . PHE A 1 104 ? 1.162   10.283  15.089  1.00 99.01  ? 1897 PHE A C   1 
ATOM   834 O O   . PHE A 1 104 ? 0.818   10.817  16.148  1.00 107.86 ? 1897 PHE A O   1 
ATOM   835 C CB  . PHE A 1 104 ? 0.102   10.568  12.773  1.00 92.61  ? 1897 PHE A CB  1 
ATOM   836 C CG  . PHE A 1 104 ? -1.303  10.367  13.306  1.00 106.03 ? 1897 PHE A CG  1 
ATOM   837 C CD1 . PHE A 1 104 ? -1.765  11.053  14.417  1.00 106.91 ? 1897 PHE A CD1 1 
ATOM   838 C CD2 . PHE A 1 104 ? -2.191  9.536   12.630  1.00 105.37 ? 1897 PHE A CD2 1 
ATOM   839 C CE1 . PHE A 1 104 ? -3.068  10.876  14.884  1.00 113.92 ? 1897 PHE A CE1 1 
ATOM   840 C CE2 . PHE A 1 104 ? -3.493  9.355   13.086  1.00 108.34 ? 1897 PHE A CE2 1 
ATOM   841 C CZ  . PHE A 1 104 ? -3.933  10.029  14.211  1.00 114.15 ? 1897 PHE A CZ  1 
ATOM   842 N N   . TYR A 1 105 ? 1.608   9.035   15.046  1.00 95.94  ? 1898 TYR A N   1 
ATOM   843 C CA  . TYR A 1 105 ? 1.839   8.240   16.255  1.00 95.51  ? 1898 TYR A CA  1 
ATOM   844 C C   . TYR A 1 105 ? 3.299   8.294   16.702  1.00 92.77  ? 1898 TYR A C   1 
ATOM   845 O O   . TYR A 1 105 ? 3.618   8.781   17.791  1.00 97.45  ? 1898 TYR A O   1 
ATOM   846 C CB  . TYR A 1 105 ? 1.424   6.789   16.020  1.00 92.69  ? 1898 TYR A CB  1 
ATOM   847 C CG  . TYR A 1 105 ? -0.021  6.661   15.581  1.00 100.76 ? 1898 TYR A CG  1 
ATOM   848 C CD1 . TYR A 1 105 ? -0.994  7.518   16.079  1.00 107.56 ? 1898 TYR A CD1 1 
ATOM   849 C CD2 . TYR A 1 105 ? -0.406  5.715   14.644  1.00 102.77 ? 1898 TYR A CD2 1 
ATOM   850 C CE1 . TYR A 1 105 ? -2.306  7.419   15.684  1.00 110.09 ? 1898 TYR A CE1 1 
ATOM   851 C CE2 . TYR A 1 105 ? -1.727  5.609   14.237  1.00 102.86 ? 1898 TYR A CE2 1 
ATOM   852 C CZ  . TYR A 1 105 ? -2.672  6.459   14.761  1.00 105.83 ? 1898 TYR A CZ  1 
ATOM   853 O OH  . TYR A 1 105 ? -3.972  6.352   14.347  1.00 100.24 ? 1898 TYR A OH  1 
HETATM 854 O O10 A D9K B 2 .   ? 1.987   -1.336  -14.282 0.27 48.06  ? 1901 D9K A O10 1 
HETATM 855 O O10 B D9K B 2 .   ? -0.485  -5.308  -13.069 0.72 39.07  ? 1901 D9K A O10 1 
HETATM 856 C C15 A D9K B 2 .   ? 4.592   -7.140  -8.413  0.27 40.67  ? 1901 D9K A C15 1 
HETATM 857 C C15 B D9K B 2 .   ? 4.484   -7.088  -8.470  0.72 40.59  ? 1901 D9K A C15 1 
HETATM 858 C C14 A D9K B 2 .   ? 4.753   -7.026  -9.783  0.27 41.49  ? 1901 D9K A C14 1 
HETATM 859 C C14 B D9K B 2 .   ? 4.741   -7.018  -9.830  0.72 42.08  ? 1901 D9K A C14 1 
HETATM 860 C C12 A D9K B 2 .   ? 2.514   -2.271  -12.086 0.27 45.76  ? 1901 D9K A C12 1 
HETATM 861 C C12 B D9K B 2 .   ? 1.577   -4.746  -11.858 0.72 48.41  ? 1901 D9K A C12 1 
HETATM 862 C C01 A D9K B 2 .   ? 2.971   -3.987  -7.406  0.27 40.48  ? 1901 D9K A C01 1 
HETATM 863 C C01 B D9K B 2 .   ? 2.888   -3.886  -7.658  0.72 40.70  ? 1901 D9K A C01 1 
HETATM 864 C C02 A D9K B 2 .   ? 3.609   -5.073  -8.263  0.27 38.60  ? 1901 D9K A C02 1 
HETATM 865 C C02 B D9K B 2 .   ? 3.550   -4.996  -8.459  0.72 38.42  ? 1901 D9K A C02 1 
HETATM 866 C C03 A D9K B 2 .   ? 3.734   -4.888  -9.631  0.27 41.08  ? 1901 D9K A C03 1 
HETATM 867 C C03 B D9K B 2 .   ? 3.762   -4.848  -9.826  0.72 41.18  ? 1901 D9K A C03 1 
HETATM 868 N N04 A D9K B 2 .   ? 3.261   -3.666  -10.252 0.27 43.95  ? 1901 D9K A N04 1 
HETATM 869 N N04 B D9K B 2 .   ? 3.374   -3.622  -10.516 0.72 44.95  ? 1901 D9K A N04 1 
HETATM 870 C C05 A D9K B 2 .   ? 2.738   -3.710  -11.608 0.27 45.92  ? 1901 D9K A C05 1 
HETATM 871 C C05 B D9K B 2 .   ? 2.148   -3.427  -11.295 0.72 48.19  ? 1901 D9K A C05 1 
HETATM 872 C C06 A D9K B 2 .   ? 1.311   -4.648  -11.614 0.27 47.56  ? 1901 D9K A C06 1 
HETATM 873 C C06 B D9K B 2 .   ? 2.495   -2.302  -12.528 0.72 45.48  ? 1901 D9K A C06 1 
HETATM 874 C C07 A D9K B 2 .   ? 0.616   -4.736  -13.170 0.27 50.35  ? 1901 D9K A C07 1 
HETATM 875 C C07 B D9K B 2 .   ? 1.066   -1.941  -13.382 0.72 53.57  ? 1901 D9K A C07 1 
HETATM 876 C C08 A D9K B 2 .   ? 0.917   -3.536  -14.083 0.27 49.93  ? 1901 D9K A C08 1 
HETATM 877 C C08 B D9K B 2 .   ? 0.325   -3.172  -13.933 0.72 50.46  ? 1901 D9K A C08 1 
HETATM 878 S S09 A D9K B 2 .   ? 1.407   -2.220  -13.267 0.27 52.31  ? 1901 D9K A S09 1 
HETATM 879 S S09 B D9K B 2 .   ? 0.774   -4.586  -13.270 0.72 51.93  ? 1901 D9K A S09 1 
HETATM 880 O O11 A D9K B 2 .   ? 0.198   -1.738  -12.593 0.27 48.44  ? 1901 D9K A O11 1 
HETATM 881 O O11 B D9K B 2 .   ? 1.683   -5.157  -14.269 0.72 43.98  ? 1901 D9K A O11 1 
HETATM 882 C C13 A D9K B 2 .   ? 4.315   -5.873  -10.415 0.27 39.82  ? 1901 D9K A C13 1 
HETATM 883 C C13 B D9K B 2 .   ? 4.382   -5.874  -10.526 0.72 39.66  ? 1901 D9K A C13 1 
HETATM 884 N N16 A D9K B 2 .   ? 4.038   -6.184  -7.696  0.27 36.13  ? 1901 D9K A N16 1 
HETATM 885 N N16 B D9K B 2 .   ? 3.907   -6.096  -7.826  0.72 35.87  ? 1901 D9K A N16 1 
HETATM 886 O O   . HOH C 3 .   ? 0.536   8.640   -7.881  1.00 41.91  ? 2001 HOH A O   1 
HETATM 887 O O   . HOH C 3 .   ? -8.081  13.010  -0.595  1.00 50.04  ? 2002 HOH A O   1 
HETATM 888 O O   . HOH C 3 .   ? -0.390  -6.764  -4.022  1.00 35.13  ? 2003 HOH A O   1 
HETATM 889 O O   . HOH C 3 .   ? 2.665   -4.685  -3.546  1.00 32.14  ? 2004 HOH A O   1 
HETATM 890 O O   . HOH C 3 .   ? -7.083  4.911   -4.873  1.00 40.01  ? 2005 HOH A O   1 
HETATM 891 O O   . HOH C 3 .   ? -0.210  -3.069  -7.308  1.00 34.00  ? 2006 HOH A O   1 
HETATM 892 O O   . HOH C 3 .   ? -2.757  -6.339  -6.192  1.00 35.05  ? 2007 HOH A O   1 
HETATM 893 O O   . HOH C 3 .   ? 3.635   -6.758  -5.145  1.00 37.91  ? 2008 HOH A O   1 
HETATM 894 O O   . HOH C 3 .   ? 8.720   -1.850  0.116   1.00 40.18  ? 2009 HOH A O   1 
HETATM 895 O O   . HOH C 3 .   ? 10.424  -3.043  -2.310  1.00 34.66  ? 2010 HOH A O   1 
HETATM 896 O O   . HOH C 3 .   ? 0.161   -3.878  -4.862  1.00 36.40  ? 2011 HOH A O   1 
HETATM 897 O O   . HOH C 3 .   ? -4.161  -8.846  -7.552  1.00 40.63  ? 2012 HOH A O   1 
HETATM 898 O O   . HOH C 3 .   ? 11.748  -5.457  -3.035  1.00 46.42  ? 2013 HOH A O   1 
HETATM 899 O O   . HOH C 3 .   ? 18.744  -7.926  -1.815  1.00 42.40  ? 2014 HOH A O   1 
HETATM 900 O O   . HOH C 3 .   ? -0.884  0.095   -10.349 1.00 42.19  ? 2015 HOH A O   1 
HETATM 901 O O   . HOH C 3 .   ? 7.648   -2.761  7.158   1.00 56.87  ? 2016 HOH A O   1 
HETATM 902 O O   . HOH C 3 .   ? 12.602  1.308   7.073   1.00 41.77  ? 2017 HOH A O   1 
HETATM 903 O O   . HOH C 3 .   ? 9.125   9.927   0.071   1.00 57.25  ? 2018 HOH A O   1 
HETATM 904 O O   . HOH C 3 .   ? -11.554 8.596   6.258   1.00 53.68  ? 2019 HOH A O   1 
HETATM 905 O O   . HOH C 3 .   ? -3.827  -16.159 -15.560 1.00 51.22  ? 2020 HOH A O   1 
HETATM 906 O O   . HOH C 3 .   ? -13.790 14.606  8.444   1.00 59.52  ? 2021 HOH A O   1 
# 
